data_6BAZ
#
_entry.id   6BAZ
#
_cell.length_a   74.700
_cell.length_b   80.083
_cell.length_c   103.673
_cell.angle_alpha   90.00
_cell.angle_beta   97.37
_cell.angle_gamma   90.00
#
_symmetry.space_group_name_H-M   'P 1 21 1'
#
loop_
_entity.id
_entity.type
_entity.pdbx_description
1 polymer 'L-lactate dehydrogenase A chain'
2 non-polymer '4-(2-HYDROXYETHYL)-1-PIPERAZINE ETHANESULFONIC ACID'
3 non-polymer NICOTINAMIDE-ADENINE-DINUCLEOTIDE
4 non-polymer 'LACTIC ACID'
5 non-polymer 'SULFATE ION'
6 non-polymer (3S,6S)-3-[(2-chlorophenyl)sulfanyl]-6-{6-[(4-fluorophenyl)amino]pyridin-2-yl}-6-(thiophen-3-yl)piperidine-2,4-dione
7 water water
#
_entity_poly.entity_id   1
_entity_poly.type   'polypeptide(L)'
_entity_poly.pdbx_seq_one_letter_code
;ATLKDQLIYNLLKEEQTPQNKITVVGVGAVGMACAISILMKDLADELALVDVIEDKLKGEMMDLQHGSLFLRTPKIVSGK
DYNVTANSKLVIITAGARQQEGESRLNLVQRNVNIFKFIIPNVVKYSPNCKLLIVSNPVDILTYVAWKISGFPKNRVIGS
GCNLDSARFRYLMGERLGVHPLSCHGWVLGEHGDSSVPVWSGMNVAGVSLKTLHPDLGTDKDKEQWKEVHKQVVESAYEV
IKLKGYTSWAIGLSVADLAESIMKNLRRVHPVSTMIKGLYGIKDDVFLSVPCILGQNGISDLVKVTLTSEEEARLKKSAD
TLWGIQKELQF
;
_entity_poly.pdbx_strand_id   A,B,C,D
#
loop_
_chem_comp.id
_chem_comp.type
_chem_comp.name
_chem_comp.formula
D47 non-polymer (3S,6S)-3-[(2-chlorophenyl)sulfanyl]-6-{6-[(4-fluorophenyl)amino]pyridin-2-yl}-6-(thiophen-3-yl)piperidine-2,4-dione 'C26 H19 Cl F N3 O2 S2'
EPE non-polymer '4-(2-HYDROXYETHYL)-1-PIPERAZINE ETHANESULFONIC ACID' 'C8 H18 N2 O4 S'
LAC non-polymer 'LACTIC ACID' 'C3 H6 O3'
NAD non-polymer NICOTINAMIDE-ADENINE-DINUCLEOTIDE 'C21 H27 N7 O14 P2'
SO4 non-polymer 'SULFATE ION' 'O4 S -2'
#
# COMPACT_ATOMS: atom_id res chain seq x y z
N ALA A 1 13.90 -21.16 -34.41
CA ALA A 1 13.32 -20.09 -33.59
C ALA A 1 13.81 -20.15 -32.15
N THR A 2 14.01 -18.98 -31.53
CA THR A 2 14.44 -18.87 -30.13
C THR A 2 13.29 -19.23 -29.20
N LEU A 3 13.60 -19.67 -27.97
CA LEU A 3 12.62 -20.00 -26.94
C LEU A 3 11.64 -18.84 -26.72
N LYS A 4 12.15 -17.58 -26.63
CA LYS A 4 11.35 -16.37 -26.49
C LYS A 4 10.29 -16.28 -27.58
N ASP A 5 10.69 -16.47 -28.86
CA ASP A 5 9.79 -16.45 -30.02
C ASP A 5 8.76 -17.59 -29.97
N GLN A 6 9.18 -18.79 -29.54
CA GLN A 6 8.32 -19.97 -29.45
C GLN A 6 7.25 -19.81 -28.36
N LEU A 7 7.62 -19.17 -27.23
CA LEU A 7 6.73 -18.95 -26.10
C LEU A 7 5.85 -17.70 -26.27
N ILE A 8 6.44 -16.61 -26.76
CA ILE A 8 5.79 -15.32 -26.89
C ILE A 8 5.63 -14.87 -28.35
N TYR A 9 4.40 -14.45 -28.70
CA TYR A 9 4.06 -13.86 -29.99
C TYR A 9 3.93 -12.35 -29.78
N ASN A 10 4.74 -11.56 -30.49
CA ASN A 10 4.75 -10.10 -30.41
C ASN A 10 3.66 -9.47 -31.27
N LEU A 11 3.01 -8.42 -30.74
CA LEU A 11 1.95 -7.65 -31.39
C LEU A 11 2.46 -6.29 -31.86
N LEU A 12 3.35 -5.69 -31.05
CA LEU A 12 4.04 -4.42 -31.29
C LEU A 12 5.29 -4.40 -30.43
N LYS A 13 6.43 -4.03 -31.04
CA LYS A 13 7.73 -4.04 -30.36
C LYS A 13 8.05 -2.72 -29.64
N GLU A 14 6.99 -1.95 -29.24
CA GLU A 14 7.08 -0.69 -28.50
C GLU A 14 7.84 0.41 -29.33
N GLU A 15 8.53 1.44 -28.77
CA GLU A 15 8.74 1.81 -27.35
C GLU A 15 8.26 3.22 -27.05
N GLN A 16 7.54 3.37 -25.94
CA GLN A 16 7.02 4.66 -25.46
C GLN A 16 7.99 5.32 -24.49
N THR A 17 7.97 6.67 -24.44
CA THR A 17 8.82 7.42 -23.52
C THR A 17 8.32 7.17 -22.08
N PRO A 18 9.21 7.10 -21.06
CA PRO A 18 8.74 6.83 -19.69
C PRO A 18 7.68 7.83 -19.23
N GLN A 19 6.58 7.32 -18.68
CA GLN A 19 5.44 8.12 -18.25
C GLN A 19 5.60 8.74 -16.88
N ASN A 20 6.21 8.01 -15.93
CA ASN A 20 6.44 8.46 -14.56
C ASN A 20 7.86 8.11 -14.17
N LYS A 21 8.83 8.83 -14.74
CA LYS A 21 10.24 8.58 -14.51
C LYS A 21 10.83 9.49 -13.45
N ILE A 22 11.61 8.88 -12.56
CA ILE A 22 12.32 9.58 -11.50
C ILE A 22 13.82 9.33 -11.70
N THR A 23 14.62 10.39 -11.50
CA THR A 23 16.06 10.31 -11.55
C THR A 23 16.61 10.73 -10.21
N VAL A 24 17.61 9.99 -9.74
CA VAL A 24 18.30 10.26 -8.49
C VAL A 24 19.79 10.45 -8.85
N VAL A 25 20.32 11.64 -8.59
CA VAL A 25 21.70 11.99 -8.86
C VAL A 25 22.47 11.90 -7.56
N GLY A 26 23.46 11.02 -7.53
CA GLY A 26 24.31 10.76 -6.37
C GLY A 26 23.83 9.52 -5.65
N VAL A 27 24.50 8.38 -5.86
CA VAL A 27 24.12 7.12 -5.22
C VAL A 27 24.85 6.90 -3.87
N GLY A 28 24.94 7.98 -3.09
CA GLY A 28 25.46 7.94 -1.73
C GLY A 28 24.41 7.40 -0.79
N ALA A 29 24.63 7.53 0.52
CA ALA A 29 23.69 7.03 1.53
C ALA A 29 22.31 7.71 1.44
N VAL A 30 22.30 9.03 1.15
CA VAL A 30 21.08 9.82 1.03
C VAL A 30 20.29 9.41 -0.23
N GLY A 31 20.97 9.41 -1.39
CA GLY A 31 20.38 9.06 -2.67
C GLY A 31 19.85 7.64 -2.76
N MET A 32 20.52 6.69 -2.09
CA MET A 32 20.08 5.29 -2.11
C MET A 32 18.89 5.07 -1.16
N ALA A 33 18.76 5.92 -0.12
CA ALA A 33 17.64 5.90 0.81
C ALA A 33 16.42 6.53 0.10
N CYS A 34 16.68 7.52 -0.77
CA CYS A 34 15.64 8.17 -1.58
C CYS A 34 15.16 7.18 -2.62
N ALA A 35 16.07 6.34 -3.15
CA ALA A 35 15.80 5.33 -4.16
C ALA A 35 14.90 4.21 -3.63
N ILE A 36 15.30 3.57 -2.51
CA ILE A 36 14.52 2.48 -1.91
C ILE A 36 13.11 2.96 -1.48
N SER A 37 13.02 4.16 -0.88
CA SER A 37 11.72 4.70 -0.45
C SER A 37 10.78 4.98 -1.64
N ILE A 38 11.31 5.56 -2.73
CA ILE A 38 10.54 5.85 -3.94
C ILE A 38 10.00 4.52 -4.56
N LEU A 39 10.86 3.48 -4.55
CA LEU A 39 10.55 2.16 -5.08
C LEU A 39 9.47 1.44 -4.30
N MET A 40 9.55 1.51 -2.96
CA MET A 40 8.56 0.85 -2.10
CA MET A 40 8.60 0.89 -2.04
C MET A 40 7.29 1.67 -1.89
N LYS A 41 7.17 2.82 -2.57
CA LYS A 41 5.98 3.68 -2.54
C LYS A 41 5.26 3.69 -3.89
N ASP A 42 5.78 2.92 -4.89
CA ASP A 42 5.26 2.76 -6.25
C ASP A 42 5.02 4.11 -6.96
N LEU A 43 6.00 5.02 -6.84
CA LEU A 43 5.90 6.37 -7.42
C LEU A 43 6.35 6.47 -8.88
N ALA A 44 7.30 5.62 -9.30
CA ALA A 44 7.85 5.65 -10.65
C ALA A 44 7.66 4.35 -11.41
N ASP A 45 7.68 4.44 -12.77
CA ASP A 45 7.63 3.26 -13.65
C ASP A 45 9.03 3.00 -14.19
N GLU A 46 9.91 3.98 -13.98
CA GLU A 46 11.31 3.97 -14.35
C GLU A 46 12.12 4.78 -13.36
N LEU A 47 13.21 4.19 -12.86
CA LEU A 47 14.13 4.85 -11.94
C LEU A 47 15.52 4.88 -12.57
N ALA A 48 16.09 6.09 -12.68
CA ALA A 48 17.43 6.29 -13.24
C ALA A 48 18.35 6.78 -12.14
N LEU A 49 19.55 6.17 -12.04
CA LEU A 49 20.57 6.53 -11.05
C LEU A 49 21.81 7.05 -11.78
N VAL A 50 22.37 8.18 -11.32
CA VAL A 50 23.56 8.80 -11.91
C VAL A 50 24.58 9.15 -10.82
N ASP A 51 25.87 8.87 -11.07
CA ASP A 51 26.99 9.13 -10.16
C ASP A 51 28.31 9.16 -10.96
N VAL A 52 29.38 9.70 -10.36
CA VAL A 52 30.70 9.76 -10.99
C VAL A 52 31.50 8.48 -10.73
N ILE A 53 31.31 7.83 -9.56
CA ILE A 53 31.97 6.57 -9.19
C ILE A 53 31.19 5.42 -9.87
N GLU A 54 31.68 4.96 -11.05
CA GLU A 54 31.06 3.91 -11.88
C GLU A 54 30.84 2.56 -11.17
N ASP A 55 31.84 2.11 -10.36
CA ASP A 55 31.77 0.85 -9.62
CA ASP A 55 31.76 0.84 -9.61
C ASP A 55 30.58 0.83 -8.64
N LYS A 56 30.49 1.86 -7.76
CA LYS A 56 29.41 2.02 -6.79
C LYS A 56 28.06 2.09 -7.50
N LEU A 57 27.98 2.86 -8.62
CA LEU A 57 26.79 3.07 -9.44
C LEU A 57 26.21 1.76 -10.02
N LYS A 58 27.05 0.90 -10.62
CA LYS A 58 26.60 -0.37 -11.20
C LYS A 58 26.18 -1.38 -10.12
N GLY A 59 26.88 -1.36 -8.99
CA GLY A 59 26.62 -2.23 -7.84
C GLY A 59 25.29 -1.92 -7.21
N GLU A 60 24.96 -0.62 -7.09
CA GLU A 60 23.70 -0.14 -6.52
C GLU A 60 22.53 -0.42 -7.47
N MET A 61 22.75 -0.25 -8.79
CA MET A 61 21.74 -0.51 -9.81
C MET A 61 21.36 -2.00 -9.78
N MET A 62 22.37 -2.90 -9.73
CA MET A 62 22.20 -4.35 -9.70
C MET A 62 21.46 -4.84 -8.46
N ASP A 63 21.83 -4.30 -7.27
CA ASP A 63 21.20 -4.64 -5.98
C ASP A 63 19.71 -4.34 -6.01
N LEU A 64 19.31 -3.15 -6.51
CA LEU A 64 17.89 -2.79 -6.63
C LEU A 64 17.19 -3.69 -7.64
N GLN A 65 17.86 -3.94 -8.78
CA GLN A 65 17.34 -4.80 -9.85
C GLN A 65 17.08 -6.22 -9.39
N HIS A 66 17.91 -6.75 -8.48
CA HIS A 66 17.74 -8.12 -7.95
C HIS A 66 16.47 -8.30 -7.10
N GLY A 67 15.93 -7.20 -6.59
CA GLY A 67 14.70 -7.19 -5.79
C GLY A 67 13.47 -6.75 -6.55
N SER A 68 13.56 -6.66 -7.90
CA SER A 68 12.48 -6.26 -8.83
C SER A 68 11.19 -7.05 -8.64
N LEU A 69 11.30 -8.33 -8.25
CA LEU A 69 10.19 -9.24 -7.96
C LEU A 69 9.33 -8.70 -6.81
N PHE A 70 9.96 -8.03 -5.83
CA PHE A 70 9.28 -7.47 -4.66
C PHE A 70 8.90 -5.99 -4.86
N LEU A 71 9.12 -5.45 -6.08
CA LEU A 71 8.82 -4.06 -6.42
C LEU A 71 7.76 -3.96 -7.53
N ARG A 72 7.29 -2.72 -7.82
CA ARG A 72 6.32 -2.45 -8.89
C ARG A 72 6.86 -1.41 -9.89
N THR A 73 8.21 -1.28 -9.99
CA THR A 73 8.92 -0.39 -10.92
C THR A 73 9.64 -1.29 -11.92
N PRO A 74 9.05 -1.46 -13.13
CA PRO A 74 9.59 -2.43 -14.10
C PRO A 74 10.92 -2.09 -14.77
N LYS A 75 11.46 -0.87 -14.61
CA LYS A 75 12.73 -0.51 -15.27
C LYS A 75 13.62 0.34 -14.37
N ILE A 76 14.81 -0.19 -14.04
CA ILE A 76 15.82 0.50 -13.24
C ILE A 76 17.08 0.65 -14.09
N VAL A 77 17.52 1.88 -14.31
CA VAL A 77 18.71 2.17 -15.15
C VAL A 77 19.75 3.02 -14.41
N SER A 78 20.99 3.00 -14.92
CA SER A 78 22.09 3.79 -14.36
C SER A 78 23.13 4.12 -15.43
N GLY A 79 23.90 5.18 -15.17
CA GLY A 79 24.94 5.62 -16.08
C GLY A 79 25.62 6.92 -15.70
N LYS A 80 26.85 7.11 -16.21
CA LYS A 80 27.63 8.33 -16.04
C LYS A 80 27.01 9.37 -16.97
N ASP A 81 26.61 8.93 -18.19
CA ASP A 81 25.95 9.78 -19.18
C ASP A 81 24.51 10.04 -18.74
N TYR A 82 24.05 11.29 -18.92
CA TYR A 82 22.71 11.72 -18.52
C TYR A 82 21.61 11.34 -19.53
N ASN A 83 21.94 10.54 -20.56
CA ASN A 83 20.98 10.03 -21.55
C ASN A 83 19.98 9.09 -20.85
N VAL A 84 20.46 8.36 -19.81
CA VAL A 84 19.67 7.43 -18.98
C VAL A 84 18.58 8.15 -18.17
N THR A 85 18.69 9.48 -18.02
CA THR A 85 17.78 10.34 -17.25
C THR A 85 16.70 11.00 -18.10
N ALA A 86 16.73 10.81 -19.44
CA ALA A 86 15.80 11.46 -20.36
C ALA A 86 14.33 11.24 -20.04
N ASN A 87 13.51 12.29 -20.25
CA ASN A 87 12.05 12.31 -20.08
C ASN A 87 11.59 12.03 -18.63
N SER A 88 12.38 12.47 -17.63
CA SER A 88 12.05 12.32 -16.22
C SER A 88 11.04 13.38 -15.80
N LYS A 89 10.12 13.03 -14.89
CA LYS A 89 9.14 13.98 -14.37
C LYS A 89 9.77 14.72 -13.21
N LEU A 90 10.57 14.01 -12.41
CA LEU A 90 11.24 14.56 -11.24
C LEU A 90 12.69 14.11 -11.20
N VAL A 91 13.61 15.08 -11.00
CA VAL A 91 15.04 14.81 -10.88
C VAL A 91 15.47 15.25 -9.49
N ILE A 92 16.03 14.32 -8.72
CA ILE A 92 16.47 14.53 -7.34
C ILE A 92 17.99 14.59 -7.26
N ILE A 93 18.52 15.69 -6.69
CA ILE A 93 19.96 15.89 -6.55
C ILE A 93 20.39 15.67 -5.12
N THR A 94 21.21 14.62 -4.93
CA THR A 94 21.80 14.22 -3.64
C THR A 94 23.33 14.15 -3.80
N ALA A 95 23.88 14.74 -4.87
CA ALA A 95 25.32 14.72 -5.15
C ALA A 95 26.10 15.68 -4.26
N GLY A 96 27.21 15.16 -3.73
CA GLY A 96 28.13 15.86 -2.84
C GLY A 96 28.96 14.87 -2.06
N ALA A 97 29.06 15.07 -0.73
CA ALA A 97 29.79 14.21 0.23
C ALA A 97 29.64 14.79 1.65
N ARG A 98 28.77 14.15 2.48
CA ARG A 98 28.45 14.48 3.88
C ARG A 98 28.75 15.95 4.26
N GLN A 99 30.01 16.24 4.73
CA GLN A 99 30.55 17.55 5.10
C GLN A 99 32.00 17.41 5.59
N LEU A 106 31.10 28.70 2.51
CA LEU A 106 31.86 29.15 1.34
C LEU A 106 32.74 28.04 0.75
N ASN A 107 33.40 27.26 1.63
CA ASN A 107 34.28 26.15 1.26
C ASN A 107 33.45 25.03 0.60
N LEU A 108 32.47 24.48 1.34
CA LEU A 108 31.59 23.40 0.84
C LEU A 108 30.62 23.89 -0.22
N VAL A 109 30.25 25.19 -0.17
CA VAL A 109 29.33 25.82 -1.12
C VAL A 109 29.91 25.81 -2.53
N GLN A 110 31.07 26.49 -2.74
CA GLN A 110 31.76 26.57 -4.03
C GLN A 110 32.16 25.18 -4.56
N ARG A 111 32.51 24.24 -3.64
CA ARG A 111 32.86 22.84 -3.92
C ARG A 111 31.66 22.17 -4.59
N ASN A 112 30.46 22.32 -3.99
CA ASN A 112 29.23 21.75 -4.52
C ASN A 112 28.67 22.54 -5.70
N VAL A 113 28.99 23.86 -5.80
CA VAL A 113 28.59 24.72 -6.92
C VAL A 113 29.28 24.22 -8.18
N ASN A 114 30.58 23.86 -8.07
CA ASN A 114 31.38 23.33 -9.16
C ASN A 114 30.84 22.00 -9.67
N ILE A 115 30.35 21.15 -8.74
CA ILE A 115 29.72 19.86 -9.03
C ILE A 115 28.41 20.12 -9.81
N PHE A 116 27.53 21.01 -9.28
CA PHE A 116 26.26 21.43 -9.87
C PHE A 116 26.41 22.06 -11.25
N LYS A 117 27.52 22.82 -11.46
CA LYS A 117 27.88 23.49 -12.71
C LYS A 117 27.91 22.51 -13.90
N PHE A 118 28.15 21.22 -13.62
CA PHE A 118 28.16 20.15 -14.60
C PHE A 118 26.81 19.42 -14.65
N ILE A 119 26.25 19.03 -13.47
CA ILE A 119 25.00 18.28 -13.32
C ILE A 119 23.79 18.97 -13.97
N ILE A 120 23.41 20.14 -13.43
CA ILE A 120 22.24 20.91 -13.86
C ILE A 120 22.16 21.04 -15.40
N PRO A 121 23.20 21.53 -16.15
CA PRO A 121 23.06 21.60 -17.61
C PRO A 121 22.71 20.26 -18.26
N ASN A 122 23.36 19.18 -17.77
CA ASN A 122 23.13 17.81 -18.24
C ASN A 122 21.70 17.33 -17.92
N VAL A 123 21.14 17.75 -16.78
CA VAL A 123 19.77 17.40 -16.38
C VAL A 123 18.75 18.10 -17.31
N VAL A 124 18.98 19.39 -17.60
CA VAL A 124 18.13 20.24 -18.44
C VAL A 124 18.10 19.74 -19.90
N LYS A 125 19.25 19.23 -20.40
CA LYS A 125 19.42 18.72 -21.77
C LYS A 125 18.53 17.52 -22.12
N TYR A 126 18.31 16.60 -21.16
CA TYR A 126 17.53 15.38 -21.40
C TYR A 126 16.12 15.42 -20.80
N SER A 127 15.90 16.30 -19.81
CA SER A 127 14.60 16.49 -19.16
C SER A 127 14.31 18.00 -18.98
N PRO A 128 14.11 18.77 -20.08
CA PRO A 128 13.86 20.22 -19.93
C PRO A 128 12.54 20.60 -19.26
N ASN A 129 11.59 19.67 -19.17
CA ASN A 129 10.27 19.92 -18.58
C ASN A 129 10.12 19.33 -17.15
N CYS A 130 11.21 18.77 -16.60
CA CYS A 130 11.25 18.13 -15.28
C CYS A 130 11.14 19.10 -14.12
N LYS A 131 10.82 18.54 -12.94
CA LYS A 131 10.78 19.21 -11.66
C LYS A 131 12.09 18.84 -10.96
N LEU A 132 12.82 19.85 -10.47
CA LEU A 132 14.09 19.62 -9.78
C LEU A 132 13.92 19.67 -8.29
N LEU A 133 14.39 18.62 -7.62
CA LEU A 133 14.35 18.53 -6.16
C LEU A 133 15.79 18.45 -5.65
N ILE A 134 16.22 19.49 -4.93
CA ILE A 134 17.58 19.60 -4.38
C ILE A 134 17.61 19.11 -2.94
N VAL A 135 18.56 18.23 -2.62
CA VAL A 135 18.74 17.67 -1.26
C VAL A 135 20.13 18.05 -0.74
N SER A 136 21.12 18.08 -1.65
CA SER A 136 22.52 18.43 -1.40
C SER A 136 22.65 19.71 -0.54
N ASN A 137 23.52 19.67 0.48
CA ASN A 137 23.72 20.80 1.40
C ASN A 137 24.80 21.79 0.94
N PRO A 138 24.62 23.12 1.20
CA PRO A 138 23.47 23.78 1.84
C PRO A 138 22.29 23.87 0.88
N VAL A 139 21.23 23.10 1.18
CA VAL A 139 20.03 22.95 0.35
C VAL A 139 19.46 24.32 -0.08
N ASP A 140 19.27 25.27 0.86
CA ASP A 140 18.74 26.60 0.57
C ASP A 140 19.58 27.40 -0.44
N ILE A 141 20.93 27.22 -0.39
CA ILE A 141 21.85 27.89 -1.32
C ILE A 141 21.91 27.15 -2.66
N LEU A 142 22.08 25.81 -2.61
CA LEU A 142 22.16 24.97 -3.81
C LEU A 142 20.83 24.88 -4.60
N THR A 143 19.68 25.23 -3.98
CA THR A 143 18.39 25.27 -4.70
C THR A 143 18.44 26.53 -5.57
N TYR A 144 19.04 27.63 -5.05
CA TYR A 144 19.23 28.89 -5.77
C TYR A 144 20.18 28.70 -6.95
N VAL A 145 21.30 27.99 -6.70
CA VAL A 145 22.35 27.66 -7.67
C VAL A 145 21.71 26.94 -8.86
N ALA A 146 21.00 25.84 -8.58
CA ALA A 146 20.30 25.00 -9.56
C ALA A 146 19.30 25.80 -10.38
N TRP A 147 18.53 26.68 -9.72
CA TRP A 147 17.53 27.53 -10.33
C TRP A 147 18.13 28.49 -11.35
N LYS A 148 19.24 29.16 -10.98
CA LYS A 148 19.93 30.11 -11.84
C LYS A 148 20.57 29.44 -13.05
N ILE A 149 21.23 28.27 -12.83
CA ILE A 149 21.89 27.48 -13.88
C ILE A 149 20.85 26.90 -14.86
N SER A 150 19.76 26.29 -14.32
CA SER A 150 18.69 25.67 -15.12
C SER A 150 17.91 26.64 -15.98
N GLY A 151 17.62 27.82 -15.45
CA GLY A 151 16.79 28.81 -16.12
C GLY A 151 15.32 28.44 -16.06
N PHE A 152 14.99 27.44 -15.23
CA PHE A 152 13.63 26.94 -15.04
C PHE A 152 12.85 27.98 -14.21
N PRO A 153 11.51 28.12 -14.38
CA PRO A 153 10.78 29.03 -13.48
C PRO A 153 10.78 28.46 -12.06
N LYS A 154 10.74 29.33 -11.03
CA LYS A 154 10.83 28.97 -9.59
C LYS A 154 9.92 27.78 -9.14
N ASN A 155 8.80 27.53 -9.85
CA ASN A 155 7.88 26.43 -9.51
C ASN A 155 8.46 25.04 -9.76
N ARG A 156 9.35 24.90 -10.76
CA ARG A 156 10.00 23.64 -11.09
C ARG A 156 11.35 23.45 -10.34
N VAL A 157 11.72 24.40 -9.44
CA VAL A 157 12.96 24.30 -8.64
C VAL A 157 12.60 24.28 -7.16
N ILE A 158 12.60 23.07 -6.58
CA ILE A 158 12.23 22.78 -5.19
C ILE A 158 13.44 22.24 -4.40
N GLY A 159 13.53 22.64 -3.14
CA GLY A 159 14.55 22.14 -2.22
C GLY A 159 13.86 21.40 -1.09
N SER A 160 14.48 20.30 -0.59
CA SER A 160 13.94 19.49 0.51
C SER A 160 13.68 20.33 1.77
N GLY A 161 14.56 21.32 1.99
CA GLY A 161 14.50 22.29 3.07
C GLY A 161 14.14 21.76 4.46
N CYS A 162 13.06 22.32 5.03
CA CYS A 162 12.59 22.02 6.38
C CYS A 162 11.52 20.92 6.47
N ASN A 163 11.33 20.13 5.41
CA ASN A 163 10.37 19.02 5.41
C ASN A 163 10.82 17.98 6.46
N LEU A 164 12.13 17.69 6.52
CA LEU A 164 12.76 16.77 7.48
C LEU A 164 12.80 17.41 8.89
N ASP A 165 13.08 18.72 8.95
CA ASP A 165 13.14 19.51 10.19
C ASP A 165 11.76 19.51 10.86
N SER A 166 10.69 19.56 10.04
CA SER A 166 9.32 19.51 10.54
C SER A 166 8.95 18.10 10.98
N ALA A 167 9.41 17.08 10.21
CA ALA A 167 9.19 15.65 10.49
C ALA A 167 9.87 15.24 11.80
N ARG A 168 11.06 15.80 12.08
CA ARG A 168 11.82 15.58 13.30
C ARG A 168 11.09 16.23 14.48
N PHE A 169 10.60 17.47 14.28
CA PHE A 169 9.84 18.25 15.26
C PHE A 169 8.59 17.50 15.66
N ARG A 170 7.83 17.02 14.66
CA ARG A 170 6.59 16.25 14.82
C ARG A 170 6.85 14.92 15.54
N TYR A 171 8.00 14.27 15.28
CA TYR A 171 8.36 13.03 15.99
C TYR A 171 8.61 13.30 17.48
N LEU A 172 9.44 14.33 17.78
CA LEU A 172 9.78 14.73 19.15
C LEU A 172 8.53 15.21 19.90
N MET A 173 7.69 16.05 19.24
CA MET A 173 6.40 16.55 19.76
C MET A 173 5.53 15.35 20.18
N GLY A 174 5.36 14.39 19.27
CA GLY A 174 4.61 13.16 19.46
C GLY A 174 5.14 12.26 20.56
N GLU A 175 6.48 12.21 20.73
CA GLU A 175 7.13 11.42 21.79
C GLU A 175 6.81 12.01 23.15
N ARG A 176 6.78 13.35 23.26
CA ARG A 176 6.46 14.06 24.50
C ARG A 176 5.01 13.83 24.91
N LEU A 177 4.08 13.99 23.96
CA LEU A 177 2.64 13.88 24.21
C LEU A 177 2.04 12.48 24.13
N GLY A 178 2.82 11.50 23.68
CA GLY A 178 2.36 10.12 23.51
C GLY A 178 1.29 9.98 22.45
N VAL A 179 1.41 10.77 21.37
CA VAL A 179 0.50 10.84 20.24
C VAL A 179 1.32 10.57 18.97
N HIS A 180 0.67 10.11 17.87
CA HIS A 180 1.35 9.84 16.61
C HIS A 180 1.76 11.16 15.93
N PRO A 181 2.99 11.23 15.33
CA PRO A 181 3.40 12.47 14.63
C PRO A 181 2.41 12.98 13.58
N LEU A 182 1.53 12.10 13.04
CA LEU A 182 0.51 12.50 12.06
C LEU A 182 -0.52 13.42 12.66
N SER A 183 -0.82 13.22 13.95
CA SER A 183 -1.79 14.01 14.70
C SER A 183 -1.14 15.18 15.45
N CYS A 184 0.19 15.24 15.47
CA CYS A 184 0.96 16.32 16.08
C CYS A 184 1.39 17.26 14.96
N HIS A 185 0.84 18.46 14.93
CA HIS A 185 1.14 19.42 13.89
C HIS A 185 2.06 20.53 14.37
N GLY A 186 3.14 20.75 13.61
CA GLY A 186 4.15 21.75 13.92
C GLY A 186 4.94 22.15 12.69
N TRP A 187 5.20 23.46 12.53
CA TRP A 187 5.91 23.92 11.34
C TRP A 187 7.26 24.56 11.64
N VAL A 188 8.31 23.94 11.13
CA VAL A 188 9.67 24.46 11.22
C VAL A 188 9.94 25.07 9.83
N LEU A 189 10.18 26.39 9.80
CA LEU A 189 10.39 27.11 8.54
C LEU A 189 11.74 27.82 8.44
N GLY A 190 12.04 28.30 7.24
CA GLY A 190 13.25 29.04 6.93
C GLY A 190 14.45 28.24 6.50
N GLU A 191 15.60 28.57 7.07
CA GLU A 191 16.89 27.96 6.76
C GLU A 191 16.96 26.56 7.36
N HIS A 192 17.22 25.53 6.53
CA HIS A 192 17.34 24.15 7.00
C HIS A 192 18.65 23.99 7.77
N GLY A 193 18.56 23.42 8.97
CA GLY A 193 19.73 23.18 9.80
C GLY A 193 19.73 23.95 11.11
N ASP A 194 20.84 24.68 11.37
CA ASP A 194 21.06 25.46 12.59
C ASP A 194 20.15 26.67 12.73
N SER A 195 19.92 27.39 11.63
CA SER A 195 19.13 28.62 11.62
C SER A 195 17.61 28.41 11.39
N SER A 196 17.12 27.16 11.57
CA SER A 196 15.69 26.83 11.41
C SER A 196 14.81 27.58 12.41
N VAL A 197 13.61 28.00 11.95
CA VAL A 197 12.68 28.78 12.78
C VAL A 197 11.43 27.96 13.16
N PRO A 198 11.25 27.62 14.46
CA PRO A 198 10.02 26.91 14.86
C PRO A 198 8.84 27.91 14.97
N VAL A 199 7.67 27.54 14.42
CA VAL A 199 6.49 28.41 14.46
C VAL A 199 5.54 27.91 15.56
N TRP A 200 5.69 28.47 16.78
CA TRP A 200 4.94 28.10 17.98
C TRP A 200 3.45 28.35 17.88
N SER A 201 3.06 29.44 17.20
CA SER A 201 1.65 29.81 16.98
C SER A 201 0.88 28.74 16.19
N GLY A 202 1.61 27.91 15.43
CA GLY A 202 1.06 26.84 14.60
C GLY A 202 1.08 25.47 15.22
N MET A 203 1.83 25.31 16.33
CA MET A 203 1.96 24.05 17.05
C MET A 203 0.60 23.68 17.66
N ASN A 204 0.05 22.52 17.25
CA ASN A 204 -1.26 22.07 17.71
C ASN A 204 -1.47 20.56 17.59
N VAL A 205 -2.48 20.07 18.35
CA VAL A 205 -2.98 18.71 18.35
C VAL A 205 -4.50 18.87 18.34
N ALA A 206 -5.16 18.29 17.32
CA ALA A 206 -6.61 18.33 17.09
C ALA A 206 -7.19 19.75 16.95
N GLY A 207 -6.36 20.67 16.46
CA GLY A 207 -6.73 22.06 16.25
C GLY A 207 -6.61 22.93 17.48
N VAL A 208 -6.22 22.33 18.62
CA VAL A 208 -6.05 22.99 19.91
C VAL A 208 -4.65 23.59 19.91
N SER A 209 -4.56 24.93 19.84
CA SER A 209 -3.28 25.64 19.83
C SER A 209 -2.58 25.50 21.18
N LEU A 210 -1.38 24.94 21.17
CA LEU A 210 -0.56 24.70 22.36
C LEU A 210 -0.07 26.01 23.00
N LYS A 211 0.07 27.08 22.18
CA LYS A 211 0.48 28.42 22.62
C LYS A 211 -0.69 29.09 23.37
N THR A 212 -1.94 28.85 22.93
CA THR A 212 -3.14 29.39 23.55
C THR A 212 -3.32 28.81 24.97
N LEU A 213 -3.14 27.48 25.14
CA LEU A 213 -3.26 26.82 26.43
C LEU A 213 -2.06 27.13 27.32
N HIS A 214 -0.86 27.12 26.75
CA HIS A 214 0.40 27.36 27.44
C HIS A 214 1.06 28.58 26.78
N PRO A 215 0.82 29.81 27.30
CA PRO A 215 1.40 31.00 26.66
C PRO A 215 2.93 31.07 26.76
N ASP A 216 3.53 30.28 27.67
CA ASP A 216 4.99 30.18 27.86
C ASP A 216 5.68 29.37 26.74
N LEU A 217 4.90 28.75 25.83
CA LEU A 217 5.39 27.93 24.70
C LEU A 217 6.36 28.67 23.77
N GLY A 218 7.58 28.18 23.69
CA GLY A 218 8.64 28.74 22.86
C GLY A 218 9.37 29.93 23.43
N THR A 219 9.13 30.24 24.72
CA THR A 219 9.78 31.35 25.44
C THR A 219 10.78 30.81 26.46
N ASP A 220 11.68 31.68 26.97
CA ASP A 220 12.70 31.35 27.97
C ASP A 220 12.07 30.91 29.31
N LYS A 221 10.96 31.55 29.69
CA LYS A 221 10.22 31.29 30.93
C LYS A 221 9.38 29.99 30.91
N ASP A 222 9.53 29.16 29.86
CA ASP A 222 8.83 27.89 29.68
C ASP A 222 9.24 26.90 30.78
N LYS A 223 8.28 26.46 31.59
CA LYS A 223 8.52 25.51 32.69
C LYS A 223 8.84 24.11 32.14
N GLU A 224 8.14 23.71 31.07
CA GLU A 224 8.32 22.41 30.41
C GLU A 224 9.45 22.45 29.36
N GLN A 225 9.97 23.67 29.08
CA GLN A 225 11.05 23.97 28.14
C GLN A 225 10.85 23.35 26.75
N TRP A 226 9.80 23.82 26.04
CA TRP A 226 9.46 23.36 24.70
C TRP A 226 10.44 23.86 23.64
N LYS A 227 11.24 24.91 23.96
CA LYS A 227 12.29 25.43 23.08
C LYS A 227 13.34 24.35 22.83
N GLU A 228 13.50 23.42 23.81
CA GLU A 228 14.43 22.30 23.72
C GLU A 228 13.99 21.26 22.70
N VAL A 229 12.68 21.24 22.33
CA VAL A 229 12.13 20.34 21.29
C VAL A 229 12.79 20.74 19.97
N HIS A 230 12.77 22.05 19.63
CA HIS A 230 13.41 22.60 18.44
C HIS A 230 14.94 22.53 18.53
N LYS A 231 15.50 22.68 19.74
CA LYS A 231 16.94 22.56 19.94
C LYS A 231 17.37 21.11 19.67
N GLN A 232 16.51 20.13 20.05
CA GLN A 232 16.70 18.71 19.81
C GLN A 232 16.58 18.37 18.34
N VAL A 233 15.77 19.12 17.56
CA VAL A 233 15.61 18.91 16.11
C VAL A 233 17.00 19.04 15.45
N VAL A 234 17.67 20.20 15.66
CA VAL A 234 19.01 20.47 15.13
C VAL A 234 20.09 19.62 15.86
N GLU A 235 19.98 19.43 17.20
CA GLU A 235 20.92 18.60 17.96
C GLU A 235 20.88 17.13 17.56
N SER A 236 19.71 16.64 17.06
CA SER A 236 19.51 15.27 16.58
C SER A 236 20.36 15.00 15.35
N ALA A 237 20.37 15.96 14.40
CA ALA A 237 21.13 15.89 13.15
C ALA A 237 22.61 15.62 13.43
N TYR A 238 23.24 16.42 14.32
CA TYR A 238 24.64 16.28 14.72
C TYR A 238 24.88 14.97 15.46
N GLU A 239 23.91 14.56 16.32
CA GLU A 239 23.98 13.34 17.11
C GLU A 239 24.07 12.12 16.19
N VAL A 240 23.18 12.02 15.18
CA VAL A 240 23.16 10.93 14.20
C VAL A 240 24.49 10.89 13.42
N ILE A 241 24.98 12.07 12.96
CA ILE A 241 26.26 12.25 12.25
C ILE A 241 27.41 11.70 13.12
N LYS A 242 27.40 12.00 14.44
CA LYS A 242 28.41 11.54 15.41
C LYS A 242 28.29 10.05 15.70
N LEU A 243 27.06 9.53 15.79
CA LEU A 243 26.78 8.12 16.12
C LEU A 243 26.98 7.13 14.96
N LYS A 244 26.60 7.49 13.71
CA LYS A 244 26.75 6.56 12.58
C LYS A 244 27.48 7.15 11.35
N GLY A 245 28.00 8.37 11.46
CA GLY A 245 28.79 9.00 10.40
C GLY A 245 28.03 9.77 9.33
N TYR A 246 26.69 9.62 9.26
CA TYR A 246 25.82 10.27 8.27
C TYR A 246 24.33 10.07 8.63
N THR A 247 23.42 10.72 7.88
CA THR A 247 21.97 10.54 8.02
C THR A 247 21.47 10.05 6.66
N SER A 248 20.58 9.04 6.64
CA SER A 248 20.08 8.51 5.37
C SER A 248 18.58 8.24 5.33
N TRP A 249 18.09 7.34 6.22
CA TRP A 249 16.71 6.85 6.26
C TRP A 249 15.64 7.95 6.39
N ALA A 250 15.82 8.87 7.35
CA ALA A 250 14.87 9.96 7.62
C ALA A 250 14.67 10.90 6.41
N ILE A 251 15.78 11.28 5.75
CA ILE A 251 15.77 12.18 4.60
C ILE A 251 15.18 11.47 3.35
N GLY A 252 15.50 10.18 3.17
CA GLY A 252 15.00 9.37 2.07
C GLY A 252 13.49 9.28 2.08
N LEU A 253 12.90 9.04 3.27
CA LEU A 253 11.45 8.97 3.49
C LEU A 253 10.76 10.30 3.22
N SER A 254 11.38 11.41 3.67
CA SER A 254 10.85 12.77 3.50
CA SER A 254 10.85 12.77 3.50
C SER A 254 10.89 13.20 2.03
N VAL A 255 11.91 12.72 1.28
CA VAL A 255 12.07 13.02 -0.14
C VAL A 255 10.99 12.24 -0.90
N ALA A 256 10.74 10.97 -0.49
CA ALA A 256 9.71 10.11 -1.07
C ALA A 256 8.33 10.72 -0.87
N ASP A 257 8.13 11.40 0.29
CA ASP A 257 6.91 12.11 0.64
C ASP A 257 6.67 13.26 -0.34
N LEU A 258 7.73 14.04 -0.65
CA LEU A 258 7.68 15.15 -1.61
C LEU A 258 7.44 14.60 -3.01
N ALA A 259 8.16 13.52 -3.37
CA ALA A 259 8.04 12.81 -4.64
C ALA A 259 6.59 12.34 -4.85
N GLU A 260 5.95 11.82 -3.77
CA GLU A 260 4.56 11.36 -3.83
C GLU A 260 3.62 12.52 -4.16
N SER A 261 3.76 13.67 -3.49
CA SER A 261 2.92 14.84 -3.75
C SER A 261 3.07 15.37 -5.17
N ILE A 262 4.31 15.40 -5.68
CA ILE A 262 4.61 15.87 -7.04
C ILE A 262 4.08 14.86 -8.07
N MET A 263 4.58 13.60 -8.04
CA MET A 263 4.21 12.52 -8.97
C MET A 263 2.72 12.23 -9.04
N LYS A 264 1.99 12.43 -7.92
CA LYS A 264 0.55 12.15 -7.86
C LYS A 264 -0.32 13.42 -7.89
N ASN A 265 0.29 14.62 -8.02
CA ASN A 265 -0.40 15.93 -8.05
C ASN A 265 -1.41 16.07 -6.88
N LEU A 266 -0.95 15.72 -5.67
CA LEU A 266 -1.79 15.72 -4.47
C LEU A 266 -2.23 17.10 -4.00
N ARG A 267 -1.40 18.13 -4.26
CA ARG A 267 -1.64 19.50 -3.81
C ARG A 267 -1.64 19.61 -2.26
N ARG A 268 -0.80 18.75 -1.62
CA ARG A 268 -0.57 18.74 -0.18
C ARG A 268 0.40 19.88 0.16
N VAL A 269 0.43 20.27 1.43
CA VAL A 269 1.28 21.35 1.92
C VAL A 269 2.53 20.78 2.58
N HIS A 270 3.71 21.25 2.15
CA HIS A 270 5.00 20.80 2.65
C HIS A 270 5.91 21.99 2.95
N PRO A 271 6.72 21.93 4.04
CA PRO A 271 7.67 23.03 4.29
C PRO A 271 8.93 22.83 3.44
N VAL A 272 8.89 23.30 2.18
CA VAL A 272 10.00 23.17 1.23
C VAL A 272 10.62 24.52 0.86
N SER A 273 11.92 24.50 0.53
CA SER A 273 12.71 25.67 0.14
C SER A 273 12.24 26.24 -1.21
N THR A 274 11.90 27.53 -1.21
CA THR A 274 11.42 28.26 -2.39
C THR A 274 11.84 29.74 -2.40
N MET A 275 11.80 30.36 -3.59
CA MET A 275 12.08 31.77 -3.85
C MET A 275 11.14 32.62 -2.98
N ILE A 276 11.70 33.22 -1.93
CA ILE A 276 10.96 33.98 -0.93
C ILE A 276 11.06 35.52 -1.15
N LYS A 277 11.63 35.98 -2.28
CA LYS A 277 11.74 37.41 -2.59
C LYS A 277 10.34 38.03 -2.70
N GLY A 278 10.05 38.95 -1.78
CA GLY A 278 8.76 39.64 -1.70
C GLY A 278 8.01 39.40 -0.41
N LEU A 279 8.49 38.44 0.41
CA LEU A 279 7.86 38.10 1.69
C LEU A 279 8.75 38.33 2.89
N TYR A 280 8.13 38.73 4.03
CA TYR A 280 8.75 38.99 5.34
C TYR A 280 9.92 39.99 5.28
N GLY A 281 9.79 40.99 4.41
CA GLY A 281 10.80 42.03 4.21
C GLY A 281 12.05 41.57 3.47
N ILE A 282 11.99 40.37 2.87
CA ILE A 282 13.11 39.82 2.09
C ILE A 282 12.92 40.31 0.66
N LYS A 283 13.90 41.07 0.16
CA LYS A 283 13.84 41.61 -1.20
C LYS A 283 14.98 41.06 -2.08
N ASP A 284 15.66 39.99 -1.60
CA ASP A 284 16.74 39.32 -2.31
C ASP A 284 16.34 37.93 -2.84
N ASP A 285 17.01 37.46 -3.92
CA ASP A 285 16.75 36.17 -4.55
C ASP A 285 17.26 35.01 -3.68
N VAL A 286 16.52 34.67 -2.62
CA VAL A 286 16.94 33.56 -1.75
C VAL A 286 15.83 32.51 -1.63
N PHE A 287 16.25 31.25 -1.40
CA PHE A 287 15.34 30.14 -1.26
C PHE A 287 15.23 29.70 0.19
N LEU A 288 14.07 29.98 0.80
CA LEU A 288 13.80 29.62 2.19
C LEU A 288 12.55 28.75 2.29
N SER A 289 12.49 27.90 3.32
CA SER A 289 11.35 27.01 3.54
C SER A 289 10.16 27.75 4.11
N VAL A 290 9.01 27.55 3.47
CA VAL A 290 7.68 28.04 3.82
C VAL A 290 6.70 26.94 3.38
N PRO A 291 5.46 26.87 3.91
CA PRO A 291 4.53 25.82 3.48
C PRO A 291 4.10 25.99 2.02
N CYS A 292 4.38 25.00 1.17
CA CYS A 292 4.06 25.05 -0.27
C CYS A 292 3.11 23.96 -0.70
N ILE A 293 2.24 24.29 -1.67
CA ILE A 293 1.30 23.36 -2.29
C ILE A 293 2.15 22.63 -3.34
N LEU A 294 2.25 21.29 -3.24
CA LEU A 294 3.04 20.49 -4.18
C LEU A 294 2.16 19.68 -5.12
N GLY A 295 2.24 20.02 -6.41
CA GLY A 295 1.49 19.35 -7.48
C GLY A 295 2.36 18.94 -8.64
N GLN A 296 1.73 18.66 -9.80
CA GLN A 296 2.40 18.24 -11.03
C GLN A 296 3.28 19.35 -11.63
N ASN A 297 3.02 20.62 -11.29
CA ASN A 297 3.79 21.77 -11.77
C ASN A 297 4.77 22.26 -10.70
N GLY A 298 5.01 21.43 -9.69
CA GLY A 298 5.88 21.72 -8.56
C GLY A 298 5.19 22.59 -7.54
N ILE A 299 5.74 23.79 -7.30
CA ILE A 299 5.17 24.74 -6.35
C ILE A 299 4.20 25.66 -7.10
N SER A 300 2.89 25.38 -6.98
CA SER A 300 1.85 26.15 -7.66
C SER A 300 1.44 27.36 -6.84
N ASP A 301 1.42 27.21 -5.51
CA ASP A 301 1.04 28.23 -4.55
C ASP A 301 1.86 28.05 -3.26
N LEU A 302 1.76 29.00 -2.32
CA LEU A 302 2.42 28.93 -1.00
C LEU A 302 1.55 29.55 0.10
N VAL A 303 1.64 28.98 1.31
CA VAL A 303 0.90 29.44 2.48
C VAL A 303 1.64 30.60 3.14
N LYS A 304 0.95 31.76 3.24
CA LYS A 304 1.44 33.00 3.85
C LYS A 304 1.21 32.94 5.37
N VAL A 305 2.18 32.36 6.08
CA VAL A 305 2.18 32.15 7.52
C VAL A 305 2.31 33.49 8.26
N THR A 306 1.42 33.72 9.25
CA THR A 306 1.47 34.91 10.09
C THR A 306 2.59 34.67 11.10
N LEU A 307 3.67 35.44 10.97
CA LEU A 307 4.83 35.29 11.84
C LEU A 307 4.99 36.48 12.77
N THR A 308 5.54 36.22 13.96
CA THR A 308 5.85 37.27 14.93
C THR A 308 7.10 37.99 14.41
N SER A 309 7.29 39.25 14.81
CA SER A 309 8.43 40.06 14.38
C SER A 309 9.79 39.42 14.67
N GLU A 310 9.85 38.53 15.70
CA GLU A 310 11.05 37.77 16.08
C GLU A 310 11.31 36.67 15.04
N GLU A 311 10.25 35.93 14.66
CA GLU A 311 10.29 34.87 13.64
C GLU A 311 10.62 35.48 12.27
N GLU A 312 10.03 36.68 11.98
CA GLU A 312 10.25 37.43 10.75
CA GLU A 312 10.24 37.43 10.75
C GLU A 312 11.71 37.87 10.63
N ALA A 313 12.27 38.44 11.73
CA ALA A 313 13.66 38.91 11.80
C ALA A 313 14.67 37.78 11.62
N ARG A 314 14.31 36.56 12.07
CA ARG A 314 15.14 35.36 11.93
C ARG A 314 15.25 34.94 10.46
N LEU A 315 14.14 35.07 9.69
CA LEU A 315 14.10 34.77 8.25
C LEU A 315 14.93 35.77 7.48
N LYS A 316 14.89 37.05 7.90
CA LYS A 316 15.64 38.15 7.31
C LYS A 316 17.15 37.91 7.53
N LYS A 317 17.53 37.48 8.76
CA LYS A 317 18.91 37.18 9.14
C LYS A 317 19.43 36.00 8.31
N SER A 318 18.57 34.99 8.06
CA SER A 318 18.91 33.82 7.24
C SER A 318 19.20 34.31 5.81
N ALA A 319 18.25 35.04 5.21
CA ALA A 319 18.32 35.63 3.87
C ALA A 319 19.58 36.48 3.65
N ASP A 320 19.96 37.29 4.68
CA ASP A 320 21.14 38.14 4.65
C ASP A 320 22.43 37.31 4.62
N THR A 321 22.50 36.29 5.49
CA THR A 321 23.66 35.39 5.56
C THR A 321 23.79 34.57 4.27
N LEU A 322 22.67 34.02 3.76
CA LEU A 322 22.64 33.24 2.51
C LEU A 322 23.06 34.09 1.32
N TRP A 323 22.52 35.32 1.18
CA TRP A 323 22.89 36.23 0.09
C TRP A 323 24.36 36.65 0.13
N GLY A 324 24.91 36.77 1.34
CA GLY A 324 26.31 37.10 1.57
C GLY A 324 27.20 36.06 0.92
N ILE A 325 26.79 34.79 1.00
CA ILE A 325 27.46 33.64 0.40
C ILE A 325 27.14 33.60 -1.11
N GLN A 326 25.85 33.80 -1.47
CA GLN A 326 25.33 33.77 -2.85
C GLN A 326 25.93 34.83 -3.78
N LYS A 327 26.28 36.02 -3.25
CA LYS A 327 26.86 37.10 -4.05
C LYS A 327 28.33 36.83 -4.43
N GLU A 328 29.05 36.06 -3.59
CA GLU A 328 30.46 35.72 -3.76
C GLU A 328 30.67 34.39 -4.54
N LEU A 329 29.67 33.97 -5.33
CA LEU A 329 29.74 32.73 -6.12
C LEU A 329 29.95 32.99 -7.61
N GLN A 330 30.78 32.13 -8.25
CA GLN A 330 31.10 32.21 -9.67
C GLN A 330 30.47 31.03 -10.42
N PHE A 331 29.60 31.34 -11.41
CA PHE A 331 28.90 30.34 -12.23
C PHE A 331 29.52 30.18 -13.61
N ALA B 1 -0.42 20.92 37.03
CA ALA B 1 -0.77 20.26 35.77
C ALA B 1 0.06 20.79 34.59
N THR B 2 0.55 19.87 33.76
CA THR B 2 1.36 20.15 32.57
C THR B 2 0.47 20.48 31.35
N LEU B 3 1.12 20.82 30.21
CA LEU B 3 0.48 21.09 28.93
C LEU B 3 -0.15 19.80 28.39
N LYS B 4 0.52 18.63 28.63
CA LYS B 4 0.03 17.32 28.23
C LYS B 4 -1.29 17.01 28.98
N ASP B 5 -1.28 17.17 30.33
CA ASP B 5 -2.44 16.94 31.19
C ASP B 5 -3.58 17.90 30.90
N GLN B 6 -3.25 19.12 30.42
CA GLN B 6 -4.20 20.15 30.08
C GLN B 6 -4.85 19.87 28.72
N LEU B 7 -4.07 19.35 27.75
CA LEU B 7 -4.52 19.02 26.40
C LEU B 7 -5.20 17.64 26.32
N ILE B 8 -4.60 16.63 26.94
CA ILE B 8 -5.08 15.24 26.90
C ILE B 8 -5.55 14.74 28.25
N TYR B 9 -6.78 14.20 28.31
CA TYR B 9 -7.36 13.59 29.49
C TYR B 9 -7.23 12.07 29.30
N ASN B 10 -6.50 11.41 30.20
CA ASN B 10 -6.23 9.98 30.15
C ASN B 10 -7.35 9.12 30.72
N LEU B 11 -7.63 8.00 30.03
CA LEU B 11 -8.62 6.99 30.44
C LEU B 11 -7.87 5.81 31.06
N LEU B 12 -6.72 5.40 30.45
CA LEU B 12 -5.85 4.31 30.92
C LEU B 12 -4.40 4.47 30.44
N LYS B 13 -3.43 4.29 31.35
CA LYS B 13 -1.99 4.45 31.09
C LYS B 13 -1.15 3.17 31.11
N GLU B 14 -1.67 2.07 31.71
CA GLU B 14 -0.98 0.76 31.82
C GLU B 14 -0.41 0.36 30.45
N GLU B 15 0.92 0.49 30.31
CA GLU B 15 1.71 0.24 29.11
C GLU B 15 1.38 -1.08 28.43
N GLN B 16 0.55 -0.99 27.36
CA GLN B 16 0.13 -2.15 26.57
C GLN B 16 1.30 -2.68 25.76
N THR B 17 1.34 -4.00 25.57
CA THR B 17 2.41 -4.72 24.89
C THR B 17 2.21 -4.80 23.37
N PRO B 18 3.29 -4.96 22.56
CA PRO B 18 3.09 -5.04 21.10
C PRO B 18 2.46 -6.36 20.66
N GLN B 19 1.60 -6.27 19.63
CA GLN B 19 0.89 -7.42 19.06
C GLN B 19 1.60 -7.97 17.83
N ASN B 20 2.41 -7.15 17.15
CA ASN B 20 3.13 -7.56 15.95
C ASN B 20 4.59 -7.10 15.95
N LYS B 21 5.32 -7.46 17.02
CA LYS B 21 6.72 -7.06 17.23
C LYS B 21 7.69 -7.84 16.35
N ILE B 22 8.67 -7.12 15.78
CA ILE B 22 9.73 -7.67 14.93
C ILE B 22 11.08 -7.15 15.47
N THR B 23 12.06 -8.06 15.59
CA THR B 23 13.40 -7.73 16.06
C THR B 23 14.41 -7.99 14.94
N VAL B 24 15.32 -7.03 14.74
CA VAL B 24 16.41 -7.14 13.78
C VAL B 24 17.72 -7.12 14.59
N VAL B 25 18.54 -8.17 14.43
CA VAL B 25 19.82 -8.36 15.12
C VAL B 25 20.97 -8.12 14.12
N GLY B 26 21.69 -7.02 14.33
CA GLY B 26 22.78 -6.57 13.48
C GLY B 26 22.31 -5.41 12.62
N VAL B 27 22.74 -4.18 12.95
CA VAL B 27 22.32 -2.97 12.21
C VAL B 27 23.32 -2.63 11.08
N GLY B 28 23.83 -3.66 10.41
CA GLY B 28 24.74 -3.52 9.29
C GLY B 28 24.01 -3.11 8.02
N ALA B 29 24.60 -3.41 6.86
CA ALA B 29 23.98 -3.07 5.58
C ALA B 29 22.70 -3.90 5.34
N VAL B 30 22.76 -5.20 5.65
CA VAL B 30 21.68 -6.17 5.49
C VAL B 30 20.53 -5.88 6.47
N GLY B 31 20.87 -5.82 7.77
CA GLY B 31 19.93 -5.58 8.85
C GLY B 31 19.08 -4.33 8.70
N MET B 32 19.73 -3.22 8.35
CA MET B 32 19.06 -1.95 8.11
C MET B 32 18.16 -1.97 6.88
N ALA B 33 18.55 -2.73 5.83
CA ALA B 33 17.77 -2.90 4.61
C ALA B 33 16.51 -3.70 4.94
N CYS B 34 16.64 -4.74 5.79
CA CYS B 34 15.52 -5.55 6.26
C CYS B 34 14.56 -4.64 7.02
N ALA B 35 15.11 -3.85 7.98
CA ALA B 35 14.38 -2.90 8.82
C ALA B 35 13.52 -1.91 8.01
N ILE B 36 14.13 -1.17 7.06
CA ILE B 36 13.42 -0.18 6.23
C ILE B 36 12.33 -0.85 5.39
N SER B 37 12.64 -2.03 4.81
CA SER B 37 11.72 -2.81 3.99
C SER B 37 10.51 -3.25 4.81
N ILE B 38 10.75 -3.75 6.03
CA ILE B 38 9.72 -4.21 6.97
C ILE B 38 8.86 -3.02 7.41
N LEU B 39 9.50 -1.86 7.65
CA LEU B 39 8.81 -0.63 8.07
C LEU B 39 7.94 -0.07 6.96
N MET B 40 8.44 -0.09 5.72
CA MET B 40 7.72 0.46 4.56
C MET B 40 6.62 -0.47 4.06
N LYS B 41 6.50 -1.66 4.67
CA LYS B 41 5.49 -2.66 4.32
C LYS B 41 4.38 -2.77 5.37
N ASP B 42 4.48 -1.99 6.48
CA ASP B 42 3.54 -1.94 7.62
C ASP B 42 3.30 -3.34 8.25
N LEU B 43 4.40 -4.04 8.57
CA LEU B 43 4.32 -5.39 9.13
C LEU B 43 4.41 -5.43 10.65
N ALA B 44 4.96 -4.36 11.24
CA ALA B 44 5.16 -4.27 12.68
C ALA B 44 4.54 -3.05 13.34
N ASP B 45 4.12 -3.23 14.61
CA ASP B 45 3.63 -2.15 15.46
C ASP B 45 4.80 -1.73 16.36
N GLU B 46 5.86 -2.56 16.38
CA GLU B 46 7.11 -2.33 17.11
C GLU B 46 8.32 -2.98 16.43
N LEU B 47 9.42 -2.21 16.31
CA LEU B 47 10.68 -2.68 15.74
C LEU B 47 11.80 -2.56 16.78
N ALA B 48 12.52 -3.67 17.01
CA ALA B 48 13.63 -3.73 17.96
C ALA B 48 14.95 -3.92 17.21
N LEU B 49 15.98 -3.17 17.61
CA LEU B 49 17.30 -3.25 16.99
C LEU B 49 18.37 -3.61 18.02
N VAL B 50 19.20 -4.61 17.70
CA VAL B 50 20.29 -5.07 18.57
C VAL B 50 21.59 -5.09 17.80
N ASP B 51 22.68 -4.62 18.43
CA ASP B 51 24.05 -4.61 17.89
C ASP B 51 25.08 -4.42 19.02
N VAL B 52 26.28 -4.97 18.82
CA VAL B 52 27.38 -4.87 19.79
C VAL B 52 27.98 -3.46 19.80
N ILE B 53 27.93 -2.77 18.65
CA ILE B 53 28.40 -1.40 18.48
C ILE B 53 27.23 -0.50 18.90
N GLU B 54 27.29 0.04 20.13
CA GLU B 54 26.26 0.89 20.72
C GLU B 54 26.05 2.22 19.98
N ASP B 55 27.14 2.88 19.52
CA ASP B 55 27.06 4.17 18.84
C ASP B 55 26.28 4.09 17.52
N LYS B 56 26.65 3.14 16.63
CA LYS B 56 25.97 2.93 15.34
C LYS B 56 24.51 2.52 15.56
N LEU B 57 24.26 1.69 16.59
CA LEU B 57 22.93 1.20 16.98
C LEU B 57 21.99 2.35 17.39
N LYS B 58 22.51 3.32 18.20
CA LYS B 58 21.75 4.50 18.65
C LYS B 58 21.41 5.40 17.46
N GLY B 59 22.39 5.63 16.58
CA GLY B 59 22.25 6.45 15.38
C GLY B 59 21.26 5.89 14.38
N GLU B 60 21.34 4.57 14.11
CA GLU B 60 20.44 3.87 13.19
C GLU B 60 19.00 3.93 13.68
N MET B 61 18.79 3.75 15.01
CA MET B 61 17.49 3.84 15.67
C MET B 61 16.94 5.27 15.51
N MET B 62 17.76 6.30 15.87
CA MET B 62 17.40 7.72 15.77
C MET B 62 16.98 8.11 14.36
N ASP B 63 17.81 7.77 13.35
CA ASP B 63 17.57 8.04 11.92
C ASP B 63 16.23 7.45 11.45
N LEU B 64 15.89 6.21 11.88
CA LEU B 64 14.62 5.58 11.56
C LEU B 64 13.48 6.34 12.21
N GLN B 65 13.64 6.65 13.52
CA GLN B 65 12.69 7.38 14.37
C GLN B 65 12.33 8.74 13.83
N HIS B 66 13.30 9.46 13.24
CA HIS B 66 13.06 10.79 12.68
C HIS B 66 12.11 10.76 11.46
N GLY B 67 11.95 9.59 10.85
CA GLY B 67 11.05 9.35 9.71
C GLY B 67 9.77 8.63 10.10
N SER B 68 9.41 8.65 11.41
CA SER B 68 8.21 8.00 11.94
C SER B 68 6.89 8.53 11.36
N LEU B 69 6.87 9.82 10.97
CA LEU B 69 5.72 10.52 10.39
C LEU B 69 5.31 9.92 9.02
N PHE B 70 6.28 9.32 8.32
CA PHE B 70 6.10 8.71 7.01
C PHE B 70 5.92 7.20 7.10
N LEU B 71 6.07 6.64 8.32
CA LEU B 71 5.90 5.21 8.57
C LEU B 71 4.62 4.96 9.40
N ARG B 72 4.23 3.67 9.53
CA ARG B 72 3.04 3.29 10.31
CA ARG B 72 3.03 3.26 10.29
C ARG B 72 3.43 2.38 11.48
N THR B 73 4.69 2.50 11.93
CA THR B 73 5.24 1.74 13.06
C THR B 73 5.39 2.71 14.23
N PRO B 74 4.44 2.64 15.19
CA PRO B 74 4.43 3.63 16.29
C PRO B 74 5.61 3.58 17.27
N LYS B 75 6.28 2.42 17.38
CA LYS B 75 7.41 2.28 18.31
C LYS B 75 8.63 1.62 17.68
N ILE B 76 9.81 2.27 17.82
CA ILE B 76 11.08 1.77 17.34
C ILE B 76 12.10 1.88 18.49
N VAL B 77 12.51 0.72 19.02
CA VAL B 77 13.45 0.61 20.15
C VAL B 77 14.79 -0.03 19.75
N SER B 78 15.85 0.22 20.55
CA SER B 78 17.17 -0.34 20.34
C SER B 78 17.94 -0.52 21.65
N GLY B 79 18.94 -1.40 21.64
CA GLY B 79 19.77 -1.67 22.81
C GLY B 79 20.67 -2.88 22.68
N LYS B 80 21.74 -2.91 23.51
CA LYS B 80 22.71 -4.00 23.55
C LYS B 80 22.09 -5.19 24.31
N ASP B 81 21.23 -4.90 25.29
CA ASP B 81 20.51 -5.89 26.11
C ASP B 81 19.29 -6.38 25.34
N TYR B 82 19.10 -7.71 25.30
CA TYR B 82 18.00 -8.35 24.57
C TYR B 82 16.61 -8.18 25.22
N ASN B 83 16.54 -7.44 26.34
CA ASN B 83 15.28 -7.14 27.05
C ASN B 83 14.34 -6.28 26.18
N VAL B 84 14.94 -5.49 25.25
CA VAL B 84 14.24 -4.62 24.30
C VAL B 84 13.56 -5.43 23.17
N THR B 85 13.84 -6.75 23.10
CA THR B 85 13.30 -7.69 22.11
C THR B 85 12.22 -8.61 22.71
N ALA B 86 11.76 -8.30 23.93
CA ALA B 86 10.75 -9.09 24.64
C ALA B 86 9.44 -9.18 23.88
N ASN B 87 8.94 -10.43 23.72
CA ASN B 87 7.70 -10.80 23.05
C ASN B 87 7.66 -10.31 21.58
N SER B 88 8.59 -10.83 20.77
CA SER B 88 8.65 -10.57 19.34
C SER B 88 7.98 -11.74 18.64
N LYS B 89 7.25 -11.46 17.55
CA LYS B 89 6.58 -12.50 16.76
C LYS B 89 7.63 -13.16 15.85
N LEU B 90 8.57 -12.33 15.33
CA LEU B 90 9.63 -12.74 14.41
C LEU B 90 10.98 -12.08 14.76
N VAL B 91 12.05 -12.89 14.79
CA VAL B 91 13.39 -12.36 15.07
C VAL B 91 14.31 -12.62 13.88
N ILE B 92 14.90 -11.56 13.35
CA ILE B 92 15.79 -11.66 12.18
C ILE B 92 17.25 -11.46 12.58
N ILE B 93 18.08 -12.48 12.28
CA ILE B 93 19.51 -12.43 12.59
C ILE B 93 20.30 -12.11 11.33
N THR B 94 20.93 -10.94 11.31
CA THR B 94 21.76 -10.44 10.20
C THR B 94 23.19 -10.20 10.68
N ALA B 95 23.45 -10.38 11.99
CA ALA B 95 24.76 -10.19 12.62
C ALA B 95 25.77 -11.26 12.18
N GLY B 96 26.93 -10.81 11.72
CA GLY B 96 27.99 -11.71 11.29
C GLY B 96 28.99 -11.13 10.31
N ALA B 97 30.01 -11.94 9.99
CA ALA B 97 31.08 -11.60 9.06
C ALA B 97 30.55 -11.65 7.64
N ARG B 98 30.74 -10.54 6.91
CA ARG B 98 30.32 -10.29 5.52
C ARG B 98 30.88 -11.34 4.55
N ASN B 107 36.28 -20.96 8.75
CA ASN B 107 36.68 -19.68 9.33
C ASN B 107 35.48 -18.73 9.47
N LEU B 108 34.73 -18.51 8.36
CA LEU B 108 33.52 -17.67 8.32
C LEU B 108 32.41 -18.27 9.18
N VAL B 109 32.46 -19.61 9.38
CA VAL B 109 31.52 -20.39 10.19
C VAL B 109 31.88 -20.21 11.68
N GLN B 110 33.12 -20.61 12.05
CA GLN B 110 33.70 -20.62 13.39
C GLN B 110 33.38 -19.39 14.24
N ARG B 111 33.59 -18.18 13.70
CA ARG B 111 33.33 -16.94 14.42
C ARG B 111 31.84 -16.70 14.64
N ASN B 112 31.02 -16.95 13.60
CA ASN B 112 29.57 -16.78 13.64
C ASN B 112 28.87 -17.77 14.59
N VAL B 113 29.44 -18.97 14.79
CA VAL B 113 28.92 -19.97 15.72
C VAL B 113 29.09 -19.41 17.16
N ASN B 114 30.26 -18.80 17.44
CA ASN B 114 30.60 -18.17 18.72
C ASN B 114 29.74 -16.94 18.99
N ILE B 115 29.25 -16.28 17.93
CA ILE B 115 28.37 -15.12 17.99
C ILE B 115 26.97 -15.61 18.36
N PHE B 116 26.50 -16.68 17.67
CA PHE B 116 25.19 -17.29 17.87
C PHE B 116 25.08 -18.00 19.24
N LYS B 117 26.24 -18.38 19.82
CA LYS B 117 26.36 -19.00 21.15
C LYS B 117 25.82 -18.06 22.23
N PHE B 118 25.83 -16.73 21.96
CA PHE B 118 25.36 -15.67 22.85
CA PHE B 118 25.33 -15.72 22.87
C PHE B 118 24.02 -15.10 22.39
N ILE B 119 23.87 -14.87 21.05
CA ILE B 119 22.67 -14.29 20.44
C ILE B 119 21.43 -15.18 20.62
N ILE B 120 21.46 -16.41 20.06
CA ILE B 120 20.35 -17.36 20.09
C ILE B 120 19.80 -17.57 21.53
N PRO B 121 20.60 -17.87 22.59
CA PRO B 121 20.00 -18.01 23.94
C PRO B 121 19.31 -16.74 24.44
N ASN B 122 19.89 -15.56 24.15
CA ASN B 122 19.37 -14.25 24.54
C ASN B 122 18.05 -13.89 23.83
N VAL B 123 17.82 -14.45 22.63
CA VAL B 123 16.60 -14.23 21.85
C VAL B 123 15.48 -15.10 22.42
N VAL B 124 15.75 -16.42 22.59
CA VAL B 124 14.87 -17.45 23.14
C VAL B 124 14.36 -17.05 24.55
N LYS B 125 15.25 -16.41 25.33
CA LYS B 125 15.02 -15.91 26.69
C LYS B 125 13.83 -14.95 26.77
N TYR B 126 13.84 -13.91 25.91
CA TYR B 126 12.83 -12.86 25.88
C TYR B 126 11.68 -13.12 24.89
N SER B 127 11.88 -13.98 23.88
CA SER B 127 10.86 -14.33 22.89
C SER B 127 10.84 -15.85 22.67
N PRO B 128 10.20 -16.63 23.58
CA PRO B 128 10.20 -18.09 23.43
C PRO B 128 9.29 -18.66 22.32
N ASN B 129 8.22 -17.93 21.98
CA ASN B 129 7.27 -18.38 20.96
C ASN B 129 7.49 -17.75 19.57
N CYS B 130 8.62 -17.01 19.41
CA CYS B 130 8.96 -16.33 18.16
C CYS B 130 9.43 -17.25 17.05
N LYS B 131 9.47 -16.72 15.81
CA LYS B 131 9.99 -17.42 14.63
C LYS B 131 11.35 -16.80 14.31
N LEU B 132 12.38 -17.65 14.25
CA LEU B 132 13.73 -17.21 13.94
C LEU B 132 13.94 -17.21 12.44
N LEU B 133 14.45 -16.08 11.91
CA LEU B 133 14.78 -15.88 10.50
C LEU B 133 16.27 -15.56 10.42
N ILE B 134 17.05 -16.54 9.93
CA ILE B 134 18.49 -16.44 9.82
C ILE B 134 18.89 -15.95 8.43
N VAL B 135 19.73 -14.91 8.40
CA VAL B 135 20.21 -14.29 7.16
C VAL B 135 21.73 -14.49 7.09
N SER B 136 22.42 -14.21 8.22
CA SER B 136 23.88 -14.33 8.42
C SER B 136 24.44 -15.55 7.72
N ASN B 137 25.60 -15.40 7.05
CA ASN B 137 26.21 -16.47 6.26
C ASN B 137 27.21 -17.34 7.04
N PRO B 138 27.40 -18.64 6.67
CA PRO B 138 26.71 -19.43 5.63
C PRO B 138 25.31 -19.79 6.14
N VAL B 139 24.27 -19.12 5.60
CA VAL B 139 22.87 -19.17 6.00
C VAL B 139 22.37 -20.61 6.32
N ASP B 140 22.67 -21.61 5.47
CA ASP B 140 22.24 -22.99 5.65
C ASP B 140 22.85 -23.66 6.90
N ILE B 141 24.13 -23.38 7.20
CA ILE B 141 24.81 -23.92 8.39
C ILE B 141 24.32 -23.19 9.64
N LEU B 142 24.23 -21.84 9.57
CA LEU B 142 23.80 -21.02 10.69
C LEU B 142 22.34 -21.22 11.10
N THR B 143 21.48 -21.72 10.18
CA THR B 143 20.09 -22.04 10.53
C THR B 143 20.10 -23.28 11.43
N TYR B 144 20.98 -24.26 11.10
CA TYR B 144 21.19 -25.45 11.92
C TYR B 144 21.77 -25.04 13.28
N VAL B 145 22.80 -24.15 13.28
CA VAL B 145 23.46 -23.61 14.47
C VAL B 145 22.39 -22.97 15.38
N ALA B 146 21.53 -22.12 14.79
CA ALA B 146 20.43 -21.43 15.49
C ALA B 146 19.40 -22.41 16.03
N TRP B 147 19.01 -23.41 15.20
CA TRP B 147 18.04 -24.43 15.58
C TRP B 147 18.57 -25.31 16.73
N LYS B 148 19.86 -25.71 16.64
CA LYS B 148 20.58 -26.54 17.62
C LYS B 148 20.62 -25.88 19.00
N ILE B 149 21.04 -24.59 19.05
CA ILE B 149 21.17 -23.80 20.28
C ILE B 149 19.79 -23.48 20.89
N SER B 150 18.83 -23.00 20.08
CA SER B 150 17.47 -22.63 20.53
C SER B 150 16.66 -23.78 21.12
N GLY B 151 16.73 -24.95 20.48
CA GLY B 151 15.93 -26.11 20.85
C GLY B 151 14.49 -25.92 20.42
N PHE B 152 14.28 -24.99 19.47
CA PHE B 152 12.98 -24.64 18.90
C PHE B 152 12.53 -25.69 17.91
N PRO B 153 11.21 -25.90 17.70
CA PRO B 153 10.79 -26.86 16.65
C PRO B 153 11.13 -26.30 15.27
N LYS B 154 11.72 -27.14 14.40
CA LYS B 154 12.20 -26.82 13.04
C LYS B 154 11.31 -25.84 12.22
N ASN B 155 9.99 -25.83 12.47
CA ASN B 155 9.04 -24.93 11.79
C ASN B 155 9.30 -23.47 12.14
N ARG B 156 9.68 -23.20 13.40
CA ARG B 156 9.97 -21.86 13.92
C ARG B 156 11.43 -21.41 13.68
N VAL B 157 12.26 -22.24 13.00
CA VAL B 157 13.65 -21.88 12.65
C VAL B 157 13.79 -21.91 11.12
N ILE B 158 13.85 -20.71 10.54
CA ILE B 158 13.89 -20.46 9.09
C ILE B 158 15.16 -19.72 8.68
N GLY B 159 15.68 -20.09 7.51
CA GLY B 159 16.83 -19.46 6.89
C GLY B 159 16.42 -18.81 5.58
N SER B 160 17.01 -17.64 5.28
CA SER B 160 16.80 -16.87 4.03
C SER B 160 16.87 -17.77 2.80
N GLY B 161 17.83 -18.71 2.83
CA GLY B 161 18.06 -19.72 1.82
C GLY B 161 18.15 -19.21 0.40
N CYS B 162 17.30 -19.76 -0.47
CA CYS B 162 17.26 -19.46 -1.89
C CYS B 162 16.10 -18.55 -2.31
N ASN B 163 15.49 -17.81 -1.36
CA ASN B 163 14.41 -16.88 -1.68
C ASN B 163 14.96 -15.74 -2.55
N LEU B 164 16.16 -15.24 -2.22
CA LEU B 164 16.88 -14.21 -2.98
C LEU B 164 17.43 -14.79 -4.29
N ASP B 165 17.97 -16.03 -4.24
CA ASP B 165 18.50 -16.71 -5.42
C ASP B 165 17.38 -16.87 -6.46
N SER B 166 16.18 -17.29 -6.00
CA SER B 166 14.99 -17.41 -6.85
C SER B 166 14.52 -16.04 -7.35
N ALA B 167 14.72 -14.98 -6.52
CA ALA B 167 14.37 -13.60 -6.89
C ALA B 167 15.25 -13.14 -8.05
N ARG B 168 16.58 -13.40 -7.94
CA ARG B 168 17.58 -13.07 -8.95
C ARG B 168 17.33 -13.83 -10.26
N PHE B 169 17.00 -15.13 -10.16
CA PHE B 169 16.69 -16.00 -11.29
C PHE B 169 15.49 -15.49 -12.09
N ARG B 170 14.39 -15.15 -11.39
CA ARG B 170 13.17 -14.61 -12.00
C ARG B 170 13.38 -13.22 -12.62
N TYR B 171 14.34 -12.43 -12.08
CA TYR B 171 14.70 -11.12 -12.64
C TYR B 171 15.41 -11.32 -13.98
N LEU B 172 16.39 -12.25 -14.01
CA LEU B 172 17.19 -12.57 -15.19
C LEU B 172 16.34 -13.23 -16.27
N MET B 173 15.46 -14.16 -15.84
CA MET B 173 14.49 -14.85 -16.67
C MET B 173 13.58 -13.80 -17.33
N GLY B 174 13.10 -12.86 -16.51
CA GLY B 174 12.25 -11.75 -16.92
C GLY B 174 12.90 -10.81 -17.90
N GLU B 175 14.18 -10.45 -17.67
CA GLU B 175 14.98 -9.58 -18.54
C GLU B 175 15.18 -10.23 -19.91
N ARG B 176 15.37 -11.57 -19.91
CA ARG B 176 15.54 -12.38 -21.11
C ARG B 176 14.25 -12.54 -21.91
N LEU B 177 13.10 -12.59 -21.23
CA LEU B 177 11.81 -12.82 -21.89
C LEU B 177 10.98 -11.56 -22.09
N GLY B 178 11.41 -10.46 -21.49
CA GLY B 178 10.73 -9.16 -21.55
C GLY B 178 9.41 -9.20 -20.81
N VAL B 179 9.37 -9.95 -19.69
CA VAL B 179 8.18 -10.16 -18.85
C VAL B 179 8.56 -9.77 -17.41
N HIS B 180 7.58 -9.31 -16.60
CA HIS B 180 7.84 -8.98 -15.19
C HIS B 180 8.24 -10.25 -14.41
N PRO B 181 9.24 -10.17 -13.48
CA PRO B 181 9.63 -11.37 -12.71
C PRO B 181 8.49 -12.03 -11.96
N LEU B 182 7.40 -11.28 -11.68
CA LEU B 182 6.19 -11.78 -11.02
C LEU B 182 5.51 -12.85 -11.85
N SER B 183 5.63 -12.74 -13.18
CA SER B 183 5.03 -13.65 -14.14
C SER B 183 6.01 -14.66 -14.74
N CYS B 184 7.25 -14.67 -14.24
CA CYS B 184 8.29 -15.60 -14.66
C CYS B 184 8.51 -16.53 -13.49
N HIS B 185 8.15 -17.80 -13.64
CA HIS B 185 8.25 -18.75 -12.54
C HIS B 185 9.46 -19.67 -12.69
N GLY B 186 10.22 -19.78 -11.61
CA GLY B 186 11.42 -20.59 -11.56
C GLY B 186 11.90 -20.78 -10.14
N TRP B 187 12.44 -21.98 -9.84
CA TRP B 187 12.86 -22.32 -8.51
C TRP B 187 14.33 -22.74 -8.42
N VAL B 188 15.06 -22.06 -7.54
CA VAL B 188 16.46 -22.33 -7.25
C VAL B 188 16.44 -22.92 -5.84
N LEU B 189 16.87 -24.19 -5.70
CA LEU B 189 16.82 -24.90 -4.43
C LEU B 189 18.19 -25.33 -3.87
N GLY B 190 18.19 -25.86 -2.65
CA GLY B 190 19.37 -26.34 -1.97
C GLY B 190 20.15 -25.29 -1.24
N GLU B 191 21.47 -25.29 -1.42
CA GLU B 191 22.40 -24.37 -0.78
C GLU B 191 22.32 -22.97 -1.36
N HIS B 192 22.39 -21.95 -0.50
CA HIS B 192 22.42 -20.57 -0.96
C HIS B 192 23.85 -20.31 -1.45
N GLY B 193 23.97 -19.74 -2.65
CA GLY B 193 25.27 -19.46 -3.26
C GLY B 193 25.61 -20.35 -4.42
N ASP B 194 26.88 -20.75 -4.50
CA ASP B 194 27.47 -21.57 -5.58
C ASP B 194 26.82 -22.92 -5.82
N SER B 195 26.55 -23.69 -4.75
CA SER B 195 26.01 -25.05 -4.83
C SER B 195 24.48 -25.13 -5.10
N SER B 196 23.80 -23.98 -5.32
CA SER B 196 22.36 -23.91 -5.61
C SER B 196 21.96 -24.72 -6.84
N VAL B 197 20.71 -25.24 -6.84
CA VAL B 197 20.18 -26.12 -7.88
C VAL B 197 19.00 -25.48 -8.64
N PRO B 198 19.18 -25.19 -9.94
CA PRO B 198 18.06 -24.66 -10.74
C PRO B 198 17.11 -25.79 -11.16
N VAL B 199 15.85 -25.70 -10.76
CA VAL B 199 14.87 -26.73 -11.11
C VAL B 199 14.23 -26.36 -12.47
N TRP B 200 14.94 -26.72 -13.56
CA TRP B 200 14.53 -26.46 -14.95
C TRP B 200 13.13 -26.99 -15.27
N SER B 201 12.74 -28.14 -14.66
CA SER B 201 11.45 -28.83 -14.80
C SER B 201 10.28 -27.90 -14.54
N GLY B 202 10.37 -27.13 -13.45
CA GLY B 202 9.36 -26.19 -13.00
C GLY B 202 9.42 -24.79 -13.59
N MET B 203 10.49 -24.45 -14.32
CA MET B 203 10.70 -23.14 -14.95
C MET B 203 9.64 -22.90 -16.03
N ASN B 204 8.77 -21.89 -15.82
CA ASN B 204 7.67 -21.62 -16.76
C ASN B 204 7.16 -20.18 -16.74
N VAL B 205 6.32 -19.87 -17.73
CA VAL B 205 5.57 -18.62 -17.88
C VAL B 205 4.14 -19.07 -18.28
N ALA B 206 3.14 -18.64 -17.50
CA ALA B 206 1.72 -18.92 -17.73
C ALA B 206 1.35 -20.43 -17.77
N GLY B 207 2.13 -21.25 -17.08
CA GLY B 207 1.93 -22.69 -17.00
C GLY B 207 2.64 -23.46 -18.08
N VAL B 208 3.16 -22.75 -19.10
CA VAL B 208 3.86 -23.34 -20.23
C VAL B 208 5.30 -23.70 -19.83
N SER B 209 5.65 -24.99 -19.93
CA SER B 209 7.00 -25.49 -19.59
C SER B 209 8.05 -25.07 -20.63
N LEU B 210 9.10 -24.40 -20.16
CA LEU B 210 10.21 -23.94 -20.99
C LEU B 210 11.10 -25.11 -21.41
N LYS B 211 11.20 -26.15 -20.55
CA LYS B 211 11.97 -27.36 -20.84
C LYS B 211 11.25 -28.18 -21.92
N THR B 212 9.89 -28.10 -21.98
CA THR B 212 9.12 -28.79 -23.01
C THR B 212 9.32 -28.10 -24.36
N LEU B 213 9.27 -26.75 -24.38
CA LEU B 213 9.45 -25.94 -25.59
CA LEU B 213 9.45 -25.95 -25.58
C LEU B 213 10.89 -25.93 -26.07
N HIS B 214 11.86 -26.00 -25.13
CA HIS B 214 13.29 -25.94 -25.41
C HIS B 214 14.00 -27.09 -24.67
N PRO B 215 13.98 -28.34 -25.22
CA PRO B 215 14.56 -29.49 -24.52
C PRO B 215 15.98 -29.32 -23.98
N ASP B 216 16.83 -28.56 -24.67
CA ASP B 216 18.23 -28.33 -24.28
C ASP B 216 18.41 -27.43 -23.03
N LEU B 217 17.31 -26.83 -22.52
CA LEU B 217 17.29 -25.95 -21.34
C LEU B 217 18.03 -26.58 -20.15
N GLY B 218 19.10 -25.93 -19.73
CA GLY B 218 19.91 -26.39 -18.60
C GLY B 218 21.17 -27.16 -18.95
N THR B 219 21.22 -27.75 -20.17
CA THR B 219 22.37 -28.52 -20.63
C THR B 219 23.45 -27.61 -21.26
N ASP B 220 24.64 -28.17 -21.54
CA ASP B 220 25.73 -27.43 -22.19
C ASP B 220 25.43 -27.32 -23.69
N LYS B 221 24.61 -28.26 -24.24
CA LYS B 221 24.17 -28.33 -25.64
C LYS B 221 23.37 -27.08 -26.05
N ASP B 222 22.69 -26.43 -25.08
CA ASP B 222 21.85 -25.24 -25.24
C ASP B 222 22.53 -24.08 -25.99
N LYS B 223 22.00 -23.77 -27.17
CA LYS B 223 22.48 -22.68 -28.04
C LYS B 223 22.22 -21.31 -27.39
N GLU B 224 21.04 -21.17 -26.75
CA GLU B 224 20.62 -19.94 -26.08
C GLU B 224 21.31 -19.71 -24.73
N GLN B 225 22.11 -20.69 -24.27
CA GLN B 225 22.89 -20.66 -23.02
C GLN B 225 22.07 -20.27 -21.77
N TRP B 226 20.88 -20.90 -21.59
CA TRP B 226 20.01 -20.64 -20.44
C TRP B 226 20.63 -21.12 -19.13
N LYS B 227 21.61 -22.03 -19.20
CA LYS B 227 22.36 -22.53 -18.05
C LYS B 227 23.12 -21.33 -17.41
N GLU B 228 23.39 -20.28 -18.22
CA GLU B 228 24.06 -19.07 -17.77
C GLU B 228 23.19 -18.26 -16.84
N VAL B 229 21.84 -18.27 -17.02
CA VAL B 229 20.90 -17.55 -16.17
C VAL B 229 21.13 -17.91 -14.69
N HIS B 230 21.27 -19.22 -14.39
CA HIS B 230 21.56 -19.72 -13.05
C HIS B 230 22.98 -19.36 -12.63
N LYS B 231 23.96 -19.42 -13.58
CA LYS B 231 25.35 -19.06 -13.27
C LYS B 231 25.47 -17.58 -12.90
N GLN B 232 24.70 -16.72 -13.60
CA GLN B 232 24.60 -15.28 -13.40
C GLN B 232 24.06 -14.96 -12.01
N VAL B 233 23.14 -15.79 -11.46
CA VAL B 233 22.58 -15.65 -10.11
C VAL B 233 23.74 -15.69 -9.10
N VAL B 234 24.66 -16.67 -9.28
CA VAL B 234 25.86 -16.88 -8.48
C VAL B 234 26.87 -15.73 -8.75
N GLU B 235 27.14 -15.44 -10.05
CA GLU B 235 28.04 -14.37 -10.51
C GLU B 235 27.68 -13.01 -9.90
N SER B 236 26.39 -12.60 -10.04
CA SER B 236 25.81 -11.34 -9.57
C SER B 236 26.11 -11.07 -8.10
N ALA B 237 25.98 -12.10 -7.25
CA ALA B 237 26.25 -12.01 -5.82
C ALA B 237 27.67 -11.45 -5.57
N TYR B 238 28.68 -12.08 -6.21
CA TYR B 238 30.09 -11.69 -6.15
C TYR B 238 30.32 -10.35 -6.84
N GLU B 239 29.66 -10.13 -8.00
CA GLU B 239 29.79 -8.91 -8.81
C GLU B 239 29.38 -7.66 -8.04
N VAL B 240 28.19 -7.69 -7.39
CA VAL B 240 27.67 -6.60 -6.56
C VAL B 240 28.65 -6.35 -5.41
N ILE B 241 29.14 -7.44 -4.76
CA ILE B 241 30.12 -7.37 -3.66
C ILE B 241 31.42 -6.69 -4.13
N LYS B 242 31.88 -6.98 -5.36
CA LYS B 242 33.09 -6.39 -5.93
C LYS B 242 32.90 -4.88 -6.22
N LEU B 243 31.79 -4.52 -6.92
CA LEU B 243 31.46 -3.15 -7.34
C LEU B 243 31.06 -2.21 -6.20
N LYS B 244 30.17 -2.68 -5.31
CA LYS B 244 29.56 -1.95 -4.21
C LYS B 244 30.25 -2.16 -2.83
N GLY B 245 30.78 -3.36 -2.61
CA GLY B 245 31.45 -3.71 -1.36
C GLY B 245 30.69 -4.75 -0.57
N TYR B 246 29.37 -4.88 -0.84
CA TYR B 246 28.43 -5.77 -0.15
C TYR B 246 27.08 -5.79 -0.91
N THR B 247 26.13 -6.66 -0.49
CA THR B 247 24.76 -6.67 -1.02
C THR B 247 23.85 -6.29 0.15
N SER B 248 22.82 -5.46 -0.09
CA SER B 248 21.90 -5.03 0.96
C SER B 248 20.41 -4.95 0.53
N TRP B 249 20.08 -4.12 -0.48
CA TRP B 249 18.70 -3.88 -0.94
C TRP B 249 17.90 -5.15 -1.27
N ALA B 250 18.44 -6.00 -2.16
CA ALA B 250 17.83 -7.26 -2.60
C ALA B 250 17.50 -8.22 -1.45
N ILE B 251 18.45 -8.44 -0.52
CA ILE B 251 18.23 -9.33 0.62
C ILE B 251 17.18 -8.74 1.56
N GLY B 252 17.26 -7.42 1.79
CA GLY B 252 16.31 -6.69 2.63
C GLY B 252 14.88 -6.86 2.18
N LEU B 253 14.66 -6.72 0.87
CA LEU B 253 13.36 -6.86 0.21
C LEU B 253 12.83 -8.29 0.26
N SER B 254 13.72 -9.29 0.08
CA SER B 254 13.36 -10.71 0.12
C SER B 254 12.99 -11.14 1.54
N VAL B 255 13.75 -10.63 2.54
CA VAL B 255 13.52 -10.90 3.96
C VAL B 255 12.17 -10.34 4.39
N ALA B 256 11.84 -9.11 3.91
CA ALA B 256 10.56 -8.45 4.18
C ALA B 256 9.40 -9.22 3.54
N ASP B 257 9.65 -9.81 2.36
CA ASP B 257 8.67 -10.63 1.65
C ASP B 257 8.34 -11.87 2.52
N LEU B 258 9.37 -12.56 3.06
CA LEU B 258 9.18 -13.71 3.96
C LEU B 258 8.43 -13.24 5.22
N ALA B 259 8.84 -12.09 5.79
CA ALA B 259 8.24 -11.48 6.97
C ALA B 259 6.74 -11.25 6.77
N GLU B 260 6.32 -10.78 5.57
CA GLU B 260 4.91 -10.53 5.22
C GLU B 260 4.08 -11.82 5.27
N SER B 261 4.64 -12.92 4.75
CA SER B 261 3.98 -14.23 4.71
C SER B 261 3.81 -14.82 6.10
N ILE B 262 4.82 -14.60 6.97
CA ILE B 262 4.83 -15.07 8.36
C ILE B 262 3.89 -14.23 9.23
N MET B 263 4.04 -12.89 9.19
CA MET B 263 3.22 -11.96 9.98
C MET B 263 1.74 -11.97 9.62
N LYS B 264 1.39 -11.93 8.32
CA LYS B 264 0.00 -11.91 7.84
C LYS B 264 -0.64 -13.32 7.67
N ASN B 265 0.11 -14.41 7.99
CA ASN B 265 -0.30 -15.83 7.89
C ASN B 265 -0.91 -16.15 6.51
N LEU B 266 -0.25 -15.64 5.45
CA LEU B 266 -0.68 -15.76 4.05
C LEU B 266 -0.75 -17.19 3.54
N ARG B 267 0.25 -18.01 3.87
CA ARG B 267 0.42 -19.41 3.46
C ARG B 267 0.84 -19.48 1.98
N ARG B 268 1.87 -18.66 1.66
CA ARG B 268 2.51 -18.57 0.36
C ARG B 268 3.73 -19.48 0.37
N VAL B 269 4.05 -20.06 -0.78
CA VAL B 269 5.20 -20.96 -0.91
C VAL B 269 6.48 -20.15 -1.21
N HIS B 270 7.55 -20.37 -0.40
CA HIS B 270 8.83 -19.68 -0.55
C HIS B 270 10.02 -20.65 -0.50
N PRO B 271 11.10 -20.42 -1.28
CA PRO B 271 12.27 -21.30 -1.16
C PRO B 271 13.12 -20.86 0.04
N VAL B 272 12.89 -21.50 1.19
CA VAL B 272 13.59 -21.18 2.44
C VAL B 272 14.31 -22.39 3.02
N SER B 273 15.47 -22.15 3.65
CA SER B 273 16.29 -23.18 4.26
C SER B 273 15.56 -23.82 5.45
N THR B 274 15.33 -25.14 5.34
CA THR B 274 14.63 -25.96 6.34
C THR B 274 15.30 -27.32 6.53
N MET B 275 14.90 -28.03 7.59
CA MET B 275 15.35 -29.38 7.91
C MET B 275 14.83 -30.28 6.77
N ILE B 276 15.73 -30.71 5.87
CA ILE B 276 15.36 -31.52 4.72
C ILE B 276 15.60 -33.01 4.96
N LYS B 277 16.09 -33.35 6.17
CA LYS B 277 16.33 -34.71 6.65
C LYS B 277 15.05 -35.52 6.48
N GLY B 278 15.17 -36.68 5.83
CA GLY B 278 14.05 -37.56 5.56
C GLY B 278 13.73 -37.66 4.08
N LEU B 279 14.09 -36.62 3.32
CA LEU B 279 13.87 -36.54 1.87
C LEU B 279 15.18 -36.64 1.11
N TYR B 280 15.10 -37.14 -0.16
CA TYR B 280 16.20 -37.29 -1.12
C TYR B 280 17.40 -38.10 -0.58
N GLY B 281 17.11 -39.08 0.29
CA GLY B 281 18.08 -39.96 0.91
C GLY B 281 18.96 -39.31 1.96
N ILE B 282 18.61 -38.08 2.39
CA ILE B 282 19.38 -37.32 3.39
C ILE B 282 19.02 -37.78 4.81
N LYS B 283 20.06 -38.15 5.57
CA LYS B 283 19.93 -38.65 6.94
C LYS B 283 20.52 -37.71 8.01
N ASP B 284 21.39 -36.77 7.61
CA ASP B 284 22.01 -35.84 8.56
C ASP B 284 21.17 -34.59 8.82
N ASP B 285 21.39 -33.94 9.99
CA ASP B 285 20.67 -32.73 10.40
C ASP B 285 21.18 -31.53 9.62
N VAL B 286 20.69 -31.39 8.38
CA VAL B 286 21.08 -30.28 7.51
C VAL B 286 19.88 -29.46 7.06
N PHE B 287 20.11 -28.15 6.91
CA PHE B 287 19.10 -27.20 6.48
C PHE B 287 19.37 -26.76 5.06
N LEU B 288 18.50 -27.18 4.11
CA LEU B 288 18.61 -26.79 2.70
C LEU B 288 17.29 -26.22 2.20
N SER B 289 17.36 -25.34 1.19
CA SER B 289 16.17 -24.71 0.65
C SER B 289 15.33 -25.62 -0.23
N VAL B 290 14.04 -25.69 0.11
CA VAL B 290 12.97 -26.37 -0.61
C VAL B 290 11.74 -25.44 -0.50
N PRO B 291 10.73 -25.53 -1.42
CA PRO B 291 9.56 -24.67 -1.29
C PRO B 291 8.78 -24.98 0.00
N CYS B 292 8.54 -23.95 0.81
CA CYS B 292 7.85 -24.04 2.11
C CYS B 292 6.65 -23.12 2.19
N ILE B 293 5.58 -23.61 2.84
CA ILE B 293 4.37 -22.82 3.08
C ILE B 293 4.63 -22.04 4.37
N LEU B 294 4.75 -20.70 4.25
CA LEU B 294 5.04 -19.83 5.40
C LEU B 294 3.79 -19.17 5.93
N GLY B 295 3.64 -19.22 7.24
CA GLY B 295 2.52 -18.63 7.96
C GLY B 295 2.90 -18.18 9.36
N GLN B 296 1.89 -18.00 10.24
CA GLN B 296 2.05 -17.54 11.63
C GLN B 296 2.83 -18.53 12.53
N ASN B 297 3.06 -19.76 12.09
CA ASN B 297 3.80 -20.78 12.84
C ASN B 297 5.12 -21.15 12.13
N GLY B 298 5.53 -20.29 11.19
CA GLY B 298 6.72 -20.47 10.36
C GLY B 298 6.45 -21.39 9.20
N ILE B 299 7.32 -22.41 9.04
CA ILE B 299 7.20 -23.44 8.00
C ILE B 299 6.21 -24.50 8.52
N SER B 300 4.92 -24.35 8.14
CA SER B 300 3.86 -25.27 8.56
C SER B 300 3.85 -26.52 7.68
N ASP B 301 4.23 -26.34 6.40
CA ASP B 301 4.22 -27.39 5.38
C ASP B 301 5.39 -27.24 4.40
N LEU B 302 5.67 -28.33 3.66
CA LEU B 302 6.77 -28.46 2.72
C LEU B 302 6.25 -28.95 1.37
N VAL B 303 6.80 -28.43 0.25
CA VAL B 303 6.38 -28.88 -1.09
C VAL B 303 7.40 -29.90 -1.60
N LYS B 304 6.93 -31.13 -1.86
CA LYS B 304 7.75 -32.25 -2.34
C LYS B 304 7.96 -32.11 -3.84
N VAL B 305 9.11 -31.56 -4.22
CA VAL B 305 9.46 -31.33 -5.62
C VAL B 305 9.98 -32.61 -6.26
N THR B 306 9.41 -32.96 -7.43
CA THR B 306 9.82 -34.13 -8.22
C THR B 306 11.13 -33.72 -8.89
N LEU B 307 12.25 -34.21 -8.37
CA LEU B 307 13.58 -33.87 -8.87
C LEU B 307 14.21 -34.97 -9.69
N THR B 308 15.05 -34.60 -10.66
CA THR B 308 15.78 -35.56 -11.50
C THR B 308 16.89 -36.20 -10.67
N SER B 309 17.49 -37.29 -11.19
CA SER B 309 18.57 -38.02 -10.51
C SER B 309 19.79 -37.12 -10.27
N GLU B 310 20.05 -36.16 -11.20
CA GLU B 310 21.14 -35.19 -11.10
C GLU B 310 20.87 -34.21 -9.94
N GLU B 311 19.69 -33.57 -9.93
CA GLU B 311 19.24 -32.61 -8.92
C GLU B 311 19.28 -33.19 -7.51
N GLU B 312 18.68 -34.39 -7.34
CA GLU B 312 18.60 -35.15 -6.07
C GLU B 312 20.00 -35.46 -5.51
N ALA B 313 20.95 -35.79 -6.40
CA ALA B 313 22.35 -36.09 -6.06
C ALA B 313 23.08 -34.83 -5.62
N ARG B 314 22.69 -33.67 -6.17
CA ARG B 314 23.31 -32.38 -5.85
C ARG B 314 22.96 -31.91 -4.44
N LEU B 315 21.73 -32.23 -3.97
CA LEU B 315 21.27 -31.88 -2.63
C LEU B 315 21.89 -32.76 -1.56
N LYS B 316 22.11 -34.05 -1.87
CA LYS B 316 22.73 -35.03 -0.98
C LYS B 316 24.21 -34.69 -0.81
N LYS B 317 24.84 -34.17 -1.89
CA LYS B 317 26.23 -33.72 -1.94
C LYS B 317 26.34 -32.49 -1.02
N SER B 318 25.41 -31.53 -1.17
CA SER B 318 25.32 -30.32 -0.34
C SER B 318 25.17 -30.70 1.13
N ALA B 319 24.29 -31.69 1.42
CA ALA B 319 24.02 -32.23 2.76
C ALA B 319 25.28 -32.82 3.39
N ASP B 320 26.03 -33.65 2.61
CA ASP B 320 27.26 -34.29 3.06
C ASP B 320 28.35 -33.27 3.33
N THR B 321 28.48 -32.25 2.44
CA THR B 321 29.47 -31.18 2.58
C THR B 321 29.19 -30.35 3.84
N LEU B 322 27.93 -29.88 4.01
CA LEU B 322 27.51 -29.07 5.16
C LEU B 322 27.63 -29.81 6.48
N TRP B 323 27.20 -31.09 6.54
CA TRP B 323 27.31 -31.89 7.76
C TRP B 323 28.77 -32.15 8.14
N GLY B 324 29.64 -32.27 7.12
CA GLY B 324 31.08 -32.46 7.29
C GLY B 324 31.71 -31.32 8.08
N ILE B 325 31.15 -30.10 7.91
CA ILE B 325 31.55 -28.89 8.61
C ILE B 325 30.84 -28.85 9.97
N GLN B 326 29.52 -29.15 9.96
CA GLN B 326 28.64 -29.14 11.13
C GLN B 326 29.05 -30.07 12.27
N LYS B 327 29.53 -31.29 11.95
CA LYS B 327 29.97 -32.25 12.97
C LYS B 327 31.27 -31.81 13.67
N GLU B 328 32.11 -31.02 12.97
CA GLU B 328 33.37 -30.52 13.52
C GLU B 328 33.20 -29.25 14.39
N LEU B 329 31.98 -28.69 14.41
CA LEU B 329 31.64 -27.49 15.21
C LEU B 329 31.46 -27.87 16.67
N GLN B 330 32.00 -27.01 17.56
CA GLN B 330 31.92 -27.17 19.01
C GLN B 330 30.87 -26.19 19.56
N PHE B 331 29.84 -26.72 20.24
CA PHE B 331 28.73 -25.94 20.82
C PHE B 331 28.91 -25.60 22.30
N ALA C 1 -2.70 -41.35 0.22
CA ALA C 1 -1.77 -40.83 -0.78
C ALA C 1 -2.50 -40.00 -1.85
N THR C 2 -3.29 -38.99 -1.41
CA THR C 2 -4.02 -38.07 -2.29
C THR C 2 -3.02 -37.13 -2.97
N LEU C 3 -3.50 -36.26 -3.89
CA LEU C 3 -2.63 -35.30 -4.60
C LEU C 3 -1.96 -34.36 -3.59
N LYS C 4 -2.74 -33.84 -2.60
CA LYS C 4 -2.24 -32.98 -1.52
C LYS C 4 -1.16 -33.72 -0.71
N ASP C 5 -1.36 -35.04 -0.46
CA ASP C 5 -0.42 -35.89 0.26
C ASP C 5 0.87 -36.13 -0.53
N GLN C 6 0.77 -36.20 -1.86
CA GLN C 6 1.90 -36.41 -2.77
C GLN C 6 2.71 -35.12 -2.98
N LEU C 7 2.01 -33.97 -2.94
CA LEU C 7 2.59 -32.65 -3.17
C LEU C 7 3.12 -31.98 -1.89
N ILE C 8 2.33 -32.01 -0.81
CA ILE C 8 2.64 -31.33 0.45
C ILE C 8 2.92 -32.27 1.63
N TYR C 9 4.06 -32.06 2.31
CA TYR C 9 4.40 -32.79 3.53
C TYR C 9 4.03 -31.88 4.71
N ASN C 10 3.18 -32.38 5.62
CA ASN C 10 2.76 -31.61 6.77
C ASN C 10 3.75 -31.71 7.92
N LEU C 11 4.20 -30.55 8.43
CA LEU C 11 5.14 -30.45 9.55
C LEU C 11 4.37 -30.40 10.87
N LEU C 12 3.19 -29.72 10.87
CA LEU C 12 2.31 -29.60 12.03
C LEU C 12 0.84 -29.38 11.66
N LYS C 13 -0.06 -29.87 12.51
CA LYS C 13 -1.51 -29.70 12.38
C LYS C 13 -1.99 -28.67 13.41
N GLU C 14 -1.02 -28.02 14.11
CA GLU C 14 -1.21 -27.02 15.15
C GLU C 14 -1.99 -25.80 14.67
N GLU C 15 -3.33 -25.92 14.66
CA GLU C 15 -4.25 -24.87 14.28
C GLU C 15 -4.28 -23.84 15.39
N GLN C 16 -4.10 -22.56 15.04
CA GLN C 16 -4.05 -21.47 16.00
C GLN C 16 -5.15 -20.44 15.75
N THR C 17 -5.51 -19.69 16.81
CA THR C 17 -6.52 -18.63 16.80
C THR C 17 -6.04 -17.45 15.92
N PRO C 18 -6.93 -16.75 15.16
CA PRO C 18 -6.46 -15.62 14.33
C PRO C 18 -5.88 -14.50 15.18
N GLN C 19 -4.76 -13.93 14.74
CA GLN C 19 -4.02 -12.89 15.46
C GLN C 19 -4.65 -11.50 15.35
N ASN C 20 -5.13 -11.13 14.15
CA ASN C 20 -5.69 -9.80 13.89
C ASN C 20 -7.04 -9.91 13.17
N LYS C 21 -8.01 -10.55 13.81
CA LYS C 21 -9.35 -10.77 13.26
C LYS C 21 -10.29 -9.57 13.44
N ILE C 22 -11.13 -9.32 12.41
CA ILE C 22 -12.17 -8.28 12.38
C ILE C 22 -13.52 -8.93 12.02
N THR C 23 -14.59 -8.41 12.62
CA THR C 23 -15.96 -8.84 12.34
C THR C 23 -16.80 -7.63 11.90
N VAL C 24 -17.62 -7.81 10.85
CA VAL C 24 -18.55 -6.80 10.38
C VAL C 24 -19.97 -7.39 10.52
N VAL C 25 -20.76 -6.83 11.47
CA VAL C 25 -22.15 -7.25 11.71
C VAL C 25 -23.04 -6.30 10.90
N GLY C 26 -23.68 -6.86 9.88
CA GLY C 26 -24.53 -6.14 8.94
C GLY C 26 -23.86 -6.08 7.59
N VAL C 27 -24.29 -6.94 6.65
CA VAL C 27 -23.67 -6.97 5.32
C VAL C 27 -24.50 -6.15 4.32
N GLY C 28 -25.03 -5.02 4.80
CA GLY C 28 -25.77 -4.07 3.97
C GLY C 28 -24.81 -3.25 3.13
N ALA C 29 -25.29 -2.09 2.64
CA ALA C 29 -24.44 -1.23 1.81
C ALA C 29 -23.24 -0.67 2.61
N VAL C 30 -23.48 -0.23 3.85
CA VAL C 30 -22.48 0.35 4.74
C VAL C 30 -21.43 -0.69 5.14
N GLY C 31 -21.88 -1.82 5.68
CA GLY C 31 -21.02 -2.91 6.15
C GLY C 31 -20.12 -3.51 5.10
N MET C 32 -20.65 -3.67 3.86
CA MET C 32 -19.86 -4.22 2.76
C MET C 32 -18.80 -3.25 2.26
N ALA C 33 -19.07 -1.95 2.39
CA ALA C 33 -18.13 -0.90 2.04
C ALA C 33 -17.01 -0.86 3.10
N CYS C 34 -17.37 -1.16 4.37
CA CYS C 34 -16.42 -1.27 5.47
C CYS C 34 -15.56 -2.51 5.20
N ALA C 35 -16.21 -3.65 4.84
CA ALA C 35 -15.55 -4.92 4.53
C ALA C 35 -14.51 -4.80 3.42
N ILE C 36 -14.88 -4.17 2.26
CA ILE C 36 -13.94 -3.99 1.13
C ILE C 36 -12.77 -3.04 1.48
N SER C 37 -13.05 -1.92 2.15
CA SER C 37 -12.02 -0.97 2.56
C SER C 37 -11.00 -1.61 3.50
N ILE C 38 -11.46 -2.44 4.46
CA ILE C 38 -10.61 -3.14 5.42
C ILE C 38 -9.73 -4.15 4.70
N LEU C 39 -10.34 -4.93 3.78
CA LEU C 39 -9.66 -5.95 2.98
C LEU C 39 -8.57 -5.36 2.14
N MET C 40 -8.81 -4.18 1.57
CA MET C 40 -7.83 -3.52 0.72
C MET C 40 -6.77 -2.72 1.48
N LYS C 41 -6.96 -2.52 2.80
CA LYS C 41 -6.00 -1.80 3.63
C LYS C 41 -5.07 -2.75 4.37
N ASP C 42 -5.29 -4.09 4.19
CA ASP C 42 -4.52 -5.20 4.79
C ASP C 42 -4.42 -5.07 6.32
N LEU C 43 -5.59 -5.01 6.98
CA LEU C 43 -5.66 -4.83 8.44
C LEU C 43 -6.00 -6.10 9.20
N ALA C 44 -6.66 -7.07 8.53
CA ALA C 44 -7.09 -8.33 9.15
C ALA C 44 -6.46 -9.58 8.55
N ASP C 45 -6.22 -10.61 9.38
CA ASP C 45 -5.71 -11.89 8.92
C ASP C 45 -6.93 -12.84 8.72
N GLU C 46 -8.07 -12.47 9.30
CA GLU C 46 -9.35 -13.15 9.20
C GLU C 46 -10.48 -12.14 9.24
N LEU C 47 -11.45 -12.25 8.33
CA LEU C 47 -12.62 -11.39 8.27
C LEU C 47 -13.90 -12.23 8.41
N ALA C 48 -14.72 -11.92 9.43
CA ALA C 48 -15.99 -12.62 9.69
C ALA C 48 -17.19 -11.71 9.42
N LEU C 49 -18.20 -12.24 8.72
CA LEU C 49 -19.41 -11.47 8.39
C LEU C 49 -20.65 -12.05 9.03
N VAL C 50 -21.50 -11.19 9.60
CA VAL C 50 -22.73 -11.61 10.27
C VAL C 50 -23.90 -10.78 9.78
N ASP C 51 -25.06 -11.44 9.57
CA ASP C 51 -26.32 -10.85 9.15
C ASP C 51 -27.44 -11.86 9.41
N VAL C 52 -28.70 -11.40 9.34
CA VAL C 52 -29.88 -12.25 9.53
C VAL C 52 -30.40 -12.79 8.19
N ILE C 53 -30.04 -12.15 7.06
CA ILE C 53 -30.45 -12.59 5.72
C ILE C 53 -29.40 -13.59 5.19
N GLU C 54 -29.58 -14.89 5.53
CA GLU C 54 -28.70 -16.02 5.21
C GLU C 54 -28.14 -16.04 3.78
N ASP C 55 -29.01 -15.86 2.76
CA ASP C 55 -28.61 -15.86 1.34
CA ASP C 55 -28.62 -15.88 1.34
C ASP C 55 -27.68 -14.71 0.97
N LYS C 56 -28.08 -13.46 1.28
CA LYS C 56 -27.30 -12.23 1.03
C LYS C 56 -25.92 -12.34 1.72
N LEU C 57 -25.89 -12.91 2.94
CA LEU C 57 -24.69 -13.14 3.73
C LEU C 57 -23.73 -14.12 3.06
N LYS C 58 -24.26 -15.23 2.49
CA LYS C 58 -23.44 -16.24 1.80
C LYS C 58 -22.84 -15.69 0.51
N GLY C 59 -23.67 -14.96 -0.26
CA GLY C 59 -23.30 -14.36 -1.53
C GLY C 59 -22.19 -13.34 -1.39
N GLU C 60 -22.31 -12.43 -0.40
CA GLU C 60 -21.30 -11.40 -0.14
C GLU C 60 -19.98 -12.03 0.31
N MET C 61 -20.05 -13.09 1.14
CA MET C 61 -18.87 -13.81 1.60
C MET C 61 -18.11 -14.42 0.42
N MET C 62 -18.83 -15.11 -0.48
CA MET C 62 -18.29 -15.76 -1.69
C MET C 62 -17.67 -14.74 -2.66
N ASP C 63 -18.37 -13.61 -2.92
CA ASP C 63 -17.89 -12.51 -3.78
C ASP C 63 -16.55 -11.95 -3.26
N LEU C 64 -16.39 -11.81 -1.93
CA LEU C 64 -15.14 -11.34 -1.34
C LEU C 64 -14.06 -12.42 -1.42
N GLN C 65 -14.45 -13.70 -1.26
CA GLN C 65 -13.53 -14.85 -1.32
C GLN C 65 -12.93 -15.04 -2.69
N HIS C 66 -13.69 -14.72 -3.76
CA HIS C 66 -13.22 -14.86 -5.14
C HIS C 66 -12.16 -13.82 -5.52
N GLY C 67 -11.98 -12.80 -4.67
CA GLY C 67 -10.97 -11.77 -4.84
C GLY C 67 -9.72 -12.01 -4.00
N SER C 68 -9.67 -13.15 -3.26
CA SER C 68 -8.59 -13.58 -2.36
C SER C 68 -7.17 -13.52 -2.96
N LEU C 69 -7.06 -13.69 -4.28
CA LEU C 69 -5.81 -13.64 -5.04
C LEU C 69 -5.23 -12.21 -5.02
N PHE C 70 -6.13 -11.22 -5.01
CA PHE C 70 -5.84 -9.79 -5.02
C PHE C 70 -5.80 -9.19 -3.62
N LEU C 71 -6.03 -10.01 -2.59
CA LEU C 71 -6.02 -9.58 -1.19
C LEU C 71 -4.91 -10.29 -0.36
N ARG C 72 -4.70 -9.80 0.87
CA ARG C 72 -3.73 -10.34 1.84
C ARG C 72 -4.44 -10.72 3.15
N THR C 73 -5.71 -11.16 3.06
CA THR C 73 -6.54 -11.63 4.17
C THR C 73 -6.83 -13.11 3.88
N PRO C 74 -6.00 -14.04 4.42
CA PRO C 74 -6.13 -15.47 4.05
C PRO C 74 -7.45 -16.16 4.36
N LYS C 75 -8.23 -15.67 5.35
CA LYS C 75 -9.49 -16.32 5.70
C LYS C 75 -10.69 -15.38 5.74
N ILE C 76 -11.74 -15.70 4.95
CA ILE C 76 -13.00 -14.95 4.91
C ILE C 76 -14.17 -15.89 5.25
N VAL C 77 -14.77 -15.71 6.44
CA VAL C 77 -15.87 -16.53 6.96
C VAL C 77 -17.15 -15.72 7.17
N SER C 78 -18.30 -16.42 7.28
CA SER C 78 -19.62 -15.81 7.53
C SER C 78 -20.62 -16.80 8.14
N GLY C 79 -21.72 -16.27 8.67
CA GLY C 79 -22.78 -17.06 9.27
C GLY C 79 -23.74 -16.29 10.15
N LYS C 80 -24.95 -16.85 10.34
CA LYS C 80 -26.00 -16.29 11.18
C LYS C 80 -25.59 -16.43 12.65
N ASP C 81 -24.95 -17.56 13.00
CA ASP C 81 -24.46 -17.81 14.36
C ASP C 81 -23.11 -17.14 14.58
N TYR C 82 -22.99 -16.42 15.69
CA TYR C 82 -21.82 -15.63 16.11
C TYR C 82 -20.60 -16.46 16.51
N ASN C 83 -20.65 -17.79 16.35
CA ASN C 83 -19.50 -18.67 16.64
C ASN C 83 -18.38 -18.39 15.63
N VAL C 84 -18.76 -17.89 14.44
CA VAL C 84 -17.87 -17.49 13.34
C VAL C 84 -17.03 -16.26 13.70
N THR C 85 -17.50 -15.46 14.68
CA THR C 85 -16.84 -14.22 15.15
C THR C 85 -15.84 -14.43 16.28
N ALA C 86 -15.69 -15.67 16.79
CA ALA C 86 -14.78 -16.01 17.90
C ALA C 86 -13.37 -15.40 17.77
N ASN C 87 -12.87 -14.80 18.87
CA ASN C 87 -11.55 -14.19 19.02
C ASN C 87 -11.28 -13.02 18.03
N SER C 88 -12.25 -12.09 17.92
CA SER C 88 -12.14 -10.89 17.09
C SER C 88 -11.51 -9.76 17.89
N LYS C 89 -10.55 -9.04 17.29
CA LYS C 89 -9.89 -7.90 17.91
C LYS C 89 -10.84 -6.71 17.86
N LEU C 90 -11.52 -6.52 16.71
CA LEU C 90 -12.46 -5.41 16.49
C LEU C 90 -13.77 -5.90 15.89
N VAL C 91 -14.90 -5.44 16.45
CA VAL C 91 -16.23 -5.81 15.96
C VAL C 91 -16.99 -4.54 15.52
N ILE C 92 -17.27 -4.44 14.22
CA ILE C 92 -17.96 -3.30 13.63
C ILE C 92 -19.45 -3.60 13.46
N ILE C 93 -20.29 -2.83 14.15
CA ILE C 93 -21.76 -2.98 14.10
C ILE C 93 -22.31 -1.97 13.12
N THR C 94 -22.98 -2.46 12.08
CA THR C 94 -23.61 -1.67 11.03
C THR C 94 -25.07 -2.10 10.87
N ALA C 95 -25.49 -3.16 11.59
CA ALA C 95 -26.83 -3.73 11.55
C ALA C 95 -27.96 -2.75 11.89
N GLY C 96 -29.02 -2.82 11.09
CA GLY C 96 -30.21 -2.00 11.19
C GLY C 96 -30.97 -2.00 9.87
N ALA C 97 -31.44 -0.81 9.45
CA ALA C 97 -32.16 -0.58 8.18
C ALA C 97 -32.22 0.93 7.89
N ARG C 98 -31.14 1.42 7.22
CA ARG C 98 -30.88 2.80 6.77
C ARG C 98 -31.47 3.90 7.69
N GLY C 102 -39.73 8.84 5.81
CA GLY C 102 -40.93 9.32 6.49
C GLY C 102 -40.90 9.20 8.00
N GLU C 103 -40.28 8.10 8.51
CA GLU C 103 -40.16 7.79 9.94
C GLU C 103 -39.27 8.80 10.71
N SER C 104 -39.50 8.91 12.04
CA SER C 104 -38.75 9.82 12.92
C SER C 104 -37.47 9.17 13.45
N ARG C 105 -36.72 9.88 14.32
CA ARG C 105 -35.48 9.38 14.91
C ARG C 105 -35.74 8.55 16.18
N LEU C 106 -36.75 8.94 17.00
CA LEU C 106 -37.15 8.25 18.24
C LEU C 106 -37.70 6.86 17.95
N ASN C 107 -38.46 6.70 16.85
CA ASN C 107 -39.06 5.42 16.40
C ASN C 107 -37.98 4.37 16.13
N LEU C 108 -36.84 4.82 15.57
CA LEU C 108 -35.68 4.03 15.21
C LEU C 108 -34.85 3.57 16.43
N VAL C 109 -34.84 4.35 17.52
CA VAL C 109 -34.03 4.05 18.73
C VAL C 109 -34.39 2.68 19.35
N GLN C 110 -35.59 2.52 19.98
CA GLN C 110 -36.04 1.25 20.59
C GLN C 110 -36.03 0.10 19.58
N ARG C 111 -36.33 0.43 18.30
CA ARG C 111 -36.30 -0.47 17.16
C ARG C 111 -34.89 -1.07 17.00
N ASN C 112 -33.83 -0.23 17.08
CA ASN C 112 -32.44 -0.66 16.99
C ASN C 112 -31.94 -1.24 18.32
N VAL C 113 -32.53 -0.81 19.46
CA VAL C 113 -32.19 -1.30 20.80
C VAL C 113 -32.51 -2.81 20.89
N ASN C 114 -33.69 -3.21 20.36
CA ASN C 114 -34.15 -4.61 20.33
C ASN C 114 -33.20 -5.48 19.50
N ILE C 115 -32.68 -4.92 18.39
CA ILE C 115 -31.71 -5.55 17.49
C ILE C 115 -30.38 -5.75 18.27
N PHE C 116 -29.90 -4.68 18.95
CA PHE C 116 -28.66 -4.67 19.74
C PHE C 116 -28.72 -5.58 20.94
N LYS C 117 -29.94 -5.83 21.48
CA LYS C 117 -30.19 -6.73 22.62
C LYS C 117 -29.81 -8.19 22.33
N PHE C 118 -29.66 -8.56 21.03
CA PHE C 118 -29.25 -9.90 20.59
C PHE C 118 -27.77 -9.92 20.17
N ILE C 119 -27.38 -8.95 19.31
CA ILE C 119 -26.02 -8.82 18.76
C ILE C 119 -24.95 -8.71 19.83
N ILE C 120 -25.00 -7.64 20.64
CA ILE C 120 -24.02 -7.32 21.68
C ILE C 120 -23.75 -8.53 22.61
N PRO C 121 -24.76 -9.19 23.25
CA PRO C 121 -24.43 -10.37 24.11
C PRO C 121 -23.68 -11.48 23.37
N ASN C 122 -24.16 -11.84 22.17
CA ASN C 122 -23.55 -12.85 21.29
C ASN C 122 -22.12 -12.46 20.90
N VAL C 123 -21.87 -11.15 20.68
CA VAL C 123 -20.54 -10.63 20.36
C VAL C 123 -19.63 -10.83 21.58
N VAL C 124 -20.11 -10.38 22.78
CA VAL C 124 -19.40 -10.50 24.06
C VAL C 124 -19.09 -11.97 24.40
N LYS C 125 -20.02 -12.89 24.08
CA LYS C 125 -19.89 -14.33 24.32
C LYS C 125 -18.63 -14.91 23.64
N TYR C 126 -18.53 -14.77 22.30
CA TYR C 126 -17.43 -15.32 21.50
C TYR C 126 -16.19 -14.42 21.44
N SER C 127 -16.33 -13.10 21.70
CA SER C 127 -15.21 -12.16 21.72
C SER C 127 -15.34 -11.17 22.91
N PRO C 128 -15.02 -11.63 24.15
CA PRO C 128 -15.18 -10.75 25.33
C PRO C 128 -14.14 -9.64 25.47
N ASN C 129 -13.00 -9.75 24.77
CA ASN C 129 -11.92 -8.75 24.87
C ASN C 129 -11.79 -7.85 23.62
N CYS C 130 -12.86 -7.76 22.82
CA CYS C 130 -12.88 -6.98 21.58
C CYS C 130 -13.14 -5.50 21.80
N LYS C 131 -12.86 -4.70 20.78
CA LYS C 131 -13.19 -3.27 20.75
C LYS C 131 -14.41 -3.18 19.84
N LEU C 132 -15.45 -2.50 20.30
CA LEU C 132 -16.66 -2.36 19.50
C LEU C 132 -16.68 -1.02 18.81
N LEU C 133 -16.89 -1.04 17.49
CA LEU C 133 -16.99 0.16 16.68
C LEU C 133 -18.41 0.21 16.15
N ILE C 134 -19.23 1.09 16.75
CA ILE C 134 -20.65 1.24 16.41
C ILE C 134 -20.82 2.26 15.29
N VAL C 135 -21.52 1.86 14.22
CA VAL C 135 -21.76 2.70 13.05
C VAL C 135 -23.25 3.01 12.92
N SER C 136 -24.13 2.02 13.21
CA SER C 136 -25.60 2.10 13.15
C SER C 136 -26.14 3.39 13.79
N ASN C 137 -27.07 4.08 13.11
CA ASN C 137 -27.63 5.34 13.62
C ASN C 137 -28.89 5.16 14.49
N PRO C 138 -29.12 6.03 15.52
CA PRO C 138 -28.30 7.16 16.00
C PRO C 138 -27.06 6.62 16.70
N VAL C 139 -25.89 6.85 16.10
CA VAL C 139 -24.59 6.35 16.55
C VAL C 139 -24.29 6.78 18.01
N ASP C 140 -24.55 8.05 18.36
CA ASP C 140 -24.31 8.59 19.70
C ASP C 140 -25.09 7.82 20.77
N ILE C 141 -26.38 7.55 20.49
CA ILE C 141 -27.27 6.79 21.38
C ILE C 141 -26.87 5.31 21.38
N LEU C 142 -26.76 4.69 20.20
CA LEU C 142 -26.44 3.25 20.08
C LEU C 142 -25.06 2.86 20.63
N THR C 143 -24.12 3.83 20.76
CA THR C 143 -22.81 3.55 21.35
C THR C 143 -23.02 3.35 22.85
N TYR C 144 -23.91 4.17 23.47
CA TYR C 144 -24.27 4.05 24.88
C TYR C 144 -25.02 2.71 25.08
N VAL C 145 -26.01 2.42 24.20
CA VAL C 145 -26.83 1.20 24.18
C VAL C 145 -25.91 -0.03 24.22
N ALA C 146 -24.89 -0.06 23.34
CA ALA C 146 -23.92 -1.15 23.26
C ALA C 146 -23.06 -1.24 24.52
N TRP C 147 -22.56 -0.09 25.03
CA TRP C 147 -21.75 0.01 26.25
C TRP C 147 -22.49 -0.50 27.48
N LYS C 148 -23.81 -0.25 27.54
CA LYS C 148 -24.68 -0.69 28.63
C LYS C 148 -24.85 -2.22 28.59
N ILE C 149 -25.28 -2.78 27.44
CA ILE C 149 -25.53 -4.21 27.25
C ILE C 149 -24.22 -5.05 27.37
N SER C 150 -23.08 -4.51 26.90
CA SER C 150 -21.80 -5.22 26.93
C SER C 150 -21.18 -5.34 28.32
N GLY C 151 -21.18 -4.24 29.07
CA GLY C 151 -20.51 -4.18 30.36
C GLY C 151 -19.01 -4.02 30.15
N PHE C 152 -18.62 -3.52 28.97
CA PHE C 152 -17.23 -3.28 28.60
C PHE C 152 -16.81 -1.90 29.12
N PRO C 153 -15.52 -1.70 29.47
CA PRO C 153 -15.08 -0.34 29.87
C PRO C 153 -15.15 0.62 28.67
N LYS C 154 -15.44 1.92 28.96
CA LYS C 154 -15.62 2.99 27.97
CA LYS C 154 -15.57 3.03 28.00
C LYS C 154 -14.63 2.95 26.79
N ASN C 155 -13.33 2.70 27.04
CA ASN C 155 -12.28 2.61 26.01
C ASN C 155 -12.54 1.60 24.90
N ARG C 156 -13.16 0.45 25.24
CA ARG C 156 -13.45 -0.62 24.28
C ARG C 156 -14.81 -0.44 23.56
N VAL C 157 -15.53 0.67 23.82
CA VAL C 157 -16.79 0.98 23.17
C VAL C 157 -16.64 2.31 22.45
N ILE C 158 -16.47 2.24 21.12
CA ILE C 158 -16.23 3.38 20.23
C ILE C 158 -17.37 3.53 19.26
N GLY C 159 -17.79 4.77 19.05
CA GLY C 159 -18.83 5.12 18.10
C GLY C 159 -18.26 5.94 16.97
N SER C 160 -18.62 5.60 15.72
CA SER C 160 -18.17 6.26 14.48
C SER C 160 -18.25 7.80 14.59
N GLY C 161 -19.35 8.28 15.14
CA GLY C 161 -19.63 9.69 15.42
C GLY C 161 -19.41 10.69 14.31
N CYS C 162 -18.50 11.65 14.55
CA CYS C 162 -18.19 12.73 13.62
C CYS C 162 -16.90 12.54 12.81
N ASN C 163 -16.45 11.27 12.62
CA ASN C 163 -15.26 10.98 11.82
C ASN C 163 -15.56 11.30 10.34
N LEU C 164 -16.76 10.95 9.87
CA LEU C 164 -17.25 11.20 8.52
C LEU C 164 -17.58 12.68 8.32
N ASP C 165 -18.21 13.31 9.32
CA ASP C 165 -18.60 14.73 9.33
C ASP C 165 -17.36 15.59 9.11
N SER C 166 -16.27 15.28 9.86
CA SER C 166 -14.99 15.98 9.75
C SER C 166 -14.34 15.72 8.39
N ALA C 167 -14.38 14.47 7.89
CA ALA C 167 -13.83 14.10 6.59
C ALA C 167 -14.52 14.89 5.48
N ARG C 168 -15.87 14.98 5.54
CA ARG C 168 -16.71 15.76 4.62
C ARG C 168 -16.35 17.24 4.72
N PHE C 169 -16.11 17.72 5.97
CA PHE C 169 -15.73 19.10 6.24
C PHE C 169 -14.40 19.44 5.59
N ARG C 170 -13.38 18.59 5.82
CA ARG C 170 -12.00 18.73 5.30
C ARG C 170 -11.94 18.70 3.78
N TYR C 171 -12.83 17.90 3.14
CA TYR C 171 -12.97 17.82 1.69
C TYR C 171 -13.55 19.15 1.15
N LEU C 172 -14.63 19.65 1.79
CA LEU C 172 -15.29 20.90 1.39
C LEU C 172 -14.39 22.11 1.59
N MET C 173 -13.59 22.09 2.68
CA MET C 173 -12.60 23.10 3.04
C MET C 173 -11.49 23.07 1.96
N GLY C 174 -11.15 21.85 1.51
CA GLY C 174 -10.13 21.58 0.49
C GLY C 174 -10.48 22.09 -0.89
N GLU C 175 -11.76 21.96 -1.27
CA GLU C 175 -12.28 22.41 -2.58
C GLU C 175 -12.26 23.93 -2.64
N ARG C 176 -12.72 24.60 -1.56
CA ARG C 176 -12.74 26.05 -1.43
C ARG C 176 -11.34 26.66 -1.58
N LEU C 177 -10.33 26.07 -0.91
CA LEU C 177 -8.96 26.58 -0.92
C LEU C 177 -8.06 26.02 -2.03
N GLY C 178 -8.47 24.92 -2.64
CA GLY C 178 -7.71 24.26 -3.70
C GLY C 178 -6.49 23.54 -3.15
N VAL C 179 -6.66 22.90 -1.98
CA VAL C 179 -5.62 22.17 -1.25
C VAL C 179 -6.18 20.76 -0.90
N HIS C 180 -5.31 19.73 -0.82
CA HIS C 180 -5.74 18.37 -0.47
C HIS C 180 -6.33 18.32 0.94
N PRO C 181 -7.47 17.62 1.15
CA PRO C 181 -8.05 17.53 2.51
C PRO C 181 -7.06 17.17 3.62
N LEU C 182 -6.01 16.37 3.31
CA LEU C 182 -4.96 15.97 4.26
C LEU C 182 -4.27 17.18 4.91
N SER C 183 -4.22 18.29 4.17
CA SER C 183 -3.60 19.54 4.59
C SER C 183 -4.60 20.62 5.04
N CYS C 184 -5.91 20.30 4.95
CA CYS C 184 -6.97 21.20 5.37
C CYS C 184 -7.52 20.65 6.67
N HIS C 185 -7.09 21.24 7.78
CA HIS C 185 -7.43 20.82 9.13
C HIS C 185 -8.62 21.59 9.67
N GLY C 186 -9.58 20.85 10.20
CA GLY C 186 -10.82 21.36 10.76
C GLY C 186 -11.56 20.28 11.54
N TRP C 187 -12.22 20.66 12.65
CA TRP C 187 -12.90 19.66 13.47
C TRP C 187 -14.40 19.89 13.67
N VAL C 188 -15.19 18.85 13.37
CA VAL C 188 -16.63 18.80 13.57
C VAL C 188 -16.83 17.86 14.76
N LEU C 189 -17.45 18.36 15.86
CA LEU C 189 -17.63 17.58 17.08
C LEU C 189 -19.08 17.49 17.58
N GLY C 190 -19.26 16.76 18.69
CA GLY C 190 -20.54 16.57 19.37
C GLY C 190 -21.45 15.52 18.79
N GLU C 191 -22.73 15.89 18.61
CA GLU C 191 -23.75 14.98 18.09
C GLU C 191 -23.58 14.79 16.61
N HIS C 192 -23.65 13.55 16.17
CA HIS C 192 -23.55 13.21 14.75
C HIS C 192 -24.83 13.60 14.04
N GLY C 193 -24.68 14.15 12.84
CA GLY C 193 -25.80 14.57 12.01
C GLY C 193 -26.02 16.07 12.04
N ASP C 194 -27.29 16.47 12.10
CA ASP C 194 -27.74 17.87 12.09
C ASP C 194 -27.24 18.73 13.25
N SER C 195 -27.05 18.13 14.44
CA SER C 195 -26.62 18.84 15.64
C SER C 195 -25.08 18.90 15.85
N SER C 196 -24.31 18.71 14.78
CA SER C 196 -22.84 18.75 14.85
C SER C 196 -22.30 20.16 15.03
N VAL C 197 -21.12 20.26 15.67
CA VAL C 197 -20.49 21.54 16.01
C VAL C 197 -19.18 21.77 15.23
N PRO C 198 -19.17 22.75 14.29
CA PRO C 198 -17.93 23.07 13.58
C PRO C 198 -17.02 23.96 14.44
N VAL C 199 -15.89 23.41 14.90
CA VAL C 199 -14.97 24.13 15.77
C VAL C 199 -14.04 25.04 14.92
N TRP C 200 -14.51 26.27 14.68
CA TRP C 200 -13.85 27.31 13.88
C TRP C 200 -12.46 27.69 14.36
N SER C 201 -12.24 27.70 15.70
CA SER C 201 -10.97 28.01 16.33
C SER C 201 -9.81 27.12 15.88
N GLY C 202 -10.12 25.85 15.58
CA GLY C 202 -9.14 24.85 15.15
C GLY C 202 -8.98 24.69 13.66
N MET C 203 -9.86 25.36 12.88
CA MET C 203 -9.85 25.33 11.42
C MET C 203 -8.62 26.09 10.91
N ASN C 204 -7.67 25.35 10.32
CA ASN C 204 -6.41 25.92 9.86
C ASN C 204 -5.77 25.18 8.69
N VAL C 205 -4.81 25.85 8.04
CA VAL C 205 -3.98 25.33 6.96
C VAL C 205 -2.56 25.69 7.34
N ALA C 206 -1.72 24.66 7.55
CA ALA C 206 -0.30 24.76 7.92
C ALA C 206 -0.04 25.57 9.20
N GLY C 207 -0.83 25.28 10.22
CA GLY C 207 -0.74 25.94 11.53
C GLY C 207 -1.25 27.36 11.56
N VAL C 208 -1.86 27.83 10.46
CA VAL C 208 -2.38 29.20 10.35
C VAL C 208 -3.87 29.18 10.66
N SER C 209 -4.25 29.61 11.87
CA SER C 209 -5.64 29.71 12.30
C SER C 209 -6.43 30.61 11.34
N LEU C 210 -7.50 30.07 10.75
CA LEU C 210 -8.35 30.81 9.82
C LEU C 210 -9.25 31.81 10.56
N LYS C 211 -9.41 31.63 11.89
CA LYS C 211 -10.19 32.51 12.76
C LYS C 211 -9.37 33.76 13.08
N THR C 212 -8.04 33.63 13.19
CA THR C 212 -7.12 34.73 13.48
C THR C 212 -7.09 35.72 12.30
N LEU C 213 -6.99 35.20 11.05
CA LEU C 213 -6.96 36.01 9.82
C LEU C 213 -8.34 36.59 9.50
N HIS C 214 -9.39 35.77 9.64
CA HIS C 214 -10.78 36.14 9.40
C HIS C 214 -11.51 36.06 10.75
N PRO C 215 -11.54 37.16 11.55
CA PRO C 215 -12.17 37.10 12.89
C PRO C 215 -13.68 36.80 12.90
N ASP C 216 -14.38 37.04 11.77
CA ASP C 216 -15.81 36.77 11.67
C ASP C 216 -16.12 35.39 11.06
N LEU C 217 -15.14 34.47 11.10
CA LEU C 217 -15.25 33.09 10.59
C LEU C 217 -16.31 32.28 11.33
N GLY C 218 -17.22 31.68 10.57
CA GLY C 218 -18.30 30.85 11.07
C GLY C 218 -19.34 31.58 11.91
N THR C 219 -19.59 32.85 11.57
CA THR C 219 -20.57 33.72 12.23
C THR C 219 -21.56 34.22 11.17
N ASP C 220 -22.72 34.75 11.60
CA ASP C 220 -23.73 35.30 10.69
C ASP C 220 -23.26 36.61 10.02
N LYS C 221 -22.15 37.20 10.51
CA LYS C 221 -21.52 38.41 9.99
C LYS C 221 -20.73 38.11 8.72
N ASP C 222 -19.80 37.12 8.79
CA ASP C 222 -18.88 36.61 7.74
C ASP C 222 -19.19 37.03 6.30
N LYS C 223 -18.26 37.77 5.68
CA LYS C 223 -18.36 38.26 4.30
C LYS C 223 -18.37 37.10 3.29
N GLU C 224 -17.46 36.11 3.48
CA GLU C 224 -17.32 34.93 2.63
C GLU C 224 -18.31 33.82 2.95
N GLN C 225 -18.97 33.90 4.14
CA GLN C 225 -19.97 32.94 4.64
C GLN C 225 -19.41 31.51 4.74
N TRP C 226 -18.36 31.33 5.57
CA TRP C 226 -17.71 30.04 5.78
C TRP C 226 -18.57 29.05 6.57
N LYS C 227 -19.61 29.56 7.27
CA LYS C 227 -20.57 28.75 8.03
C LYS C 227 -21.36 27.84 7.09
N GLU C 228 -21.41 28.19 5.79
CA GLU C 228 -22.06 27.43 4.72
C GLU C 228 -21.35 26.10 4.44
N VAL C 229 -20.04 26.00 4.78
CA VAL C 229 -19.22 24.79 4.62
C VAL C 229 -19.77 23.70 5.55
N HIS C 230 -20.09 24.06 6.80
CA HIS C 230 -20.68 23.13 7.77
C HIS C 230 -22.14 22.84 7.38
N LYS C 231 -22.84 23.84 6.82
CA LYS C 231 -24.21 23.68 6.34
C LYS C 231 -24.21 22.69 5.18
N GLN C 232 -23.13 22.67 4.40
CA GLN C 232 -22.93 21.73 3.31
C GLN C 232 -22.62 20.32 3.83
N VAL C 233 -22.00 20.20 5.03
CA VAL C 233 -21.68 18.90 5.66
C VAL C 233 -23.00 18.16 5.93
N VAL C 234 -24.00 18.86 6.47
CA VAL C 234 -25.32 18.28 6.75
C VAL C 234 -26.12 18.11 5.44
N GLU C 235 -26.11 19.12 4.54
CA GLU C 235 -26.82 19.09 3.25
C GLU C 235 -26.38 17.97 2.30
N SER C 236 -25.04 17.82 2.10
CA SER C 236 -24.42 16.81 1.23
C SER C 236 -24.92 15.40 1.56
N ALA C 237 -24.91 15.04 2.85
CA ALA C 237 -25.37 13.74 3.35
C ALA C 237 -26.81 13.47 2.89
N TYR C 238 -27.73 14.46 3.08
CA TYR C 238 -29.13 14.38 2.66
C TYR C 238 -29.22 14.27 1.12
N GLU C 239 -28.37 15.05 0.40
CA GLU C 239 -28.30 15.08 -1.07
C GLU C 239 -27.95 13.72 -1.66
N VAL C 240 -26.92 13.04 -1.10
CA VAL C 240 -26.45 11.70 -1.50
C VAL C 240 -27.59 10.67 -1.40
N ILE C 241 -28.39 10.73 -0.32
CA ILE C 241 -29.56 9.85 -0.11
C ILE C 241 -30.66 10.18 -1.14
N LYS C 242 -30.81 11.47 -1.49
CA LYS C 242 -31.79 11.94 -2.48
C LYS C 242 -31.39 11.50 -3.91
N LEU C 243 -30.07 11.36 -4.15
CA LEU C 243 -29.50 11.01 -5.46
C LEU C 243 -29.30 9.51 -5.69
N LYS C 244 -28.75 8.77 -4.71
CA LYS C 244 -28.52 7.32 -4.87
C LYS C 244 -29.29 6.44 -3.85
N GLY C 245 -29.95 7.07 -2.87
CA GLY C 245 -30.77 6.38 -1.88
C GLY C 245 -30.08 5.96 -0.59
N TYR C 246 -28.74 5.95 -0.60
CA TYR C 246 -27.93 5.52 0.55
C TYR C 246 -26.51 6.07 0.48
N THR C 247 -25.70 5.78 1.50
CA THR C 247 -24.29 6.14 1.59
C THR C 247 -23.52 4.83 1.88
N SER C 248 -22.35 4.67 1.27
CA SER C 248 -21.57 3.46 1.50
C SER C 248 -20.08 3.71 1.50
N TRP C 249 -19.54 4.20 0.38
CA TRP C 249 -18.13 4.43 0.14
C TRP C 249 -17.45 5.34 1.17
N ALA C 250 -17.96 6.57 1.38
CA ALA C 250 -17.37 7.52 2.33
C ALA C 250 -17.31 6.98 3.78
N ILE C 251 -18.42 6.39 4.28
CA ILE C 251 -18.49 5.82 5.63
C ILE C 251 -17.54 4.61 5.74
N GLY C 252 -17.54 3.73 4.73
CA GLY C 252 -16.67 2.56 4.67
C GLY C 252 -15.20 2.91 4.81
N LEU C 253 -14.76 3.97 4.07
CA LEU C 253 -13.40 4.51 4.11
C LEU C 253 -13.06 5.08 5.48
N SER C 254 -14.00 5.85 6.09
CA SER C 254 -13.78 6.45 7.41
C SER C 254 -13.66 5.38 8.51
N VAL C 255 -14.50 4.32 8.44
CA VAL C 255 -14.47 3.20 9.38
C VAL C 255 -13.12 2.45 9.29
N ALA C 256 -12.65 2.19 8.06
CA ALA C 256 -11.39 1.49 7.81
C ALA C 256 -10.18 2.28 8.32
N ASP C 257 -10.29 3.62 8.35
CA ASP C 257 -9.23 4.50 8.87
C ASP C 257 -9.16 4.30 10.40
N LEU C 258 -10.34 4.25 11.06
CA LEU C 258 -10.47 3.99 12.50
C LEU C 258 -9.92 2.60 12.81
N ALA C 259 -10.25 1.63 11.95
CA ALA C 259 -9.79 0.25 12.06
C ALA C 259 -8.26 0.22 12.03
N GLU C 260 -7.62 0.97 11.11
CA GLU C 260 -6.16 1.08 10.98
C GLU C 260 -5.52 1.59 12.28
N SER C 261 -6.09 2.64 12.89
CA SER C 261 -5.56 3.18 14.14
C SER C 261 -5.59 2.13 15.25
N ILE C 262 -6.75 1.45 15.41
CA ILE C 262 -6.97 0.43 16.43
C ILE C 262 -6.09 -0.81 16.20
N MET C 263 -6.23 -1.45 15.02
CA MET C 263 -5.51 -2.66 14.63
C MET C 263 -3.99 -2.51 14.71
N LYS C 264 -3.46 -1.37 14.25
CA LYS C 264 -2.01 -1.12 14.23
C LYS C 264 -1.51 -0.33 15.44
N ASN C 265 -2.41 0.04 16.40
CA ASN C 265 -2.09 0.80 17.63
C ASN C 265 -1.30 2.08 17.28
N LEU C 266 -1.87 2.89 16.38
CA LEU C 266 -1.20 4.08 15.85
C LEU C 266 -1.19 5.27 16.78
N ARG C 267 -2.17 5.38 17.70
CA ARG C 267 -2.32 6.51 18.65
C ARG C 267 -2.55 7.83 17.88
N ARG C 268 -3.39 7.75 16.83
CA ARG C 268 -3.80 8.88 15.99
C ARG C 268 -5.05 9.46 16.60
N VAL C 269 -5.29 10.75 16.37
CA VAL C 269 -6.45 11.46 16.91
C VAL C 269 -7.59 11.47 15.90
N HIS C 270 -8.78 11.01 16.34
CA HIS C 270 -9.98 10.91 15.51
C HIS C 270 -11.20 11.48 16.22
N PRO C 271 -12.14 12.14 15.50
CA PRO C 271 -13.35 12.63 16.18
C PRO C 271 -14.37 11.48 16.25
N VAL C 272 -14.30 10.73 17.36
CA VAL C 272 -15.17 9.59 17.62
C VAL C 272 -16.02 9.78 18.86
N SER C 273 -17.16 9.08 18.90
CA SER C 273 -18.14 9.10 19.99
C SER C 273 -17.65 8.32 21.20
N THR C 274 -17.43 9.05 22.29
CA THR C 274 -17.04 8.50 23.59
C THR C 274 -17.88 9.19 24.66
N MET C 275 -17.88 8.65 25.89
CA MET C 275 -18.61 9.25 26.98
C MET C 275 -17.94 10.56 27.40
N ILE C 276 -18.68 11.66 27.28
CA ILE C 276 -18.21 13.01 27.60
C ILE C 276 -18.54 13.43 29.03
N LYS C 277 -19.10 12.51 29.87
CA LYS C 277 -19.46 12.76 31.27
C LYS C 277 -18.28 13.32 32.07
N GLY C 278 -18.51 14.52 32.63
CA GLY C 278 -17.51 15.25 33.40
C GLY C 278 -16.97 16.45 32.67
N LEU C 279 -17.23 16.54 31.35
CA LEU C 279 -16.78 17.64 30.49
C LEU C 279 -17.95 18.50 30.04
N TYR C 280 -17.70 19.80 29.88
CA TYR C 280 -18.64 20.83 29.41
C TYR C 280 -19.94 20.88 30.23
N GLY C 281 -19.80 20.64 31.54
CA GLY C 281 -20.90 20.65 32.49
C GLY C 281 -21.91 19.52 32.33
N ILE C 282 -21.49 18.42 31.65
CA ILE C 282 -22.32 17.25 31.40
C ILE C 282 -22.07 16.22 32.50
N LYS C 283 -23.14 15.71 33.11
CA LYS C 283 -23.07 14.74 34.22
C LYS C 283 -23.85 13.44 33.97
N ASP C 284 -24.55 13.36 32.81
CA ASP C 284 -25.31 12.17 32.40
C ASP C 284 -24.41 11.20 31.65
N ASP C 285 -24.77 9.89 31.64
CA ASP C 285 -24.03 8.86 30.92
C ASP C 285 -24.38 8.94 29.43
N VAL C 286 -23.84 9.95 28.73
CA VAL C 286 -24.08 10.15 27.29
C VAL C 286 -22.77 10.18 26.48
N PHE C 287 -22.86 9.72 25.22
CA PHE C 287 -21.73 9.64 24.30
C PHE C 287 -21.84 10.68 23.19
N LEU C 288 -20.77 11.50 23.04
CA LEU C 288 -20.66 12.51 21.99
C LEU C 288 -19.27 12.45 21.38
N SER C 289 -19.10 13.03 20.19
CA SER C 289 -17.82 13.01 19.51
C SER C 289 -16.90 14.13 19.95
N VAL C 290 -15.71 13.74 20.37
CA VAL C 290 -14.60 14.60 20.75
C VAL C 290 -13.36 13.97 20.10
N PRO C 291 -12.26 14.70 19.85
CA PRO C 291 -11.08 14.04 19.27
C PRO C 291 -10.44 13.10 20.30
N CYS C 292 -10.35 11.81 19.96
CA CYS C 292 -9.82 10.79 20.87
C CYS C 292 -8.57 10.13 20.30
N ILE C 293 -7.73 9.59 21.19
CA ILE C 293 -6.51 8.88 20.80
C ILE C 293 -6.85 7.40 20.68
N LEU C 294 -6.78 6.87 19.45
CA LEU C 294 -7.13 5.48 19.12
C LEU C 294 -5.94 4.54 19.03
N GLY C 295 -5.98 3.49 19.84
CA GLY C 295 -4.94 2.48 19.90
C GLY C 295 -5.49 1.07 19.95
N GLN C 296 -4.64 0.09 20.31
CA GLN C 296 -5.01 -1.33 20.38
C GLN C 296 -6.03 -1.67 21.47
N ASN C 297 -6.38 -0.70 22.32
CA ASN C 297 -7.38 -0.89 23.38
C ASN C 297 -8.49 0.16 23.29
N GLY C 298 -8.67 0.70 22.09
CA GLY C 298 -9.67 1.70 21.75
C GLY C 298 -9.31 3.11 22.17
N ILE C 299 -10.25 3.82 22.79
CA ILE C 299 -10.07 5.20 23.28
C ILE C 299 -9.24 5.18 24.58
N SER C 300 -7.92 5.24 24.46
CA SER C 300 -7.01 5.26 25.61
C SER C 300 -7.00 6.61 26.27
N ASP C 301 -7.22 7.67 25.46
CA ASP C 301 -7.20 9.06 25.88
C ASP C 301 -8.14 9.90 25.01
N LEU C 302 -8.51 11.10 25.49
CA LEU C 302 -9.30 12.05 24.72
C LEU C 302 -8.73 13.46 24.85
N VAL C 303 -8.84 14.24 23.78
CA VAL C 303 -8.32 15.61 23.72
C VAL C 303 -9.37 16.61 24.23
N LYS C 304 -8.98 17.40 25.23
CA LYS C 304 -9.80 18.45 25.84
C LYS C 304 -9.73 19.70 24.96
N VAL C 305 -10.77 19.89 24.14
CA VAL C 305 -10.87 21.02 23.21
C VAL C 305 -11.50 22.22 23.92
N THR C 306 -10.80 23.36 23.87
CA THR C 306 -11.30 24.60 24.45
C THR C 306 -12.34 25.13 23.46
N LEU C 307 -13.60 25.17 23.91
CA LEU C 307 -14.72 25.62 23.10
C LEU C 307 -15.25 26.94 23.61
N THR C 308 -16.04 27.63 22.78
CA THR C 308 -16.68 28.88 23.16
C THR C 308 -17.94 28.54 23.98
N SER C 309 -18.49 29.52 24.70
CA SER C 309 -19.70 29.37 25.51
C SER C 309 -20.87 28.89 24.63
N GLU C 310 -20.91 29.37 23.37
CA GLU C 310 -21.91 29.00 22.37
C GLU C 310 -21.73 27.54 21.94
N GLU C 311 -20.47 27.08 21.78
CA GLU C 311 -20.12 25.71 21.38
C GLU C 311 -20.39 24.69 22.49
N GLU C 312 -20.05 25.05 23.75
CA GLU C 312 -20.28 24.20 24.93
C GLU C 312 -21.78 23.99 25.17
N ALA C 313 -22.58 25.05 24.95
CA ALA C 313 -24.04 25.03 25.08
C ALA C 313 -24.65 24.09 24.04
N ARG C 314 -24.08 24.09 22.81
CA ARG C 314 -24.52 23.22 21.72
C ARG C 314 -24.31 21.76 22.10
N LEU C 315 -23.15 21.42 22.72
CA LEU C 315 -22.83 20.07 23.19
C LEU C 315 -23.75 19.67 24.34
N LYS C 316 -23.98 20.62 25.29
CA LYS C 316 -24.83 20.44 26.47
C LYS C 316 -26.28 20.16 26.06
N LYS C 317 -26.79 20.88 25.02
CA LYS C 317 -28.15 20.70 24.51
C LYS C 317 -28.29 19.29 23.94
N SER C 318 -27.30 18.86 23.12
CA SER C 318 -27.25 17.52 22.53
C SER C 318 -27.24 16.46 23.61
N ALA C 319 -26.39 16.66 24.65
CA ALA C 319 -26.24 15.77 25.80
C ALA C 319 -27.55 15.60 26.58
N ASP C 320 -28.33 16.70 26.75
CA ASP C 320 -29.62 16.69 27.45
C ASP C 320 -30.66 15.92 26.64
N THR C 321 -30.72 16.18 25.32
CA THR C 321 -31.67 15.57 24.39
C THR C 321 -31.45 14.06 24.27
N LEU C 322 -30.17 13.62 24.18
CA LEU C 322 -29.79 12.21 24.08
C LEU C 322 -30.16 11.45 25.35
N TRP C 323 -29.96 12.09 26.53
CA TRP C 323 -30.32 11.49 27.82
C TRP C 323 -31.84 11.38 27.99
N GLY C 324 -32.57 12.35 27.44
CA GLY C 324 -34.04 12.38 27.45
C GLY C 324 -34.63 11.16 26.79
N ILE C 325 -33.98 10.66 25.73
CA ILE C 325 -34.35 9.45 25.00
C ILE C 325 -33.83 8.22 25.79
N GLN C 326 -32.63 8.34 26.39
CA GLN C 326 -31.96 7.26 27.12
C GLN C 326 -32.64 6.85 28.43
N LYS C 327 -33.14 7.83 29.22
CA LYS C 327 -33.80 7.57 30.51
C LYS C 327 -35.12 6.78 30.38
N GLU C 328 -35.72 6.80 29.17
CA GLU C 328 -36.96 6.10 28.84
C GLU C 328 -36.70 4.72 28.23
N LEU C 329 -35.43 4.39 27.91
CA LEU C 329 -35.04 3.13 27.28
C LEU C 329 -35.14 1.91 28.18
N GLN C 330 -35.58 0.78 27.60
CA GLN C 330 -35.72 -0.53 28.24
C GLN C 330 -34.51 -1.38 27.90
N PHE C 331 -33.84 -1.97 28.93
CA PHE C 331 -32.67 -2.82 28.76
C PHE C 331 -32.90 -4.21 29.35
N ALA D 1 -7.01 40.22 -0.22
CA ALA D 1 -8.39 40.13 -0.71
C ALA D 1 -9.20 39.18 0.19
N THR D 2 -9.75 38.07 -0.37
CA THR D 2 -10.52 37.07 0.36
C THR D 2 -9.59 36.23 1.26
N LEU D 3 -10.16 35.35 2.11
CA LEU D 3 -9.42 34.48 3.02
C LEU D 3 -8.43 33.60 2.28
N LYS D 4 -8.85 33.03 1.12
CA LYS D 4 -8.02 32.20 0.24
C LYS D 4 -6.82 33.02 -0.26
N ASP D 5 -7.05 34.27 -0.72
CA ASP D 5 -6.02 35.17 -1.20
C ASP D 5 -5.09 35.67 -0.10
N GLN D 6 -5.61 35.84 1.13
CA GLN D 6 -4.83 36.29 2.29
C GLN D 6 -3.95 35.17 2.87
N LEU D 7 -4.45 33.92 2.82
CA LEU D 7 -3.78 32.73 3.33
C LEU D 7 -2.82 32.12 2.31
N ILE D 8 -3.24 32.03 1.04
CA ILE D 8 -2.45 31.39 -0.02
C ILE D 8 -2.11 32.35 -1.17
N TYR D 9 -0.80 32.51 -1.44
CA TYR D 9 -0.27 33.31 -2.54
C TYR D 9 -0.07 32.37 -3.74
N ASN D 10 -0.55 32.78 -4.92
CA ASN D 10 -0.45 31.99 -6.15
C ASN D 10 0.80 32.30 -6.99
N LEU D 11 1.51 31.24 -7.41
CA LEU D 11 2.71 31.31 -8.26
C LEU D 11 2.33 31.16 -9.74
N LEU D 12 1.27 30.34 -10.01
CA LEU D 12 0.72 30.05 -11.35
C LEU D 12 -0.64 29.35 -11.32
N LYS D 13 -1.43 29.58 -12.38
CA LYS D 13 -2.74 28.97 -12.61
C LYS D 13 -2.77 28.59 -14.10
N GLU D 14 -1.92 27.62 -14.48
CA GLU D 14 -1.76 27.19 -15.88
C GLU D 14 -1.91 25.67 -16.12
N GLU D 15 -1.79 25.27 -17.42
CA GLU D 15 -1.81 23.92 -18.00
C GLU D 15 -2.96 23.05 -17.47
N GLN D 16 -2.68 22.25 -16.40
CA GLN D 16 -3.60 21.31 -15.74
C GLN D 16 -4.14 20.23 -16.72
N THR D 17 -3.24 19.32 -17.11
CA THR D 17 -3.52 18.17 -17.99
C THR D 17 -3.37 16.87 -17.18
N PRO D 18 -4.29 15.88 -17.33
CA PRO D 18 -4.19 14.66 -16.52
C PRO D 18 -3.09 13.70 -17.00
N GLN D 19 -2.24 13.27 -16.05
CA GLN D 19 -1.10 12.39 -16.35
C GLN D 19 -1.40 10.91 -16.22
N ASN D 20 -2.33 10.53 -15.32
CA ASN D 20 -2.69 9.13 -15.08
C ASN D 20 -4.19 9.02 -14.81
N LYS D 21 -4.99 9.46 -15.78
CA LYS D 21 -6.46 9.46 -15.66
C LYS D 21 -7.11 8.14 -16.02
N ILE D 22 -8.16 7.78 -15.28
CA ILE D 22 -8.96 6.58 -15.53
C ILE D 22 -10.44 6.99 -15.63
N THR D 23 -11.18 6.36 -16.55
CA THR D 23 -12.62 6.57 -16.71
C THR D 23 -13.35 5.25 -16.45
N VAL D 24 -14.49 5.31 -15.76
CA VAL D 24 -15.36 4.16 -15.52
C VAL D 24 -16.73 4.52 -16.12
N VAL D 25 -17.14 3.80 -17.19
CA VAL D 25 -18.43 3.99 -17.85
C VAL D 25 -19.40 2.95 -17.31
N GLY D 26 -20.43 3.42 -16.60
CA GLY D 26 -21.47 2.60 -15.98
C GLY D 26 -21.22 2.52 -14.48
N VAL D 27 -21.95 3.34 -13.68
CA VAL D 27 -21.78 3.39 -12.22
C VAL D 27 -22.69 2.37 -11.46
N GLY D 28 -22.85 1.17 -12.02
CA GLY D 28 -23.60 0.10 -11.39
C GLY D 28 -22.78 -0.63 -10.35
N ALA D 29 -23.23 -1.84 -9.94
CA ALA D 29 -22.53 -2.65 -8.95
C ALA D 29 -21.10 -2.98 -9.38
N VAL D 30 -20.90 -3.36 -10.65
CA VAL D 30 -19.58 -3.70 -11.20
C VAL D 30 -18.71 -2.43 -11.37
N GLY D 31 -19.26 -1.38 -11.97
CA GLY D 31 -18.58 -0.12 -12.18
C GLY D 31 -18.06 0.53 -10.91
N MET D 32 -18.91 0.59 -9.87
CA MET D 32 -18.52 1.15 -8.58
C MET D 32 -17.51 0.31 -7.82
N ALA D 33 -17.52 -1.03 -8.03
CA ALA D 33 -16.55 -1.94 -7.41
C ALA D 33 -15.18 -1.74 -8.03
N CYS D 34 -15.13 -1.47 -9.35
CA CYS D 34 -13.91 -1.17 -10.11
C CYS D 34 -13.31 0.12 -9.55
N ALA D 35 -14.16 1.16 -9.38
CA ALA D 35 -13.84 2.49 -8.90
C ALA D 35 -13.17 2.48 -7.51
N ILE D 36 -13.82 1.87 -6.51
CA ILE D 36 -13.29 1.80 -5.14
C ILE D 36 -11.96 1.01 -5.09
N SER D 37 -11.88 -0.12 -5.84
CA SER D 37 -10.68 -0.94 -5.89
C SER D 37 -9.53 -0.15 -6.52
N ILE D 38 -9.83 0.63 -7.59
CA ILE D 38 -8.84 1.47 -8.28
C ILE D 38 -8.35 2.60 -7.37
N LEU D 39 -9.27 3.30 -6.67
CA LEU D 39 -8.92 4.41 -5.78
C LEU D 39 -8.03 3.98 -4.61
N MET D 40 -8.29 2.79 -4.08
CA MET D 40 -7.57 2.24 -2.94
C MET D 40 -6.23 1.63 -3.33
N LYS D 41 -5.93 1.59 -4.64
CA LYS D 41 -4.68 1.04 -5.19
C LYS D 41 -3.75 2.14 -5.72
N ASP D 42 -4.17 3.43 -5.62
CA ASP D 42 -3.44 4.63 -6.04
C ASP D 42 -2.95 4.52 -7.49
N LEU D 43 -3.87 4.17 -8.42
CA LEU D 43 -3.55 3.99 -9.83
C LEU D 43 -3.84 5.22 -10.69
N ALA D 44 -4.71 6.12 -10.22
CA ALA D 44 -5.11 7.29 -10.97
C ALA D 44 -4.92 8.59 -10.21
N ASP D 45 -4.61 9.68 -10.93
CA ASP D 45 -4.51 11.01 -10.35
C ASP D 45 -5.82 11.76 -10.65
N GLU D 46 -6.68 11.13 -11.47
CA GLU D 46 -8.00 11.61 -11.83
C GLU D 46 -8.86 10.42 -12.21
N LEU D 47 -10.06 10.34 -11.62
CA LEU D 47 -11.05 9.31 -11.92
C LEU D 47 -12.31 10.00 -12.43
N ALA D 48 -12.81 9.55 -13.58
CA ALA D 48 -14.02 10.09 -14.18
C ALA D 48 -15.08 9.01 -14.20
N LEU D 49 -16.34 9.42 -14.02
CA LEU D 49 -17.46 8.48 -14.05
C LEU D 49 -18.47 8.94 -15.08
N VAL D 50 -18.99 8.00 -15.87
CA VAL D 50 -20.02 8.29 -16.88
C VAL D 50 -21.18 7.31 -16.70
N ASP D 51 -22.42 7.81 -16.88
CA ASP D 51 -23.67 7.05 -16.82
C ASP D 51 -24.85 7.87 -17.39
N VAL D 52 -25.92 7.15 -17.80
CA VAL D 52 -27.17 7.72 -18.31
C VAL D 52 -28.05 8.19 -17.15
N ILE D 53 -28.02 7.47 -16.00
CA ILE D 53 -28.79 7.83 -14.80
C ILE D 53 -28.02 8.94 -14.07
N GLU D 54 -28.48 10.19 -14.28
CA GLU D 54 -27.90 11.43 -13.72
C GLU D 54 -27.85 11.48 -12.20
N ASP D 55 -28.94 11.05 -11.52
CA ASP D 55 -29.06 11.03 -10.06
C ASP D 55 -28.03 10.11 -9.42
N LYS D 56 -28.05 8.81 -9.81
CA LYS D 56 -27.11 7.79 -9.32
C LYS D 56 -25.68 8.24 -9.59
N LEU D 57 -25.40 8.78 -10.80
CA LEU D 57 -24.09 9.28 -11.19
C LEU D 57 -23.57 10.35 -10.22
N LYS D 58 -24.36 11.44 -10.01
CA LYS D 58 -24.00 12.53 -9.10
C LYS D 58 -23.82 12.02 -7.66
N GLY D 59 -24.73 11.14 -7.23
CA GLY D 59 -24.72 10.54 -5.90
C GLY D 59 -23.47 9.72 -5.61
N GLU D 60 -23.10 8.84 -6.55
CA GLU D 60 -21.93 7.97 -6.45
C GLU D 60 -20.62 8.76 -6.44
N MET D 61 -20.54 9.82 -7.26
CA MET D 61 -19.38 10.72 -7.36
C MET D 61 -19.15 11.41 -6.01
N MET D 62 -20.22 11.96 -5.41
CA MET D 62 -20.19 12.66 -4.12
C MET D 62 -19.76 11.74 -2.99
N ASP D 63 -20.30 10.49 -2.97
CA ASP D 63 -19.95 9.48 -1.97
C ASP D 63 -18.45 9.16 -2.05
N LEU D 64 -17.87 9.16 -3.26
CA LEU D 64 -16.43 8.94 -3.46
C LEU D 64 -15.64 10.15 -3.00
N GLN D 65 -16.11 11.36 -3.37
CA GLN D 65 -15.49 12.64 -3.01
C GLN D 65 -15.46 12.86 -1.50
N HIS D 66 -16.48 12.40 -0.78
CA HIS D 66 -16.55 12.57 0.67
C HIS D 66 -15.51 11.72 1.43
N GLY D 67 -14.97 10.71 0.74
CA GLY D 67 -13.93 9.82 1.27
C GLY D 67 -12.53 10.23 0.88
N SER D 68 -12.40 11.34 0.09
CA SER D 68 -11.14 11.91 -0.44
C SER D 68 -9.98 11.93 0.53
N LEU D 69 -10.22 12.29 1.81
CA LEU D 69 -9.24 12.34 2.89
C LEU D 69 -8.48 11.03 3.08
N PHE D 70 -9.15 9.90 2.84
CA PHE D 70 -8.57 8.57 3.00
C PHE D 70 -8.06 8.00 1.67
N LEU D 71 -7.93 8.86 0.63
CA LEU D 71 -7.50 8.49 -0.72
C LEU D 71 -6.37 9.37 -1.26
N ARG D 72 -5.76 8.95 -2.40
CA ARG D 72 -4.66 9.68 -3.06
C ARG D 72 -5.01 10.07 -4.53
N THR D 73 -6.32 10.13 -4.86
CA THR D 73 -6.81 10.56 -6.18
C THR D 73 -7.39 11.95 -5.93
N PRO D 74 -6.62 13.00 -6.30
CA PRO D 74 -7.04 14.37 -5.98
C PRO D 74 -8.24 14.92 -6.73
N LYS D 75 -8.74 14.18 -7.73
CA LYS D 75 -9.87 14.63 -8.55
C LYS D 75 -10.78 13.47 -8.94
N ILE D 76 -12.08 13.64 -8.65
CA ILE D 76 -13.14 12.72 -9.00
C ILE D 76 -14.20 13.56 -9.70
N VAL D 77 -14.43 13.26 -10.98
CA VAL D 77 -15.41 13.95 -11.82
C VAL D 77 -16.45 12.97 -12.37
N SER D 78 -17.66 13.48 -12.66
CA SER D 78 -18.75 12.68 -13.25
C SER D 78 -19.66 13.52 -14.12
N GLY D 79 -20.13 12.94 -15.20
CA GLY D 79 -21.04 13.60 -16.14
C GLY D 79 -21.65 12.69 -17.18
N LYS D 80 -22.82 13.08 -17.72
CA LYS D 80 -23.52 12.35 -18.77
C LYS D 80 -22.77 12.63 -20.08
N ASP D 81 -22.24 13.87 -20.21
CA ASP D 81 -21.40 14.31 -21.33
C ASP D 81 -20.04 13.65 -21.17
N TYR D 82 -19.38 13.34 -22.29
CA TYR D 82 -18.09 12.66 -22.28
C TYR D 82 -16.89 13.60 -22.21
N ASN D 83 -17.13 14.92 -22.10
CA ASN D 83 -16.06 15.92 -21.97
C ASN D 83 -15.22 15.67 -20.72
N VAL D 84 -15.85 15.11 -19.66
CA VAL D 84 -15.24 14.77 -18.38
C VAL D 84 -14.25 13.58 -18.49
N THR D 85 -14.29 12.81 -19.59
CA THR D 85 -13.44 11.64 -19.80
C THR D 85 -12.12 11.98 -20.46
N ALA D 86 -12.04 13.15 -21.11
CA ALA D 86 -10.88 13.63 -21.86
C ALA D 86 -9.52 13.33 -21.24
N ASN D 87 -8.57 12.84 -22.06
CA ASN D 87 -7.17 12.52 -21.74
C ASN D 87 -7.00 11.34 -20.77
N SER D 88 -7.91 10.36 -20.82
CA SER D 88 -7.81 9.16 -19.99
C SER D 88 -6.74 8.25 -20.56
N LYS D 89 -6.01 7.53 -19.68
CA LYS D 89 -5.01 6.55 -20.13
C LYS D 89 -5.71 5.21 -20.26
N LEU D 90 -6.80 5.02 -19.49
CA LEU D 90 -7.58 3.80 -19.46
C LEU D 90 -9.05 4.11 -19.26
N VAL D 91 -9.90 3.50 -20.10
CA VAL D 91 -11.36 3.64 -20.03
C VAL D 91 -11.96 2.25 -19.81
N ILE D 92 -12.66 2.10 -18.70
CA ILE D 92 -13.30 0.83 -18.31
C ILE D 92 -14.78 0.91 -18.64
N ILE D 93 -15.28 -0.07 -19.44
CA ILE D 93 -16.69 -0.15 -19.82
C ILE D 93 -17.38 -1.24 -19.00
N THR D 94 -18.26 -0.81 -18.09
CA THR D 94 -19.06 -1.66 -17.20
C THR D 94 -20.55 -1.28 -17.40
N ALA D 95 -20.82 -0.43 -18.41
CA ALA D 95 -22.14 0.07 -18.78
C ALA D 95 -23.06 -1.02 -19.32
N GLY D 96 -24.36 -0.74 -19.27
CA GLY D 96 -25.41 -1.67 -19.70
C GLY D 96 -25.84 -2.54 -18.55
N ALA D 97 -27.17 -2.66 -18.34
CA ALA D 97 -27.75 -3.46 -17.26
C ALA D 97 -27.26 -4.90 -17.28
N ARG D 98 -27.13 -5.50 -16.09
CA ARG D 98 -26.68 -6.89 -15.93
C ARG D 98 -27.70 -7.86 -16.54
N GLN D 99 -27.24 -9.07 -16.91
CA GLN D 99 -28.11 -10.08 -17.51
C GLN D 99 -29.25 -10.48 -16.59
N GLN D 100 -30.48 -10.35 -17.09
CA GLN D 100 -31.69 -10.73 -16.38
C GLN D 100 -31.85 -12.23 -16.54
N GLU D 101 -32.31 -12.93 -15.47
CA GLU D 101 -32.54 -14.39 -15.48
C GLU D 101 -33.47 -14.79 -16.65
N GLY D 102 -34.34 -13.86 -17.04
CA GLY D 102 -35.26 -13.99 -18.16
C GLY D 102 -34.58 -13.95 -19.50
N GLU D 103 -33.84 -12.85 -19.78
CA GLU D 103 -33.14 -12.63 -21.07
C GLU D 103 -31.94 -13.58 -21.28
N SER D 104 -31.66 -13.88 -22.57
CA SER D 104 -30.58 -14.76 -23.00
C SER D 104 -29.33 -14.00 -23.42
N ARG D 105 -28.27 -14.75 -23.81
CA ARG D 105 -26.98 -14.24 -24.29
C ARG D 105 -27.17 -13.34 -25.50
N LEU D 106 -27.86 -13.85 -26.56
CA LEU D 106 -28.15 -13.12 -27.81
C LEU D 106 -28.92 -11.82 -27.56
N ASN D 107 -29.86 -11.85 -26.59
CA ASN D 107 -30.66 -10.70 -26.17
C ASN D 107 -29.76 -9.66 -25.49
N LEU D 108 -28.81 -10.15 -24.66
CA LEU D 108 -27.83 -9.33 -23.95
C LEU D 108 -26.84 -8.70 -24.94
N VAL D 109 -26.50 -9.43 -26.03
CA VAL D 109 -25.61 -8.98 -27.11
C VAL D 109 -26.23 -7.76 -27.78
N GLN D 110 -27.38 -7.94 -28.46
CA GLN D 110 -28.10 -6.91 -29.21
C GLN D 110 -28.28 -5.62 -28.42
N ARG D 111 -28.74 -5.74 -27.17
CA ARG D 111 -28.96 -4.64 -26.22
C ARG D 111 -27.65 -3.88 -25.92
N ASN D 112 -26.57 -4.62 -25.57
CA ASN D 112 -25.28 -4.00 -25.24
C ASN D 112 -24.52 -3.48 -26.46
N VAL D 113 -24.81 -4.03 -27.66
CA VAL D 113 -24.21 -3.57 -28.91
C VAL D 113 -24.77 -2.17 -29.23
N ASN D 114 -26.10 -1.98 -29.07
CA ASN D 114 -26.76 -0.68 -29.29
C ASN D 114 -26.20 0.38 -28.37
N ILE D 115 -25.89 -0.01 -27.11
CA ILE D 115 -25.34 0.84 -26.06
C ILE D 115 -23.92 1.29 -26.46
N PHE D 116 -23.08 0.33 -26.91
CA PHE D 116 -21.70 0.54 -27.34
C PHE D 116 -21.58 1.45 -28.55
N LYS D 117 -22.60 1.42 -29.44
CA LYS D 117 -22.69 2.23 -30.67
C LYS D 117 -22.59 3.72 -30.38
N PHE D 118 -22.88 4.12 -29.12
CA PHE D 118 -22.82 5.50 -28.64
C PHE D 118 -21.74 5.72 -27.57
N ILE D 119 -21.33 4.65 -26.86
CA ILE D 119 -20.30 4.77 -25.84
C ILE D 119 -18.91 4.91 -26.48
N ILE D 120 -18.47 3.86 -27.20
CA ILE D 120 -17.17 3.76 -27.84
C ILE D 120 -16.85 5.01 -28.71
N PRO D 121 -17.70 5.49 -29.66
CA PRO D 121 -17.32 6.69 -30.43
C PRO D 121 -17.05 7.91 -29.56
N ASN D 122 -17.89 8.10 -28.52
CA ASN D 122 -17.78 9.20 -27.55
C ASN D 122 -16.51 9.08 -26.69
N VAL D 123 -16.13 7.83 -26.31
CA VAL D 123 -14.91 7.51 -25.55
C VAL D 123 -13.70 7.86 -26.41
N VAL D 124 -13.71 7.42 -27.68
CA VAL D 124 -12.64 7.64 -28.67
C VAL D 124 -12.41 9.14 -28.90
N LYS D 125 -13.50 9.91 -29.13
CA LYS D 125 -13.46 11.36 -29.36
C LYS D 125 -12.57 12.11 -28.37
N TYR D 126 -12.78 11.87 -27.06
CA TYR D 126 -12.07 12.56 -25.99
C TYR D 126 -10.79 11.87 -25.49
N SER D 127 -10.63 10.58 -25.78
CA SER D 127 -9.45 9.81 -25.38
C SER D 127 -9.02 8.94 -26.56
N PRO D 128 -8.47 9.56 -27.63
CA PRO D 128 -8.09 8.76 -28.81
C PRO D 128 -6.88 7.84 -28.62
N ASN D 129 -6.08 8.03 -27.55
CA ASN D 129 -4.87 7.25 -27.27
C ASN D 129 -4.96 6.39 -26.00
N CYS D 130 -6.18 6.21 -25.47
CA CYS D 130 -6.45 5.44 -24.26
C CYS D 130 -6.39 3.93 -24.54
N LYS D 131 -6.56 3.13 -23.47
CA LYS D 131 -6.67 1.68 -23.56
C LYS D 131 -8.11 1.36 -23.14
N LEU D 132 -8.83 0.60 -23.98
CA LEU D 132 -10.20 0.23 -23.69
C LEU D 132 -10.23 -1.11 -22.98
N LEU D 133 -10.73 -1.13 -21.74
CA LEU D 133 -10.89 -2.34 -20.97
C LEU D 133 -12.39 -2.67 -20.87
N ILE D 134 -12.81 -3.69 -21.61
CA ILE D 134 -14.22 -4.10 -21.70
C ILE D 134 -14.55 -5.09 -20.61
N VAL D 135 -15.57 -4.78 -19.81
CA VAL D 135 -16.01 -5.65 -18.71
C VAL D 135 -17.42 -6.18 -19.01
N SER D 136 -18.34 -5.28 -19.45
CA SER D 136 -19.72 -5.57 -19.85
C SER D 136 -19.83 -6.90 -20.62
N ASN D 137 -20.83 -7.74 -20.27
CA ASN D 137 -21.01 -9.07 -20.87
C ASN D 137 -21.96 -9.13 -22.09
N PRO D 138 -21.79 -10.12 -23.02
CA PRO D 138 -20.73 -11.14 -23.08
C PRO D 138 -19.42 -10.44 -23.47
N VAL D 139 -18.47 -10.39 -22.51
CA VAL D 139 -17.20 -9.68 -22.62
C VAL D 139 -16.46 -9.98 -23.94
N ASP D 140 -16.35 -11.26 -24.34
CA ASP D 140 -15.68 -11.66 -25.57
C ASP D 140 -16.27 -11.01 -26.82
N ILE D 141 -17.62 -11.11 -26.97
CA ILE D 141 -18.40 -10.55 -28.09
C ILE D 141 -18.26 -9.02 -28.13
N LEU D 142 -18.39 -8.36 -26.96
CA LEU D 142 -18.34 -6.91 -26.86
C LEU D 142 -16.93 -6.33 -27.01
N THR D 143 -15.85 -7.12 -26.74
CA THR D 143 -14.47 -6.64 -26.93
C THR D 143 -14.24 -6.49 -28.43
N TYR D 144 -14.84 -7.40 -29.24
CA TYR D 144 -14.81 -7.37 -30.70
C TYR D 144 -15.57 -6.14 -31.21
N VAL D 145 -16.79 -5.94 -30.67
CA VAL D 145 -17.69 -4.82 -30.99
C VAL D 145 -16.93 -3.50 -30.74
N ALA D 146 -16.29 -3.38 -29.56
CA ALA D 146 -15.50 -2.20 -29.16
C ALA D 146 -14.37 -1.94 -30.14
N TRP D 147 -13.61 -3.00 -30.50
CA TRP D 147 -12.48 -2.99 -31.42
C TRP D 147 -12.90 -2.44 -32.79
N LYS D 148 -13.99 -2.97 -33.37
CA LYS D 148 -14.54 -2.58 -34.67
C LYS D 148 -15.01 -1.11 -34.70
N ILE D 149 -15.82 -0.67 -33.71
CA ILE D 149 -16.33 0.70 -33.63
C ILE D 149 -15.18 1.73 -33.44
N SER D 150 -14.24 1.45 -32.52
CA SER D 150 -13.12 2.35 -32.21
C SER D 150 -12.13 2.56 -33.34
N GLY D 151 -11.82 1.48 -34.08
CA GLY D 151 -10.80 1.50 -35.12
C GLY D 151 -9.42 1.54 -34.49
N PHE D 152 -9.34 1.09 -33.22
CA PHE D 152 -8.13 1.04 -32.41
C PHE D 152 -7.35 -0.22 -32.76
N PRO D 153 -5.99 -0.22 -32.64
CA PRO D 153 -5.24 -1.46 -32.89
C PRO D 153 -5.51 -2.48 -31.78
N LYS D 154 -5.41 -3.77 -32.11
CA LYS D 154 -5.66 -4.93 -31.24
C LYS D 154 -5.17 -4.73 -29.80
N ASN D 155 -3.93 -4.22 -29.64
CA ASN D 155 -3.24 -4.00 -28.36
C ASN D 155 -3.97 -3.12 -27.35
N ARG D 156 -4.68 -2.08 -27.83
CA ARG D 156 -5.37 -1.14 -26.94
C ARG D 156 -6.86 -1.49 -26.71
N VAL D 157 -7.30 -2.67 -27.15
CA VAL D 157 -8.68 -3.13 -26.90
C VAL D 157 -8.56 -4.45 -26.13
N ILE D 158 -8.76 -4.37 -24.81
CA ILE D 158 -8.60 -5.48 -23.88
C ILE D 158 -9.95 -5.80 -23.26
N GLY D 159 -10.26 -7.08 -23.15
CA GLY D 159 -11.47 -7.56 -22.50
C GLY D 159 -11.10 -8.25 -21.20
N SER D 160 -11.90 -8.03 -20.13
CA SER D 160 -11.72 -8.63 -18.80
C SER D 160 -11.49 -10.15 -18.94
N GLY D 161 -12.33 -10.79 -19.78
CA GLY D 161 -12.27 -12.20 -20.12
C GLY D 161 -12.22 -13.19 -18.97
N CYS D 162 -11.15 -14.01 -18.94
CA CYS D 162 -10.97 -15.11 -18.00
C CYS D 162 -10.13 -14.77 -16.79
N ASN D 163 -9.87 -13.47 -16.56
CA ASN D 163 -9.11 -13.02 -15.40
C ASN D 163 -9.83 -13.41 -14.10
N LEU D 164 -11.17 -13.25 -14.07
CA LEU D 164 -12.01 -13.61 -12.93
C LEU D 164 -12.15 -15.14 -12.78
N ASP D 165 -12.38 -15.84 -13.91
CA ASP D 165 -12.51 -17.29 -14.02
C ASP D 165 -11.27 -17.95 -13.43
N SER D 166 -10.07 -17.45 -13.81
CA SER D 166 -8.81 -17.96 -13.31
C SER D 166 -8.60 -17.59 -11.84
N ALA D 167 -9.11 -16.41 -11.40
CA ALA D 167 -9.03 -15.94 -10.00
C ALA D 167 -9.87 -16.85 -9.10
N ARG D 168 -11.09 -17.22 -9.56
CA ARG D 168 -11.98 -18.13 -8.83
C ARG D 168 -11.35 -19.51 -8.75
N PHE D 169 -10.74 -19.95 -9.86
CA PHE D 169 -10.06 -21.23 -9.98
C PHE D 169 -8.89 -21.37 -9.01
N ARG D 170 -8.06 -20.32 -8.89
CA ARG D 170 -6.91 -20.31 -7.99
C ARG D 170 -7.32 -20.28 -6.51
N TYR D 171 -8.49 -19.66 -6.21
CA TYR D 171 -9.04 -19.61 -4.86
C TYR D 171 -9.48 -21.01 -4.44
N LEU D 172 -10.25 -21.67 -5.31
CA LEU D 172 -10.76 -23.02 -5.11
C LEU D 172 -9.59 -24.01 -5.03
N MET D 173 -8.59 -23.85 -5.90
CA MET D 173 -7.39 -24.68 -5.92
C MET D 173 -6.63 -24.53 -4.57
N GLY D 174 -6.57 -23.29 -4.07
CA GLY D 174 -5.93 -22.95 -2.81
C GLY D 174 -6.65 -23.48 -1.59
N GLU D 175 -8.00 -23.47 -1.64
CA GLU D 175 -8.90 -23.96 -0.60
C GLU D 175 -8.69 -25.46 -0.39
N ARG D 176 -8.62 -26.21 -1.50
CA ARG D 176 -8.39 -27.65 -1.51
C ARG D 176 -7.00 -28.05 -0.98
N LEU D 177 -5.97 -27.23 -1.29
CA LEU D 177 -4.58 -27.53 -0.93
C LEU D 177 -4.07 -26.84 0.36
N GLY D 178 -4.82 -25.89 0.89
CA GLY D 178 -4.44 -25.16 2.09
C GLY D 178 -3.26 -24.24 1.83
N VAL D 179 -3.21 -23.68 0.62
CA VAL D 179 -2.16 -22.78 0.14
C VAL D 179 -2.85 -21.49 -0.33
N HIS D 180 -2.12 -20.35 -0.30
CA HIS D 180 -2.65 -19.07 -0.77
C HIS D 180 -2.84 -19.11 -2.31
N PRO D 181 -3.95 -18.54 -2.85
CA PRO D 181 -4.15 -18.53 -4.32
C PRO D 181 -2.98 -17.97 -5.15
N LEU D 182 -2.14 -17.10 -4.55
CA LEU D 182 -0.94 -16.51 -5.19
C LEU D 182 0.08 -17.59 -5.52
N SER D 183 0.19 -18.61 -4.65
CA SER D 183 1.12 -19.72 -4.79
C SER D 183 0.53 -20.91 -5.55
N CYS D 184 -0.76 -20.83 -5.89
CA CYS D 184 -1.46 -21.88 -6.63
C CYS D 184 -1.64 -21.42 -8.08
N HIS D 185 -0.86 -22.01 -8.99
CA HIS D 185 -0.94 -21.62 -10.39
C HIS D 185 -1.85 -22.53 -11.19
N GLY D 186 -2.75 -21.91 -11.95
CA GLY D 186 -3.73 -22.55 -12.80
C GLY D 186 -4.34 -21.55 -13.76
N TRP D 187 -4.42 -21.92 -15.04
CA TRP D 187 -4.96 -21.02 -16.06
C TRP D 187 -6.26 -21.50 -16.67
N VAL D 188 -7.25 -20.61 -16.71
CA VAL D 188 -8.56 -20.85 -17.30
C VAL D 188 -8.62 -19.94 -18.53
N LEU D 189 -8.70 -20.51 -19.73
CA LEU D 189 -8.66 -19.73 -20.95
C LEU D 189 -9.89 -19.84 -21.84
N GLY D 190 -9.89 -19.03 -22.90
CA GLY D 190 -10.93 -18.98 -23.93
C GLY D 190 -12.12 -18.12 -23.65
N GLU D 191 -13.30 -18.69 -23.92
CA GLU D 191 -14.59 -18.03 -23.75
C GLU D 191 -14.89 -17.85 -22.28
N HIS D 192 -15.11 -16.60 -21.86
CA HIS D 192 -15.43 -16.28 -20.48
C HIS D 192 -16.82 -16.83 -20.13
N GLY D 193 -16.95 -17.40 -18.94
CA GLY D 193 -18.20 -17.95 -18.45
C GLY D 193 -18.29 -19.46 -18.45
N ASP D 194 -19.46 -19.97 -18.86
CA ASP D 194 -19.80 -21.40 -18.90
C ASP D 194 -18.90 -22.26 -19.80
N SER D 195 -18.51 -21.72 -20.97
CA SER D 195 -17.69 -22.43 -21.96
C SER D 195 -16.17 -22.34 -21.74
N SER D 196 -15.71 -21.70 -20.64
CA SER D 196 -14.28 -21.52 -20.31
C SER D 196 -13.50 -22.84 -20.28
N VAL D 197 -12.22 -22.79 -20.66
CA VAL D 197 -11.34 -23.96 -20.72
C VAL D 197 -10.30 -24.01 -19.60
N PRO D 198 -10.39 -24.98 -18.67
CA PRO D 198 -9.32 -25.12 -17.67
C PRO D 198 -8.10 -25.83 -18.25
N VAL D 199 -6.91 -25.22 -18.15
CA VAL D 199 -5.67 -25.81 -18.66
C VAL D 199 -5.01 -26.61 -17.51
N TRP D 200 -5.25 -27.93 -17.49
CA TRP D 200 -4.78 -28.86 -16.47
C TRP D 200 -3.26 -29.06 -16.45
N SER D 201 -2.61 -28.92 -17.61
CA SER D 201 -1.15 -29.09 -17.75
C SER D 201 -0.36 -28.01 -17.00
N GLY D 202 -0.89 -26.80 -16.98
CA GLY D 202 -0.26 -25.65 -16.33
C GLY D 202 -0.53 -25.53 -14.85
N MET D 203 -1.32 -26.48 -14.29
CA MET D 203 -1.69 -26.53 -12.88
CA MET D 203 -1.66 -26.49 -12.88
C MET D 203 -0.48 -26.92 -12.03
N ASN D 204 0.04 -25.98 -11.25
CA ASN D 204 1.21 -26.23 -10.42
C ASN D 204 1.25 -25.46 -9.13
N VAL D 205 2.10 -25.96 -8.23
CA VAL D 205 2.46 -25.40 -6.93
C VAL D 205 3.96 -25.58 -6.91
N ALA D 206 4.70 -24.46 -6.92
CA ALA D 206 6.15 -24.38 -6.90
C ALA D 206 6.84 -25.13 -8.06
N GLY D 207 6.22 -25.06 -9.23
CA GLY D 207 6.73 -25.67 -10.45
C GLY D 207 6.39 -27.13 -10.64
N VAL D 208 5.85 -27.76 -9.58
CA VAL D 208 5.48 -29.18 -9.57
C VAL D 208 4.15 -29.36 -10.30
N SER D 209 4.16 -30.07 -11.43
CA SER D 209 2.97 -30.34 -12.23
C SER D 209 2.05 -31.31 -11.51
N LEU D 210 0.84 -30.85 -11.19
CA LEU D 210 -0.19 -31.62 -10.50
C LEU D 210 -0.68 -32.80 -11.37
N LYS D 211 -0.68 -32.61 -12.71
CA LYS D 211 -1.06 -33.63 -13.70
C LYS D 211 0.02 -34.72 -13.78
N THR D 212 1.31 -34.37 -13.55
CA THR D 212 2.42 -35.32 -13.55
C THR D 212 2.35 -36.21 -12.31
N LEU D 213 2.01 -35.62 -11.16
CA LEU D 213 1.85 -36.34 -9.90
C LEU D 213 0.59 -37.20 -9.92
N HIS D 214 -0.52 -36.59 -10.35
CA HIS D 214 -1.86 -37.18 -10.38
C HIS D 214 -2.37 -37.20 -11.84
N PRO D 215 -1.96 -38.22 -12.65
CA PRO D 215 -2.38 -38.26 -14.08
C PRO D 215 -3.88 -38.18 -14.34
N ASP D 216 -4.72 -38.63 -13.40
CA ASP D 216 -6.18 -38.61 -13.52
C ASP D 216 -6.79 -37.20 -13.36
N LEU D 217 -5.97 -36.17 -13.08
CA LEU D 217 -6.39 -34.77 -12.91
C LEU D 217 -7.08 -34.25 -14.19
N GLY D 218 -8.30 -33.75 -14.05
CA GLY D 218 -9.08 -33.23 -15.16
C GLY D 218 -9.98 -34.25 -15.82
N THR D 219 -9.61 -35.53 -15.77
CA THR D 219 -10.38 -36.64 -16.34
C THR D 219 -11.56 -36.99 -15.43
N ASP D 220 -12.57 -37.69 -15.97
CA ASP D 220 -13.73 -38.13 -15.19
C ASP D 220 -13.37 -39.36 -14.32
N LYS D 221 -12.25 -40.04 -14.67
CA LYS D 221 -11.70 -41.21 -13.98
C LYS D 221 -11.03 -40.84 -12.64
N ASP D 222 -11.06 -39.54 -12.28
CA ASP D 222 -10.46 -38.98 -11.07
C ASP D 222 -11.29 -39.33 -9.83
N LYS D 223 -10.65 -40.02 -8.87
CA LYS D 223 -11.25 -40.41 -7.59
C LYS D 223 -11.41 -39.16 -6.70
N GLU D 224 -10.47 -38.21 -6.82
CA GLU D 224 -10.43 -36.94 -6.07
C GLU D 224 -11.34 -35.88 -6.71
N GLN D 225 -11.86 -36.17 -7.93
CA GLN D 225 -12.76 -35.33 -8.73
C GLN D 225 -12.31 -33.87 -8.83
N TRP D 226 -11.06 -33.66 -9.32
CA TRP D 226 -10.48 -32.32 -9.48
C TRP D 226 -11.16 -31.53 -10.61
N LYS D 227 -11.85 -32.24 -11.54
CA LYS D 227 -12.61 -31.65 -12.64
C LYS D 227 -13.74 -30.77 -12.06
N GLU D 228 -14.12 -31.04 -10.79
CA GLU D 228 -15.14 -30.30 -10.06
C GLU D 228 -14.70 -28.89 -9.67
N VAL D 229 -13.37 -28.63 -9.68
CA VAL D 229 -12.80 -27.30 -9.37
C VAL D 229 -13.24 -26.31 -10.45
N HIS D 230 -13.14 -26.70 -11.75
CA HIS D 230 -13.60 -25.84 -12.84
C HIS D 230 -15.12 -25.77 -12.91
N LYS D 231 -15.82 -26.87 -12.56
CA LYS D 231 -17.28 -26.92 -12.54
C LYS D 231 -17.79 -25.97 -11.45
N GLN D 232 -17.05 -25.90 -10.31
CA GLN D 232 -17.35 -25.02 -9.19
C GLN D 232 -17.15 -23.55 -9.54
N VAL D 233 -16.21 -23.24 -10.47
CA VAL D 233 -15.97 -21.86 -10.94
C VAL D 233 -17.28 -21.36 -11.57
N VAL D 234 -17.87 -22.20 -12.45
CA VAL D 234 -19.13 -21.94 -13.16
C VAL D 234 -20.31 -21.92 -12.16
N GLU D 235 -20.37 -22.93 -11.26
CA GLU D 235 -21.42 -23.09 -10.23
C GLU D 235 -21.47 -21.93 -9.22
N SER D 236 -20.28 -21.48 -8.73
CA SER D 236 -20.12 -20.38 -7.76
C SER D 236 -20.62 -19.05 -8.34
N ALA D 237 -20.34 -18.82 -9.64
CA ALA D 237 -20.76 -17.61 -10.37
C ALA D 237 -22.29 -17.51 -10.37
N TYR D 238 -22.97 -18.62 -10.69
CA TYR D 238 -24.43 -18.70 -10.71
C TYR D 238 -24.98 -18.57 -9.30
N GLU D 239 -24.30 -19.20 -8.32
CA GLU D 239 -24.69 -19.20 -6.90
C GLU D 239 -24.73 -17.80 -6.31
N VAL D 240 -23.69 -16.96 -6.58
CA VAL D 240 -23.59 -15.58 -6.07
C VAL D 240 -24.74 -14.74 -6.64
N ILE D 241 -25.15 -15.03 -7.88
CA ILE D 241 -26.27 -14.35 -8.54
C ILE D 241 -27.58 -14.74 -7.86
N LYS D 242 -27.72 -16.03 -7.50
CA LYS D 242 -28.90 -16.55 -6.81
C LYS D 242 -28.98 -15.98 -5.39
N LEU D 243 -27.82 -15.93 -4.69
CA LEU D 243 -27.71 -15.46 -3.31
C LEU D 243 -27.79 -13.95 -3.10
N LYS D 244 -27.01 -13.13 -3.85
CA LYS D 244 -27.01 -11.67 -3.65
C LYS D 244 -27.48 -10.85 -4.88
N GLY D 245 -27.84 -11.54 -5.98
CA GLY D 245 -28.37 -10.90 -7.18
C GLY D 245 -27.38 -10.51 -8.25
N TYR D 246 -26.08 -10.38 -7.88
CA TYR D 246 -25.01 -9.93 -8.78
C TYR D 246 -23.62 -10.27 -8.23
N THR D 247 -22.56 -9.91 -8.96
CA THR D 247 -21.17 -10.02 -8.50
C THR D 247 -20.54 -8.66 -8.68
N SER D 248 -19.83 -8.18 -7.66
CA SER D 248 -19.21 -6.86 -7.74
C SER D 248 -17.76 -6.87 -7.27
N TRP D 249 -17.51 -7.24 -6.01
CA TRP D 249 -16.20 -7.23 -5.37
C TRP D 249 -15.14 -8.05 -6.10
N ALA D 250 -15.45 -9.29 -6.47
CA ALA D 250 -14.50 -10.16 -7.16
C ALA D 250 -14.04 -9.59 -8.49
N ILE D 251 -15.01 -9.17 -9.35
CA ILE D 251 -14.70 -8.60 -10.65
C ILE D 251 -13.99 -7.23 -10.50
N GLY D 252 -14.44 -6.41 -9.52
CA GLY D 252 -13.87 -5.09 -9.23
C GLY D 252 -12.40 -5.14 -8.87
N LEU D 253 -12.00 -6.19 -8.11
CA LEU D 253 -10.64 -6.45 -7.67
C LEU D 253 -9.73 -6.97 -8.78
N SER D 254 -10.28 -7.79 -9.70
CA SER D 254 -9.54 -8.36 -10.82
CA SER D 254 -9.55 -8.36 -10.82
C SER D 254 -9.30 -7.30 -11.89
N VAL D 255 -10.28 -6.38 -12.09
CA VAL D 255 -10.21 -5.29 -13.06
C VAL D 255 -9.15 -4.29 -12.59
N ALA D 256 -9.08 -4.07 -11.26
CA ALA D 256 -8.11 -3.17 -10.65
C ALA D 256 -6.70 -3.73 -10.81
N ASP D 257 -6.58 -5.07 -10.82
CA ASP D 257 -5.32 -5.79 -11.02
C ASP D 257 -4.82 -5.54 -12.45
N LEU D 258 -5.74 -5.59 -13.43
CA LEU D 258 -5.47 -5.35 -14.84
C LEU D 258 -5.03 -3.92 -15.04
N ALA D 259 -5.78 -2.98 -14.40
CA ALA D 259 -5.53 -1.55 -14.41
C ALA D 259 -4.13 -1.26 -13.87
N GLU D 260 -3.71 -1.96 -12.79
CA GLU D 260 -2.38 -1.84 -12.19
C GLU D 260 -1.28 -2.18 -13.19
N SER D 261 -1.42 -3.29 -13.93
CA SER D 261 -0.43 -3.69 -14.93
C SER D 261 -0.32 -2.68 -16.06
N ILE D 262 -1.47 -2.13 -16.50
CA ILE D 262 -1.54 -1.14 -17.59
C ILE D 262 -0.90 0.18 -17.14
N MET D 263 -1.47 0.80 -16.08
CA MET D 263 -1.05 2.08 -15.53
C MET D 263 0.43 2.13 -15.14
N LYS D 264 0.94 1.04 -14.52
CA LYS D 264 2.33 0.97 -14.08
C LYS D 264 3.28 0.37 -15.12
N ASN D 265 2.75 -0.12 -16.27
CA ASN D 265 3.50 -0.74 -17.37
C ASN D 265 4.35 -1.93 -16.85
N LEU D 266 3.73 -2.77 -16.01
CA LEU D 266 4.36 -3.90 -15.35
C LEU D 266 4.82 -5.02 -16.26
N ARG D 267 4.06 -5.31 -17.33
CA ARG D 267 4.37 -6.40 -18.27
C ARG D 267 4.18 -7.78 -17.59
N ARG D 268 3.08 -7.89 -16.84
CA ARG D 268 2.68 -9.11 -16.15
C ARG D 268 1.75 -9.84 -17.07
N VAL D 269 1.70 -11.16 -16.94
CA VAL D 269 0.84 -11.98 -17.78
C VAL D 269 -0.55 -12.10 -17.12
N HIS D 270 -1.63 -11.96 -17.93
CA HIS D 270 -3.02 -12.05 -17.47
C HIS D 270 -3.89 -12.81 -18.45
N PRO D 271 -4.85 -13.67 -17.99
CA PRO D 271 -5.76 -14.32 -18.95
C PRO D 271 -6.83 -13.31 -19.35
N VAL D 272 -6.60 -12.59 -20.47
CA VAL D 272 -7.53 -11.56 -20.94
C VAL D 272 -7.96 -11.80 -22.39
N SER D 273 -9.17 -11.36 -22.75
CA SER D 273 -9.71 -11.51 -24.10
C SER D 273 -9.00 -10.59 -25.08
N THR D 274 -8.42 -11.21 -26.11
CA THR D 274 -7.65 -10.58 -27.19
C THR D 274 -8.01 -11.26 -28.51
N MET D 275 -7.70 -10.58 -29.63
CA MET D 275 -7.89 -11.06 -31.00
C MET D 275 -7.08 -12.37 -31.16
N ILE D 276 -7.77 -13.49 -31.40
CA ILE D 276 -7.14 -14.80 -31.46
C ILE D 276 -6.98 -15.35 -32.91
N LYS D 277 -7.29 -14.53 -33.94
CA LYS D 277 -7.11 -14.90 -35.36
C LYS D 277 -5.62 -15.22 -35.59
N GLY D 278 -5.34 -16.44 -36.06
CA GLY D 278 -3.98 -16.91 -36.30
C GLY D 278 -3.53 -18.03 -35.37
N LEU D 279 -4.19 -18.14 -34.19
CA LEU D 279 -3.88 -19.18 -33.21
C LEU D 279 -4.94 -20.26 -33.16
N TYR D 280 -4.52 -21.50 -32.82
CA TYR D 280 -5.36 -22.69 -32.66
C TYR D 280 -6.31 -22.93 -33.86
N GLY D 281 -5.75 -22.76 -35.06
CA GLY D 281 -6.46 -22.93 -36.32
C GLY D 281 -7.57 -21.93 -36.61
N ILE D 282 -7.74 -20.93 -35.72
CA ILE D 282 -8.76 -19.89 -35.86
C ILE D 282 -8.38 -18.90 -36.94
N LYS D 283 -9.30 -18.70 -37.90
CA LYS D 283 -9.14 -17.80 -39.05
C LYS D 283 -10.02 -16.55 -39.01
N ASP D 284 -11.02 -16.49 -38.11
CA ASP D 284 -11.93 -15.34 -38.02
C ASP D 284 -11.55 -14.34 -36.91
N ASP D 285 -12.13 -13.11 -36.98
CA ASP D 285 -11.92 -12.03 -36.02
C ASP D 285 -12.68 -12.30 -34.71
N VAL D 286 -12.19 -13.26 -33.91
CA VAL D 286 -12.79 -13.58 -32.61
C VAL D 286 -11.85 -13.28 -31.48
N PHE D 287 -12.41 -12.73 -30.40
CA PHE D 287 -11.71 -12.36 -29.19
C PHE D 287 -11.92 -13.42 -28.11
N LEU D 288 -10.85 -14.17 -27.78
CA LEU D 288 -10.87 -15.19 -26.72
C LEU D 288 -9.72 -14.94 -25.77
N SER D 289 -9.85 -15.37 -24.51
CA SER D 289 -8.80 -15.19 -23.51
C SER D 289 -7.65 -16.15 -23.62
N VAL D 290 -6.44 -15.59 -23.67
CA VAL D 290 -5.16 -16.29 -23.64
C VAL D 290 -4.25 -15.48 -22.72
N PRO D 291 -3.13 -16.04 -22.19
CA PRO D 291 -2.25 -15.23 -21.33
C PRO D 291 -1.60 -14.09 -22.11
N CYS D 292 -1.88 -12.84 -21.70
CA CYS D 292 -1.36 -11.64 -22.36
C CYS D 292 -0.47 -10.81 -21.46
N ILE D 293 0.54 -10.16 -22.09
CA ILE D 293 1.49 -9.27 -21.41
CA ILE D 293 1.49 -9.27 -21.41
C ILE D 293 0.89 -7.86 -21.46
N LEU D 294 0.53 -7.31 -20.28
CA LEU D 294 -0.08 -5.99 -20.16
C LEU D 294 0.85 -4.94 -19.61
N GLY D 295 0.94 -3.84 -20.35
CA GLY D 295 1.75 -2.68 -20.01
C GLY D 295 1.10 -1.40 -20.48
N GLN D 296 1.92 -0.35 -20.71
CA GLN D 296 1.47 0.97 -21.15
C GLN D 296 0.79 0.97 -22.54
N ASN D 297 1.00 -0.08 -23.36
CA ASN D 297 0.40 -0.20 -24.70
C ASN D 297 -0.70 -1.26 -24.78
N GLY D 298 -1.23 -1.66 -23.62
CA GLY D 298 -2.26 -2.67 -23.50
C GLY D 298 -1.64 -4.04 -23.68
N ILE D 299 -2.09 -4.81 -24.68
CA ILE D 299 -1.55 -6.14 -24.97
C ILE D 299 -0.39 -6.01 -25.95
N SER D 300 0.84 -6.04 -25.43
CA SER D 300 2.04 -5.93 -26.25
C SER D 300 2.40 -7.28 -26.89
N ASP D 301 2.13 -8.38 -26.17
CA ASP D 301 2.43 -9.74 -26.58
C ASP D 301 1.48 -10.74 -25.91
N LEU D 302 1.48 -11.99 -26.40
CA LEU D 302 0.69 -13.08 -25.83
C LEU D 302 1.50 -14.37 -25.75
N VAL D 303 1.15 -15.21 -24.77
CA VAL D 303 1.85 -16.48 -24.50
C VAL D 303 1.15 -17.60 -25.27
N LYS D 304 1.95 -18.37 -26.04
CA LYS D 304 1.49 -19.49 -26.86
C LYS D 304 1.36 -20.73 -25.97
N VAL D 305 0.14 -21.07 -25.60
CA VAL D 305 -0.13 -22.21 -24.72
C VAL D 305 -0.32 -23.50 -25.51
N THR D 306 0.43 -24.54 -25.13
CA THR D 306 0.35 -25.87 -25.71
C THR D 306 -0.95 -26.52 -25.18
N LEU D 307 -2.01 -26.50 -25.99
CA LEU D 307 -3.29 -27.09 -25.60
C LEU D 307 -3.36 -28.55 -26.00
N THR D 308 -4.17 -29.35 -25.27
CA THR D 308 -4.40 -30.75 -25.63
C THR D 308 -5.44 -30.72 -26.73
N SER D 309 -5.51 -31.77 -27.57
CA SER D 309 -6.47 -31.86 -28.67
C SER D 309 -7.89 -31.43 -28.23
N GLU D 310 -8.34 -31.92 -27.04
CA GLU D 310 -9.62 -31.63 -26.41
C GLU D 310 -9.77 -30.13 -26.10
N GLU D 311 -8.76 -29.55 -25.39
CA GLU D 311 -8.70 -28.14 -25.00
C GLU D 311 -8.73 -27.23 -26.23
N GLU D 312 -8.03 -27.64 -27.30
CA GLU D 312 -7.97 -26.92 -28.57
C GLU D 312 -9.36 -26.85 -29.23
N ALA D 313 -10.08 -28.00 -29.24
CA ALA D 313 -11.42 -28.15 -29.81
C ALA D 313 -12.45 -27.24 -29.14
N ARG D 314 -12.35 -27.08 -27.80
CA ARG D 314 -13.25 -26.20 -27.03
C ARG D 314 -13.02 -24.73 -27.41
N LEU D 315 -11.76 -24.35 -27.69
CA LEU D 315 -11.41 -22.99 -28.13
C LEU D 315 -11.93 -22.73 -29.52
N LYS D 316 -11.79 -23.73 -30.41
CA LYS D 316 -12.25 -23.68 -31.80
C LYS D 316 -13.79 -23.58 -31.83
N LYS D 317 -14.48 -24.38 -30.97
CA LYS D 317 -15.94 -24.38 -30.87
C LYS D 317 -16.47 -23.01 -30.44
N SER D 318 -15.84 -22.39 -29.42
CA SER D 318 -16.20 -21.05 -28.94
C SER D 318 -15.97 -20.02 -30.05
N ALA D 319 -14.84 -20.14 -30.78
CA ALA D 319 -14.49 -19.25 -31.88
C ALA D 319 -15.53 -19.35 -33.01
N ASP D 320 -15.96 -20.59 -33.34
CA ASP D 320 -16.96 -20.87 -34.36
C ASP D 320 -18.32 -20.31 -33.94
N THR D 321 -18.67 -20.47 -32.64
CA THR D 321 -19.93 -20.00 -32.08
C THR D 321 -19.98 -18.46 -32.03
N LEU D 322 -18.90 -17.84 -31.51
CA LEU D 322 -18.81 -16.37 -31.37
C LEU D 322 -18.77 -15.69 -32.72
N TRP D 323 -18.13 -16.30 -33.74
CA TRP D 323 -18.10 -15.72 -35.08
C TRP D 323 -19.47 -15.77 -35.75
N GLY D 324 -20.24 -16.82 -35.44
CA GLY D 324 -21.61 -17.01 -35.93
C GLY D 324 -22.52 -15.88 -35.52
N ILE D 325 -22.34 -15.39 -34.27
CA ILE D 325 -23.09 -14.26 -33.72
C ILE D 325 -22.57 -12.95 -34.34
N GLN D 326 -21.23 -12.78 -34.35
CA GLN D 326 -20.52 -11.59 -34.85
C GLN D 326 -20.71 -11.31 -36.34
N LYS D 327 -20.83 -12.36 -37.18
CA LYS D 327 -21.02 -12.19 -38.63
C LYS D 327 -22.40 -11.60 -38.97
N GLU D 328 -23.36 -11.71 -38.02
CA GLU D 328 -24.72 -11.19 -38.19
C GLU D 328 -24.98 -9.93 -37.32
N LEU D 329 -23.95 -9.07 -37.19
CA LEU D 329 -24.05 -7.84 -36.42
C LEU D 329 -23.91 -6.61 -37.33
N GLN D 330 -24.90 -5.69 -37.24
CA GLN D 330 -24.92 -4.47 -38.05
C GLN D 330 -24.18 -3.32 -37.37
N PHE D 331 -23.35 -2.62 -38.15
CA PHE D 331 -22.53 -1.48 -37.72
C PHE D 331 -22.74 -0.25 -38.65
N1 EPE E . 13.18 32.59 -15.40
C2 EPE E . 12.96 33.92 -15.98
C3 EPE E . 13.61 34.00 -17.36
N4 EPE E . 13.42 32.75 -18.12
C5 EPE E . 12.24 32.01 -17.61
C6 EPE E . 12.42 31.59 -16.14
C7 EPE E . 14.64 31.93 -18.16
C8 EPE E . 14.82 31.17 -19.45
O8 EPE E . 15.94 30.30 -19.37
C9 EPE E . 12.88 32.54 -13.95
C10 EPE E . 11.81 33.49 -13.44
S EPE E . 10.98 32.94 -12.05
O1S EPE E . 9.73 32.39 -12.50
O2S EPE E . 11.83 31.93 -11.42
O3S EPE E . 10.82 34.10 -11.19
PA NAD F . 27.85 10.48 0.11
O1A NAD F . 29.31 10.80 0.40
O2A NAD F . 27.46 9.17 0.78
O5B NAD F . 27.70 10.33 -1.44
C5B NAD F . 27.37 11.36 -2.29
C4B NAD F . 27.43 11.02 -3.70
O4B NAD F . 27.50 12.17 -4.51
C3B NAD F . 28.67 10.23 -3.94
O3B NAD F . 28.33 8.95 -4.36
C2B NAD F . 29.37 10.96 -4.92
O2B NAD F . 30.02 10.20 -5.86
C1B NAD F . 28.29 11.76 -5.57
N9A NAD F . 28.74 12.80 -6.45
C8A NAD F . 29.76 13.65 -6.23
N7A NAD F . 29.95 14.41 -7.35
C5A NAD F . 29.09 14.01 -8.29
C6A NAD F . 28.77 14.41 -9.61
N6A NAD F . 29.53 15.47 -10.24
N1A NAD F . 27.80 13.77 -10.30
C2A NAD F . 27.08 12.77 -9.71
N3A NAD F . 27.35 12.36 -8.46
C4A NAD F . 28.33 12.96 -7.73
O3 NAD F . 26.98 11.76 0.60
PN NAD F . 25.54 11.57 1.28
O1N NAD F . 24.71 10.61 0.39
O2N NAD F . 25.66 11.05 2.70
O5D NAD F . 24.79 12.96 1.27
C5D NAD F . 24.79 13.79 0.16
C4D NAD F . 24.33 15.14 0.33
O4D NAD F . 22.99 15.15 0.93
C3D NAD F . 25.22 15.91 1.22
O3D NAD F . 25.58 17.10 0.61
C2D NAD F . 24.43 16.11 2.44
O2D NAD F . 24.75 17.23 3.11
C1D NAD F . 23.01 16.09 1.98
N1N NAD F . 22.02 15.88 3.06
C2N NAD F . 20.90 16.67 3.05
C3N NAD F . 19.91 16.57 4.05
C7N NAD F . 18.73 17.49 4.04
O7N NAD F . 17.85 17.40 4.92
N7N NAD F . 18.60 18.51 3.04
C4N NAD F . 20.06 15.58 5.05
C5N NAD F . 21.19 14.76 5.03
C6N NAD F . 22.16 14.91 4.02
C LAC G . 20.70 16.70 8.48
CA LAC G . 21.94 17.36 7.92
CB LAC G . 23.16 16.45 7.82
O LAC G . 20.74 15.52 8.91
OHN LAC G . 21.66 17.93 6.64
OXT LAC G . 19.63 17.36 8.51
S SO4 H . 0.02 18.27 7.98
O1 SO4 H . 1.43 18.31 7.60
O2 SO4 H . -0.81 18.26 6.78
O3 SO4 H . -0.24 17.06 8.77
O4 SO4 H . -0.29 19.45 8.80
N1 EPE I . 13.21 -29.49 19.27
C2 EPE I . 14.56 -30.05 19.46
C3 EPE I . 15.04 -29.81 20.88
N4 EPE I . 14.11 -30.41 21.85
C5 EPE I . 12.77 -29.84 21.65
C6 EPE I . 12.28 -30.07 20.24
C7 EPE I . 14.57 -30.22 23.22
C8 EPE I . 14.89 -31.53 23.93
O8 EPE I . 15.87 -32.26 23.22
C9 EPE I . 12.74 -29.62 17.87
C10 EPE I . 12.86 -30.97 17.20
S EPE I . 12.43 -30.90 15.54
O1S EPE I . 12.81 -32.18 14.96
O2S EPE I . 13.15 -29.80 14.96
O3S EPE I . 10.99 -30.70 15.50
PA NAD J . 28.00 -5.82 8.24
O1A NAD J . 29.44 -6.06 8.69
O2A NAD J . 27.87 -4.46 7.59
O5B NAD J . 27.02 -5.94 9.46
C5B NAD J . 27.19 -6.79 10.53
C4B NAD J . 26.69 -6.28 11.79
O4B NAD J . 26.57 -7.27 12.77
C3B NAD J . 27.59 -5.22 12.31
O3B NAD J . 26.84 -4.07 12.54
C2B NAD J . 28.10 -5.77 13.51
O2B NAD J . 28.40 -4.83 14.48
C1B NAD J . 26.99 -6.66 13.95
N9A NAD J . 27.34 -7.66 14.92
C8A NAD J . 28.46 -8.39 14.93
N7A NAD J . 28.44 -9.24 15.99
C5A NAD J . 27.27 -9.05 16.64
C6A NAD J . 26.67 -9.63 17.76
N6A NAD J . 27.38 -10.67 18.50
N1A NAD J . 25.45 -9.18 18.18
C2A NAD J . 24.79 -8.21 17.49
N3A NAD J . 25.35 -7.64 16.40
C4A NAD J . 26.58 -8.03 15.96
O3 NAD J . 27.65 -7.02 7.20
PN NAD J . 26.28 -7.10 6.36
O1N NAD J . 25.19 -6.28 7.08
O2N NAD J . 26.51 -6.59 4.95
O5D NAD J . 25.81 -8.59 6.30
C5D NAD J . 25.88 -9.45 7.38
C4D NAD J . 25.68 -10.86 7.14
O4D NAD J . 24.56 -11.13 6.24
C3D NAD J . 26.87 -11.48 6.53
O3D NAD J . 27.15 -12.66 7.21
C2D NAD J . 26.47 -11.70 5.14
O2D NAD J . 27.17 -12.67 4.52
C1D NAD J . 25.02 -12.01 5.25
N1N NAD J . 24.28 -12.00 3.97
C2N NAD J . 23.34 -12.95 3.77
C3N NAD J . 22.57 -13.00 2.58
C7N NAD J . 21.58 -14.09 2.36
O7N NAD J . 20.99 -14.20 1.27
N7N NAD J . 21.30 -15.03 3.41
C4N NAD J . 22.79 -12.01 1.60
C5N NAD J . 23.76 -11.01 1.82
C6N NAD J . 24.49 -11.02 3.02
S SO4 K . 5.32 -18.07 -7.50
O1 SO4 K . 5.89 -19.06 -8.43
O2 SO4 K . 4.75 -16.95 -8.26
O3 SO4 K . 4.26 -18.71 -6.71
O4 SO4 K . 6.36 -17.57 -6.60
N1 EPE L . -17.91 -1.15 33.72
C2 EPE L . -19.28 -1.38 34.18
C3 EPE L . -19.74 -2.78 33.81
N4 EPE L . -19.00 -3.79 34.57
C5 EPE L . -17.58 -3.40 34.71
C6 EPE L . -17.18 -2.43 33.60
C7 EPE L . -19.14 -5.13 33.99
C8 EPE L . -20.39 -5.87 34.42
O8 EPE L . -20.63 -6.98 33.57
C9 EPE L . -17.19 -0.20 34.58
C10 EPE L . -17.51 1.25 34.26
S EPE L . -16.92 1.83 32.77
O1S EPE L . -15.48 1.54 32.75
O2S EPE L . -17.62 1.10 31.73
O3S EPE L . -17.19 3.25 32.73
PA NAD M . -29.07 -1.65 4.84
O1A NAD M . -30.58 -1.75 4.90
O2A NAD M . -28.60 -1.60 3.40
O5B NAD M . -28.45 -2.90 5.58
C5B NAD M . -28.70 -3.18 6.91
C4B NAD M . -28.40 -4.55 7.30
O4B NAD M . -28.61 -4.74 8.67
C3B NAD M . -29.31 -5.47 6.58
O3B NAD M . -28.55 -6.31 5.75
C2B NAD M . -29.98 -6.18 7.60
O2B NAD M . -30.19 -7.51 7.32
C1B NAD M . -29.05 -6.05 8.76
N9A NAD M . -29.65 -6.41 10.03
C8A NAD M . -30.83 -5.98 10.51
N7A NAD M . -31.10 -6.58 11.69
C5A NAD M . -30.07 -7.42 11.97
C6A NAD M . -29.77 -8.31 13.02
N6A NAD M . -30.71 -8.44 14.14
N1A NAD M . -28.62 -9.03 13.00
C2A NAD M . -27.76 -8.90 11.96
N3A NAD M . -28.03 -8.07 10.92
C4A NAD M . -29.17 -7.33 10.90
O3 NAD M . -28.63 -0.33 5.66
PN NAD M . -27.22 0.41 5.42
O1N NAD M . -26.09 -0.65 5.40
O2N NAD M . -27.26 1.19 4.14
O5D NAD M . -26.96 1.35 6.66
C5D NAD M . -26.90 0.81 7.95
C4D NAD M . -26.68 1.69 9.06
O4D NAD M . -25.45 2.47 8.89
C3D NAD M . -27.79 2.65 9.23
O3D NAD M . -28.33 2.55 10.51
C2D NAD M . -27.18 3.96 8.96
O2D NAD M . -27.77 4.96 9.63
C1D NAD M . -25.75 3.76 9.36
N1N NAD M . -24.84 4.83 8.93
C2N NAD M . -24.05 5.41 9.88
C3N NAD M . -23.13 6.43 9.57
C7N NAD M . -22.28 7.08 10.63
O7N NAD M . -21.51 8.02 10.35
N7N NAD M . -22.34 6.62 11.97
C4N NAD M . -23.00 6.82 8.21
C5N NAD M . -23.79 6.20 7.23
C6N NAD M . -24.71 5.20 7.61
C4 D47 N . -23.73 13.87 8.24
C14 D47 N . -25.19 9.82 5.97
C5 D47 N . -24.46 12.68 8.13
C6 D47 N . -25.86 12.73 8.24
C11 D47 N . -26.91 8.51 7.86
C8 D47 N . -24.69 9.79 7.39
C9 D47 N . -25.79 9.41 8.37
C12 D47 N . -27.51 9.11 6.57
C3 D47 N . -24.38 15.08 8.43
C1 D47 N . -26.51 13.95 8.42
C2 D47 N . -25.78 15.12 8.51
S7 D47 N . -23.59 11.15 7.89
O10 D47 N . -25.81 9.79 9.52
N13 D47 N . -26.45 9.47 5.64
O15 D47 N . -24.41 10.11 5.09
C16 D47 N . -28.25 10.41 6.86
C17 D47 N . -28.88 10.72 8.06
C18 D47 N . -29.48 11.91 8.11
S19 D47 N . -29.29 12.69 6.56
C20 D47 N . -28.38 11.34 5.92
C21 D47 N . -28.50 8.11 5.99
C22 D47 N . -28.06 6.92 5.42
C23 D47 N . -29.00 6.02 4.91
C24 D47 N . -30.34 6.32 5.01
C25 D47 N . -30.74 7.51 5.63
N26 D47 N . -29.81 8.35 6.09
N27 D47 N . -32.11 7.80 5.73
C28 D47 N . -32.64 9.00 6.23
C29 D47 N . -32.49 10.19 5.52
C30 D47 N . -33.02 11.38 6.00
C31 D47 N . -33.75 11.38 7.20
C32 D47 N . -33.93 10.18 7.91
C33 D47 N . -33.38 9.00 7.42
F34 D47 N . -34.28 12.53 7.66
CL35 D47 N . -21.99 13.87 8.14
PA NAD O . -25.86 -2.79 -13.26
O1A NAD O . -27.28 -2.77 -13.81
O2A NAD O . -25.84 -2.83 -11.74
O5B NAD O . -25.13 -1.48 -13.74
C5B NAD O . -25.07 -1.10 -15.06
C4B NAD O . -24.89 0.32 -15.26
O4B NAD O . -24.81 0.62 -16.62
C3B NAD O . -26.05 1.08 -14.71
O3B NAD O . -25.57 2.00 -13.79
C2B NAD O . -26.64 1.69 -15.83
O2B NAD O . -27.16 2.93 -15.59
C1B NAD O . -25.48 1.83 -16.76
N9A NAD O . -25.82 2.10 -18.14
C8A NAD O . -26.80 1.54 -18.86
N7A NAD O . -26.77 2.04 -20.11
C5A NAD O . -25.75 2.92 -20.19
C6A NAD O . -25.21 3.73 -21.20
N6A NAD O . -25.80 3.75 -22.53
N1A NAD O . -24.15 4.52 -20.93
C2A NAD O . -23.60 4.54 -19.69
N3A NAD O . -24.07 3.76 -18.71
C4A NAD O . -25.13 2.95 -18.93
O3 NAD O . -25.08 -4.04 -13.89
PN NAD O . -23.75 -4.59 -13.21
O1N NAD O . -22.94 -3.41 -12.63
O2N NAD O . -24.05 -5.62 -12.14
O5D NAD O . -22.85 -5.25 -14.33
C5D NAD O . -22.67 -4.66 -15.58
C4D NAD O . -22.05 -5.48 -16.59
O4D NAD O . -20.81 -6.10 -16.09
C3D NAD O . -22.93 -6.57 -17.06
O3D NAD O . -22.91 -6.62 -18.44
C2D NAD O . -22.34 -7.76 -16.41
O2D NAD O . -22.65 -8.92 -17.02
C1D NAD O . -20.87 -7.46 -16.44
N1N NAD O . -20.05 -8.39 -15.64
C2N NAD O . -18.90 -8.89 -16.20
C3N NAD O . -18.06 -9.77 -15.48
C7N NAD O . -16.84 -10.35 -16.12
O7N NAD O . -16.24 -11.30 -15.59
N7N NAD O . -16.34 -9.83 -17.35
C4N NAD O . -18.40 -10.09 -14.16
C5N NAD O . -19.57 -9.58 -13.58
C6N NAD O . -20.38 -8.71 -14.35
C4 D47 P . -17.78 -17.18 -14.48
C14 D47 P . -20.50 -13.48 -12.97
C5 D47 P . -18.72 -16.14 -14.66
C6 D47 P . -20.00 -16.45 -15.15
C11 D47 P . -21.75 -12.37 -15.29
C8 D47 P . -19.61 -13.32 -14.16
C9 D47 P . -20.42 -13.08 -15.44
C12 D47 P . -22.61 -13.09 -14.23
C3 D47 P . -18.13 -18.50 -14.77
C1 D47 P . -20.33 -17.78 -15.44
C2 D47 P . -19.41 -18.80 -15.23
S7 D47 P . -18.22 -14.49 -14.26
O10 D47 P . -20.02 -13.43 -16.52
N13 D47 P . -21.82 -13.31 -13.02
O15 D47 P . -19.98 -13.69 -11.89
C16 D47 P . -22.97 -14.50 -14.69
C17 D47 P . -23.15 -14.89 -16.02
C18 D47 P . -23.44 -16.17 -16.20
S19 D47 P . -23.55 -16.95 -14.64
C20 D47 P . -23.16 -15.47 -13.80
C21 D47 P . -23.89 -12.32 -13.97
C22 D47 P . -23.86 -11.03 -13.45
C23 D47 P . -25.06 -10.37 -13.23
C24 D47 P . -26.26 -10.98 -13.55
C25 D47 P . -26.24 -12.27 -14.10
N26 D47 P . -25.07 -12.88 -14.27
N27 D47 P . -27.46 -12.91 -14.40
C28 D47 P . -27.66 -13.97 -15.30
C29 D47 P . -26.78 -15.05 -15.41
C30 D47 P . -27.04 -16.08 -16.30
C31 D47 P . -28.20 -16.06 -17.06
C32 D47 P . -29.12 -15.02 -16.94
C33 D47 P . -28.85 -13.97 -16.06
F34 D47 P . -28.45 -17.06 -17.93
CL35 D47 P . -16.20 -16.82 -13.88
#